data_6ZLH
#
_entry.id   6ZLH
#
_cell.length_a   116.790
_cell.length_b   116.790
_cell.length_c   310.180
_cell.angle_alpha   90.000
_cell.angle_beta   90.000
_cell.angle_gamma   120.000
#
_symmetry.space_group_name_H-M   'P 31 2 1'
#
loop_
_entity.id
_entity.type
_entity.pdbx_description
1 polymer 'Proton/glutamate symporter, SDF family'
2 non-polymer '(2~{S},3~{S})-2-azanyl-3-[[4-[2-(4-methoxyphenyl)hydrazinyl]phenyl]methoxy]butanedioic acid'
3 non-polymer DECYL-BETA-D-MALTOPYRANOSIDE
4 non-polymer 'TETRAETHYLENE GLYCOL'
5 non-polymer 'TRIETHYLENE GLYCOL'
6 non-polymer 'SODIUM ION'
7 non-polymer DI(HYDROXYETHYL)ETHER
8 non-polymer 'PENTAETHYLENE GLYCOL'
#
_entity_poly.entity_id   1
_entity_poly.type   'polypeptide(L)'
_entity_poly.pdbx_seq_one_letter_code
;MGKSLLRRYLDYPVLWKILWGLVLGAVFGLIAGHFGYAGAVKTYIKPFGDLFVRLLKMLVMPIVLASLVVGAASISPARL
GRVGVKIVVYYLATSAMAVFFGLIVGRLFNVGANVNLGSGTGKAIEAQPPSLVQTLLNIVPTNPFASLAKGEVLPVIFFA
IILGIAITYLMNRNEERVRKSAETLLRVFDGLAEAMYLIVGGVMQYAPIGVFALIAYVMAEQGVRVVGPLAKVVGAVYTG
LFLQIVITYFILLKVFGIDPIKFIRKAKDAMITAFVTRSSSGTLPVTMRVAEEEMGVDKGIFSFTLPLGATINMDGTALY
QGVTVLFVANAIGHPLTLGQQLVVVLTAVLASIGTAGVPGAGAIMLAMVLQSVGLDLTPGSPVALAYAMILGIDAILDMG
RTMVNVTGDLAGTVIVAKTEKELDESKWISHHHHHHHH
;
_entity_poly.pdbx_strand_id   A,B,C
#
loop_
_chem_comp.id
_chem_comp.type
_chem_comp.name
_chem_comp.formula
1PE non-polymer 'PENTAETHYLENE GLYCOL' 'C10 H22 O6'
DMU D-saccharide DECYL-BETA-D-MALTOPYRANOSIDE 'C22 H42 O11'
NA non-polymer 'SODIUM ION' 'Na 1'
PEG non-polymer DI(HYDROXYETHYL)ETHER 'C4 H10 O3'
PG4 non-polymer 'TETRAETHYLENE GLYCOL' 'C8 H18 O5'
PGE non-polymer 'TRIETHYLENE GLYCOL' 'C6 H14 O4'
QM5 non-polymer '(2~{S},3~{S})-2-azanyl-3-[[4-[2-(4-methoxyphenyl)hydrazinyl]phenyl]methoxy]butanedioic acid' 'C18 H21 N3 O6'
#
# COMPACT_ATOMS: atom_id res chain seq x y z
N ARG A 8 16.82 36.12 1.88
CA ARG A 8 17.00 37.11 0.83
C ARG A 8 15.99 36.84 -0.29
N TYR A 9 15.39 35.65 -0.24
CA TYR A 9 14.48 35.12 -1.24
C TYR A 9 13.01 35.30 -0.90
N LEU A 10 12.58 34.82 0.29
CA LEU A 10 11.16 34.77 0.61
C LEU A 10 10.49 36.15 0.61
N ASP A 11 11.24 37.21 0.92
CA ASP A 11 10.63 38.53 1.06
C ASP A 11 10.16 39.08 -0.29
N TYR A 12 10.82 38.70 -1.36
CA TYR A 12 10.43 39.13 -2.70
C TYR A 12 9.01 38.63 -2.99
N PRO A 13 8.17 39.43 -3.68
CA PRO A 13 6.78 39.00 -3.95
C PRO A 13 6.73 37.71 -4.76
N VAL A 14 5.64 36.96 -4.57
CA VAL A 14 5.55 35.60 -5.11
C VAL A 14 5.17 35.59 -6.60
N LEU A 15 4.16 36.37 -6.98
CA LEU A 15 3.64 36.32 -8.35
C LEU A 15 4.71 36.77 -9.35
N TRP A 16 5.37 37.89 -9.04
CA TRP A 16 6.47 38.36 -9.86
C TRP A 16 7.57 37.31 -9.98
N LYS A 17 7.83 36.56 -8.91
CA LYS A 17 8.89 35.55 -8.96
C LYS A 17 8.54 34.38 -9.88
N ILE A 18 7.32 33.85 -9.76
CA ILE A 18 6.94 32.74 -10.64
C ILE A 18 6.92 33.17 -12.10
N LEU A 19 6.36 34.35 -12.40
CA LEU A 19 6.40 34.81 -13.79
C LEU A 19 7.83 35.03 -14.27
N TRP A 20 8.69 35.59 -13.41
CA TRP A 20 10.09 35.76 -13.77
C TRP A 20 10.75 34.42 -14.10
N GLY A 21 10.53 33.42 -13.25
CA GLY A 21 11.07 32.10 -13.50
C GLY A 21 10.57 31.48 -14.79
N LEU A 22 9.26 31.64 -15.07
CA LEU A 22 8.68 31.14 -16.30
C LEU A 22 9.33 31.77 -17.53
N VAL A 23 9.34 33.11 -17.61
CA VAL A 23 9.87 33.79 -18.79
C VAL A 23 11.37 33.53 -18.94
N LEU A 24 12.14 33.65 -17.85
CA LEU A 24 13.58 33.46 -17.94
C LEU A 24 13.93 32.00 -18.23
N GLY A 25 13.22 31.05 -17.64
CA GLY A 25 13.48 29.66 -17.97
C GLY A 25 13.17 29.34 -19.42
N ALA A 26 12.08 29.90 -19.96
CA ALA A 26 11.78 29.68 -21.37
C ALA A 26 12.87 30.25 -22.26
N VAL A 27 13.28 31.49 -22.01
CA VAL A 27 14.33 32.09 -22.83
C VAL A 27 15.65 31.34 -22.66
N PHE A 28 15.97 30.95 -21.42
CA PHE A 28 17.19 30.20 -21.17
C PHE A 28 17.18 28.87 -21.91
N GLY A 29 16.05 28.16 -21.86
CA GLY A 29 15.95 26.87 -22.53
C GLY A 29 15.99 26.98 -24.03
N LEU A 30 15.31 27.98 -24.60
CA LEU A 30 15.40 28.20 -26.04
C LEU A 30 16.84 28.48 -26.45
N ILE A 31 17.47 29.45 -25.80
CA ILE A 31 18.83 29.82 -26.15
C ILE A 31 19.79 28.65 -25.92
N ALA A 32 19.52 27.80 -24.93
CA ALA A 32 20.45 26.71 -24.66
C ALA A 32 20.27 25.57 -25.65
N GLY A 33 19.02 25.28 -26.02
CA GLY A 33 18.76 24.22 -26.97
C GLY A 33 18.93 24.67 -28.41
N HIS A 34 18.75 25.95 -28.67
CA HIS A 34 19.01 26.49 -30.01
C HIS A 34 20.50 26.43 -30.33
N PHE A 35 21.35 26.51 -29.30
CA PHE A 35 22.79 26.26 -29.42
C PHE A 35 23.20 24.85 -29.00
N GLY A 36 22.24 23.96 -28.75
CA GLY A 36 22.47 22.54 -28.54
C GLY A 36 22.91 22.06 -27.17
N TYR A 37 22.88 22.91 -26.14
CA TYR A 37 23.29 22.51 -24.79
C TYR A 37 22.18 21.84 -23.99
N ALA A 38 21.22 21.19 -24.67
CA ALA A 38 20.07 20.63 -23.97
C ALA A 38 20.50 19.51 -23.03
N GLY A 39 21.63 18.85 -23.31
CA GLY A 39 22.12 17.83 -22.38
C GLY A 39 22.55 18.43 -21.05
N ALA A 40 23.16 19.61 -21.09
CA ALA A 40 23.46 20.31 -19.85
C ALA A 40 22.19 20.60 -19.06
N VAL A 41 21.15 21.06 -19.75
CA VAL A 41 19.91 21.37 -19.04
C VAL A 41 19.28 20.10 -18.46
N LYS A 42 19.24 19.01 -19.22
CA LYS A 42 18.69 17.77 -18.68
C LYS A 42 19.49 17.29 -17.47
N THR A 43 20.81 17.55 -17.47
CA THR A 43 21.66 17.06 -16.40
C THR A 43 21.75 18.01 -15.21
N TYR A 44 21.88 19.32 -15.45
CA TYR A 44 22.12 20.24 -14.36
C TYR A 44 20.91 21.08 -13.96
N ILE A 45 20.02 21.41 -14.90
CA ILE A 45 18.87 22.23 -14.59
C ILE A 45 17.63 21.39 -14.33
N LYS A 46 17.41 20.34 -15.12
CA LYS A 46 16.18 19.57 -14.97
C LYS A 46 15.93 19.08 -13.54
N PRO A 47 16.91 18.58 -12.77
CA PRO A 47 16.58 17.94 -11.49
C PRO A 47 15.93 18.89 -10.48
N PHE A 48 16.14 20.22 -10.58
CA PHE A 48 15.44 21.14 -9.69
C PHE A 48 13.94 21.15 -10.00
N GLY A 49 13.59 21.24 -11.27
CA GLY A 49 12.19 21.08 -11.63
C GLY A 49 11.63 19.73 -11.26
N ASP A 50 12.45 18.67 -11.34
CA ASP A 50 11.96 17.37 -10.88
C ASP A 50 11.62 17.42 -9.40
N LEU A 51 12.46 18.08 -8.59
CA LEU A 51 12.21 18.22 -7.15
C LEU A 51 10.88 18.93 -6.89
N PHE A 52 10.63 20.03 -7.60
CA PHE A 52 9.33 20.71 -7.52
C PHE A 52 8.17 19.76 -7.80
N VAL A 53 8.28 19.00 -8.91
CA VAL A 53 7.20 18.09 -9.31
C VAL A 53 6.94 17.03 -8.24
N ARG A 54 8.01 16.50 -7.63
CA ARG A 54 7.83 15.49 -6.61
C ARG A 54 7.24 16.10 -5.34
N LEU A 55 7.68 17.31 -4.98
CA LEU A 55 7.18 17.94 -3.76
C LEU A 55 5.67 18.14 -3.86
N LEU A 56 5.19 18.59 -5.02
CA LEU A 56 3.74 18.72 -5.18
C LEU A 56 3.06 17.35 -5.26
N LYS A 57 3.64 16.41 -6.00
CA LYS A 57 3.00 15.11 -6.15
C LYS A 57 2.79 14.46 -4.79
N MET A 58 3.73 14.67 -3.85
CA MET A 58 3.65 14.08 -2.51
C MET A 58 2.34 14.39 -1.81
N LEU A 59 1.88 15.64 -1.90
CA LEU A 59 0.71 16.10 -1.16
C LEU A 59 -0.62 15.58 -1.71
N VAL A 60 -0.64 15.09 -2.97
CA VAL A 60 -1.91 14.87 -3.68
C VAL A 60 -2.81 13.87 -2.95
N MET A 61 -2.30 12.70 -2.63
CA MET A 61 -3.19 11.71 -2.04
C MET A 61 -3.71 12.15 -0.68
N PRO A 62 -2.87 12.55 0.30
CA PRO A 62 -3.40 13.06 1.58
C PRO A 62 -4.39 14.20 1.44
N ILE A 63 -4.08 15.23 0.64
CA ILE A 63 -4.96 16.38 0.58
C ILE A 63 -6.30 16.01 -0.05
N VAL A 64 -6.30 15.13 -1.05
CA VAL A 64 -7.57 14.69 -1.64
C VAL A 64 -8.42 13.94 -0.62
N LEU A 65 -7.83 12.91 0.00
CA LEU A 65 -8.60 12.13 0.97
C LEU A 65 -9.17 13.03 2.05
N ALA A 66 -8.31 13.84 2.69
CA ALA A 66 -8.69 14.60 3.88
C ALA A 66 -9.66 15.72 3.53
N SER A 67 -9.32 16.53 2.53
CA SER A 67 -10.24 17.57 2.11
C SER A 67 -11.61 16.99 1.78
N LEU A 68 -11.67 15.78 1.23
CA LEU A 68 -12.99 15.33 0.80
C LEU A 68 -13.78 14.71 1.93
N VAL A 69 -13.12 14.01 2.86
CA VAL A 69 -13.85 13.60 4.08
C VAL A 69 -14.44 14.82 4.76
N VAL A 70 -13.60 15.81 5.03
CA VAL A 70 -14.06 17.04 5.69
C VAL A 70 -15.17 17.70 4.88
N GLY A 71 -14.92 17.98 3.60
CA GLY A 71 -15.89 18.69 2.80
C GLY A 71 -17.22 17.97 2.68
N ALA A 72 -17.19 16.70 2.28
CA ALA A 72 -18.43 15.95 2.17
C ALA A 72 -19.17 15.88 3.50
N ALA A 73 -18.45 15.88 4.62
CA ALA A 73 -19.17 15.96 5.89
C ALA A 73 -19.86 17.31 6.02
N SER A 74 -19.19 18.39 5.62
CA SER A 74 -19.68 19.77 5.76
C SER A 74 -20.67 20.20 4.67
N ILE A 75 -21.64 19.37 4.32
CA ILE A 75 -22.52 19.60 3.18
C ILE A 75 -23.61 18.54 3.19
N SER A 76 -24.81 18.86 2.57
CA SER A 76 -25.85 17.82 2.62
C SER A 76 -25.73 16.85 1.45
N PRO A 77 -26.10 15.59 1.63
CA PRO A 77 -26.08 14.64 0.51
C PRO A 77 -26.92 15.09 -0.67
N ALA A 78 -28.07 15.71 -0.41
CA ALA A 78 -28.88 16.25 -1.50
C ALA A 78 -28.10 17.32 -2.25
N ARG A 79 -27.43 18.22 -1.52
CA ARG A 79 -26.63 19.25 -2.17
C ARG A 79 -25.43 18.63 -2.88
N LEU A 80 -24.81 17.61 -2.28
CA LEU A 80 -23.70 16.94 -2.94
C LEU A 80 -24.13 16.40 -4.31
N GLY A 81 -25.28 15.71 -4.35
CA GLY A 81 -25.76 15.23 -5.63
C GLY A 81 -26.02 16.35 -6.62
N ARG A 82 -26.67 17.42 -6.16
CA ARG A 82 -26.94 18.54 -7.05
C ARG A 82 -25.65 19.11 -7.64
N VAL A 83 -24.62 19.26 -6.81
CA VAL A 83 -23.34 19.79 -7.25
C VAL A 83 -22.69 18.85 -8.26
N GLY A 84 -22.77 17.54 -7.99
CA GLY A 84 -22.20 16.59 -8.93
C GLY A 84 -22.83 16.66 -10.31
N VAL A 85 -24.17 16.71 -10.36
CA VAL A 85 -24.85 16.79 -11.66
C VAL A 85 -24.46 18.08 -12.38
N LYS A 86 -24.46 19.20 -11.65
CA LYS A 86 -24.09 20.47 -12.27
C LYS A 86 -22.70 20.39 -12.88
N ILE A 87 -21.72 19.96 -12.10
CA ILE A 87 -20.33 20.00 -12.56
C ILE A 87 -20.14 19.01 -13.71
N VAL A 88 -20.87 17.88 -13.70
CA VAL A 88 -20.70 16.92 -14.79
C VAL A 88 -21.27 17.48 -16.10
N VAL A 89 -22.42 18.14 -16.04
CA VAL A 89 -22.92 18.82 -17.24
C VAL A 89 -21.90 19.86 -17.72
N TYR A 90 -21.38 20.67 -16.80
CA TYR A 90 -20.39 21.68 -17.21
C TYR A 90 -19.18 21.04 -17.88
N TYR A 91 -18.68 19.95 -17.31
CA TYR A 91 -17.49 19.30 -17.85
C TYR A 91 -17.73 18.80 -19.26
N LEU A 92 -18.84 18.09 -19.46
CA LEU A 92 -19.15 17.55 -20.78
C LEU A 92 -19.33 18.66 -21.80
N ALA A 93 -20.07 19.71 -21.44
CA ALA A 93 -20.30 20.79 -22.40
C ALA A 93 -18.99 21.47 -22.76
N THR A 94 -18.18 21.81 -21.76
CA THR A 94 -16.94 22.51 -22.07
C THR A 94 -15.99 21.64 -22.88
N SER A 95 -16.01 20.31 -22.68
CA SER A 95 -15.19 19.39 -23.48
C SER A 95 -15.63 19.36 -24.95
N ALA A 96 -16.93 19.21 -25.19
CA ALA A 96 -17.44 19.24 -26.55
C ALA A 96 -17.06 20.56 -27.23
N MET A 97 -17.25 21.68 -26.53
CA MET A 97 -16.82 22.96 -27.06
C MET A 97 -15.34 22.92 -27.43
N ALA A 98 -14.52 22.26 -26.61
CA ALA A 98 -13.08 22.31 -26.87
C ALA A 98 -12.70 21.50 -28.10
N VAL A 99 -13.31 20.33 -28.29
CA VAL A 99 -13.08 19.57 -29.52
C VAL A 99 -13.51 20.38 -30.73
N PHE A 100 -14.67 21.03 -30.63
CA PHE A 100 -15.17 21.89 -31.70
C PHE A 100 -14.19 23.03 -32.01
N PHE A 101 -13.66 23.67 -30.98
CA PHE A 101 -12.70 24.75 -31.18
C PHE A 101 -11.41 24.22 -31.82
N GLY A 102 -10.94 23.05 -31.38
CA GLY A 102 -9.76 22.48 -31.99
C GLY A 102 -9.94 22.20 -33.48
N LEU A 103 -11.09 21.65 -33.85
CA LEU A 103 -11.41 21.47 -35.26
C LEU A 103 -11.37 22.80 -36.01
N ILE A 104 -11.93 23.85 -35.41
CA ILE A 104 -11.99 25.13 -36.13
C ILE A 104 -10.59 25.71 -36.31
N VAL A 105 -9.79 25.75 -35.25
CA VAL A 105 -8.45 26.30 -35.39
C VAL A 105 -7.59 25.42 -36.29
N GLY A 106 -7.85 24.12 -36.31
CA GLY A 106 -7.16 23.25 -37.25
C GLY A 106 -7.48 23.60 -38.69
N ARG A 107 -8.77 23.76 -38.99
CA ARG A 107 -9.15 24.22 -40.32
C ARG A 107 -8.52 25.56 -40.65
N LEU A 108 -8.36 26.42 -39.65
CA LEU A 108 -7.81 27.76 -39.88
C LEU A 108 -6.33 27.71 -40.22
N PHE A 109 -5.52 27.06 -39.38
CA PHE A 109 -4.09 26.97 -39.66
C PHE A 109 -3.75 25.97 -40.78
N ASN A 110 -4.74 25.27 -41.32
CA ASN A 110 -4.52 24.29 -42.39
C ASN A 110 -3.41 23.31 -42.01
N VAL A 111 -3.53 22.74 -40.80
CA VAL A 111 -2.45 21.97 -40.18
C VAL A 111 -2.14 20.72 -41.00
N GLY A 112 -0.87 20.37 -41.09
CA GLY A 112 -0.45 19.22 -41.87
C GLY A 112 -0.68 19.29 -43.37
N ALA A 113 -1.01 20.47 -43.89
CA ALA A 113 -1.42 20.56 -45.28
C ALA A 113 -0.29 20.34 -46.26
N ASN A 114 0.95 20.56 -45.86
CA ASN A 114 2.09 20.46 -46.78
C ASN A 114 3.02 19.31 -46.42
N VAL A 115 2.49 18.27 -45.77
CA VAL A 115 3.28 17.09 -45.47
C VAL A 115 3.30 16.16 -46.67
N ASN A 116 2.16 16.01 -47.34
CA ASN A 116 2.03 15.31 -48.63
C ASN A 116 2.57 13.88 -48.58
N LEU A 117 1.91 13.07 -47.77
CA LEU A 117 2.11 11.63 -47.74
C LEU A 117 0.97 10.94 -48.49
N GLY A 118 1.31 9.90 -49.25
CA GLY A 118 0.30 9.07 -49.89
C GLY A 118 -0.19 7.97 -48.97
N SER A 119 -1.51 7.76 -48.98
CA SER A 119 -2.18 6.80 -48.12
C SER A 119 -3.22 6.01 -48.89
N GLY A 120 -3.34 4.72 -48.59
CA GLY A 120 -4.41 3.93 -49.17
C GLY A 120 -5.67 4.11 -48.36
N THR A 121 -6.62 3.20 -48.55
CA THR A 121 -7.84 3.24 -47.75
C THR A 121 -8.05 1.96 -46.95
N GLY A 122 -7.03 1.11 -46.85
CA GLY A 122 -7.11 -0.08 -46.01
C GLY A 122 -6.67 0.22 -44.60
N LYS A 123 -7.33 -0.42 -43.64
CA LYS A 123 -7.09 -0.13 -42.23
C LYS A 123 -7.35 -1.40 -41.45
N ALA A 124 -6.30 -1.95 -40.83
CA ALA A 124 -6.42 -3.19 -40.08
C ALA A 124 -6.60 -2.85 -38.61
N ILE A 125 -7.62 -3.42 -37.98
CA ILE A 125 -7.96 -3.02 -36.63
C ILE A 125 -6.86 -3.48 -35.70
N GLU A 126 -6.34 -2.55 -34.92
CA GLU A 126 -5.27 -2.80 -33.97
C GLU A 126 -5.68 -2.47 -32.55
N ALA A 127 -6.33 -1.34 -32.35
CA ALA A 127 -6.76 -0.89 -31.04
C ALA A 127 -8.20 -1.33 -30.78
N GLN A 128 -8.54 -1.35 -29.50
CA GLN A 128 -9.89 -1.69 -29.03
C GLN A 128 -10.11 -0.89 -27.76
N PRO A 129 -11.34 -0.53 -27.43
CA PRO A 129 -11.61 0.23 -26.20
C PRO A 129 -11.60 -0.64 -24.95
N PRO A 130 -10.96 -0.18 -23.87
CA PRO A 130 -11.17 -0.78 -22.55
C PRO A 130 -12.63 -0.64 -22.11
N SER A 131 -13.18 -1.73 -21.54
CA SER A 131 -14.61 -1.78 -21.27
C SER A 131 -15.08 -0.60 -20.43
N LEU A 132 -16.15 0.04 -20.90
CA LEU A 132 -16.77 1.12 -20.14
C LEU A 132 -17.27 0.65 -18.78
N VAL A 133 -17.89 -0.55 -18.74
CA VAL A 133 -18.50 -1.05 -17.52
C VAL A 133 -17.43 -1.33 -16.46
N GLN A 134 -16.35 -1.99 -16.83
CA GLN A 134 -15.29 -2.23 -15.87
C GLN A 134 -14.64 -0.93 -15.43
N THR A 135 -14.57 0.05 -16.33
CA THR A 135 -14.00 1.34 -15.94
C THR A 135 -14.86 2.03 -14.88
N LEU A 136 -16.19 1.99 -15.03
CA LEU A 136 -17.07 2.55 -14.00
C LEU A 136 -17.02 1.75 -12.70
N LEU A 137 -17.15 0.42 -12.79
CA LEU A 137 -17.05 -0.41 -11.60
C LEU A 137 -15.76 -0.18 -10.83
N ASN A 138 -14.67 0.15 -11.53
CA ASN A 138 -13.44 0.43 -10.82
C ASN A 138 -13.51 1.70 -10.01
N ILE A 139 -14.55 2.51 -10.19
CA ILE A 139 -14.71 3.69 -9.35
C ILE A 139 -14.88 3.29 -7.90
N VAL A 140 -15.67 2.25 -7.64
CA VAL A 140 -15.81 1.68 -6.31
C VAL A 140 -14.56 0.90 -5.95
N PRO A 141 -13.70 1.36 -5.03
CA PRO A 141 -12.52 0.56 -4.65
C PRO A 141 -12.94 -0.70 -3.91
N THR A 142 -12.10 -1.73 -3.99
CA THR A 142 -12.33 -2.94 -3.19
C THR A 142 -11.42 -3.03 -1.98
N ASN A 143 -10.46 -2.11 -1.87
CA ASN A 143 -9.60 -1.92 -0.72
C ASN A 143 -9.18 -0.46 -0.77
N PRO A 144 -9.70 0.40 0.13
CA PRO A 144 -9.38 1.83 0.03
C PRO A 144 -7.95 2.12 0.44
N PHE A 145 -7.37 1.32 1.34
CA PHE A 145 -5.94 1.42 1.58
C PHE A 145 -5.15 1.16 0.30
N ALA A 146 -5.56 0.15 -0.49
CA ALA A 146 -4.83 -0.14 -1.73
C ALA A 146 -5.02 0.98 -2.75
N SER A 147 -6.24 1.50 -2.91
CA SER A 147 -6.41 2.63 -3.81
C SER A 147 -5.55 3.81 -3.38
N LEU A 148 -5.45 4.06 -2.07
CA LEU A 148 -4.58 5.13 -1.58
C LEU A 148 -3.13 4.88 -1.96
N ALA A 149 -2.63 3.66 -1.70
CA ALA A 149 -1.23 3.33 -1.99
C ALA A 149 -0.95 3.36 -3.49
N LYS A 150 -1.91 2.94 -4.31
CA LYS A 150 -1.73 2.96 -5.76
C LYS A 150 -1.97 4.34 -6.36
N GLY A 151 -2.35 5.34 -5.58
CA GLY A 151 -2.60 6.66 -6.13
C GLY A 151 -3.82 6.77 -7.00
N GLU A 152 -4.77 5.86 -6.88
CA GLU A 152 -5.97 5.86 -7.69
C GLU A 152 -6.96 6.91 -7.17
N VAL A 153 -7.12 8.00 -7.91
CA VAL A 153 -7.93 9.11 -7.43
C VAL A 153 -9.41 8.73 -7.37
N LEU A 154 -10.01 8.38 -8.51
CA LEU A 154 -11.46 8.17 -8.56
C LEU A 154 -11.99 7.27 -7.44
N PRO A 155 -11.41 6.10 -7.16
CA PRO A 155 -11.93 5.30 -6.03
C PRO A 155 -11.73 5.97 -4.67
N VAL A 156 -10.66 6.72 -4.48
CA VAL A 156 -10.50 7.49 -3.26
C VAL A 156 -11.63 8.50 -3.11
N ILE A 157 -11.96 9.22 -4.18
CA ILE A 157 -13.08 10.16 -4.11
C ILE A 157 -14.32 9.45 -3.57
N PHE A 158 -14.65 8.31 -4.17
CA PHE A 158 -15.82 7.55 -3.75
C PHE A 158 -15.75 7.19 -2.25
N PHE A 159 -14.62 6.61 -1.83
CA PHE A 159 -14.52 6.23 -0.42
C PHE A 159 -14.65 7.44 0.48
N ALA A 160 -14.01 8.55 0.11
CA ALA A 160 -14.00 9.73 0.96
C ALA A 160 -15.41 10.28 1.13
N ILE A 161 -16.16 10.35 0.03
CA ILE A 161 -17.53 10.85 0.12
C ILE A 161 -18.39 9.95 1.00
N ILE A 162 -18.27 8.63 0.80
CA ILE A 162 -19.01 7.70 1.66
C ILE A 162 -18.67 7.94 3.13
N LEU A 163 -17.37 8.14 3.43
CA LEU A 163 -16.93 8.25 4.83
C LEU A 163 -17.42 9.56 5.45
N GLY A 164 -17.29 10.68 4.72
CA GLY A 164 -17.78 11.94 5.24
C GLY A 164 -19.28 11.95 5.47
N ILE A 165 -20.05 11.43 4.50
CA ILE A 165 -21.49 11.33 4.69
C ILE A 165 -21.82 10.50 5.93
N ALA A 166 -21.14 9.37 6.11
CA ALA A 166 -21.36 8.58 7.32
C ALA A 166 -21.06 9.39 8.57
N ILE A 167 -19.97 10.18 8.53
CA ILE A 167 -19.54 10.90 9.72
C ILE A 167 -20.60 11.89 10.17
N THR A 168 -21.13 12.67 9.22
CA THR A 168 -22.17 13.62 9.58
C THR A 168 -23.43 12.93 10.08
N TYR A 169 -23.84 11.83 9.43
CA TYR A 169 -24.98 11.10 9.97
C TYR A 169 -24.74 10.67 11.41
N LEU A 170 -23.50 10.32 11.76
CA LEU A 170 -23.21 9.92 13.14
C LEU A 170 -23.21 11.11 14.08
N MET A 171 -22.71 12.25 13.61
CA MET A 171 -22.65 13.45 14.44
C MET A 171 -24.02 14.02 14.74
N ASN A 172 -25.03 13.65 13.95
CA ASN A 172 -26.41 14.04 14.25
C ASN A 172 -27.20 12.92 14.88
N ARG A 173 -26.56 12.11 15.72
CA ARG A 173 -27.21 11.03 16.44
C ARG A 173 -27.39 11.41 17.91
N ASN A 174 -28.17 10.60 18.63
CA ASN A 174 -28.56 10.97 19.98
C ASN A 174 -27.45 10.72 20.99
N GLU A 175 -26.69 9.64 20.82
CA GLU A 175 -25.65 9.28 21.78
C GLU A 175 -24.49 10.27 21.76
N GLU A 176 -23.96 10.55 22.96
CA GLU A 176 -22.86 11.50 23.05
C GLU A 176 -21.54 10.86 22.67
N ARG A 177 -21.35 9.58 23.02
CA ARG A 177 -20.10 8.90 22.71
C ARG A 177 -19.89 8.74 21.21
N VAL A 178 -20.96 8.43 20.47
CA VAL A 178 -20.89 8.31 19.02
C VAL A 178 -20.54 9.65 18.38
N ARG A 179 -21.23 10.72 18.78
CA ARG A 179 -20.91 12.04 18.27
C ARG A 179 -19.44 12.34 18.52
N LYS A 180 -18.97 12.05 19.72
CA LYS A 180 -17.61 12.42 20.08
C LYS A 180 -16.59 11.62 19.25
N SER A 181 -16.88 10.32 19.01
CA SER A 181 -16.06 9.49 18.14
C SER A 181 -16.01 10.04 16.72
N ALA A 182 -17.18 10.22 16.11
CA ALA A 182 -17.23 10.70 14.74
C ALA A 182 -16.55 12.04 14.59
N GLU A 183 -16.72 12.92 15.58
CA GLU A 183 -16.11 14.23 15.53
C GLU A 183 -14.60 14.16 15.71
N THR A 184 -14.11 13.24 16.56
CA THR A 184 -12.66 13.05 16.68
C THR A 184 -12.06 12.63 15.35
N LEU A 185 -12.74 11.70 14.67
CA LEU A 185 -12.34 11.26 13.34
C LEU A 185 -12.33 12.43 12.36
N LEU A 186 -13.41 13.21 12.37
CA LEU A 186 -13.52 14.35 11.48
C LEU A 186 -12.42 15.37 11.75
N ARG A 187 -12.03 15.52 13.01
CA ARG A 187 -10.96 16.46 13.33
C ARG A 187 -9.62 15.93 12.88
N VAL A 188 -9.38 14.61 13.02
CA VAL A 188 -8.12 14.06 12.51
C VAL A 188 -7.97 14.37 11.04
N PHE A 189 -9.06 14.21 10.27
CA PHE A 189 -8.99 14.55 8.85
C PHE A 189 -8.85 16.06 8.61
N ASP A 190 -9.50 16.88 9.46
CA ASP A 190 -9.41 18.33 9.32
C ASP A 190 -8.00 18.81 9.63
N GLY A 191 -7.38 18.26 10.66
CA GLY A 191 -6.01 18.59 10.99
C GLY A 191 -5.05 18.19 9.88
N LEU A 192 -5.25 16.98 9.34
CA LEU A 192 -4.42 16.52 8.22
C LEU A 192 -4.56 17.45 7.03
N ALA A 193 -5.78 17.85 6.68
CA ALA A 193 -5.95 18.75 5.53
C ALA A 193 -5.32 20.11 5.78
N GLU A 194 -5.50 20.68 7.00
CA GLU A 194 -4.89 21.97 7.33
C GLU A 194 -3.39 21.92 7.20
N ALA A 195 -2.77 20.84 7.69
CA ALA A 195 -1.33 20.71 7.51
C ALA A 195 -0.97 20.63 6.03
N MET A 196 -1.76 19.91 5.25
CA MET A 196 -1.43 19.78 3.83
C MET A 196 -1.43 21.13 3.12
N TYR A 197 -2.45 21.96 3.38
CA TYR A 197 -2.49 23.25 2.71
C TYR A 197 -1.36 24.14 3.19
N LEU A 198 -1.02 24.06 4.48
CA LEU A 198 0.15 24.73 4.99
C LEU A 198 1.38 24.38 4.17
N ILE A 199 1.56 23.08 3.94
CA ILE A 199 2.75 22.62 3.23
C ILE A 199 2.73 23.10 1.78
N VAL A 200 1.56 23.08 1.14
CA VAL A 200 1.46 23.56 -0.25
C VAL A 200 1.99 24.98 -0.36
N GLY A 201 1.54 25.85 0.55
CA GLY A 201 2.03 27.21 0.54
C GLY A 201 3.52 27.28 0.77
N GLY A 202 4.05 26.37 1.60
CA GLY A 202 5.49 26.34 1.81
C GLY A 202 6.25 25.95 0.55
N VAL A 203 5.75 24.94 -0.17
CA VAL A 203 6.40 24.46 -1.39
C VAL A 203 6.33 25.50 -2.48
N MET A 204 5.26 26.30 -2.51
CA MET A 204 5.17 27.36 -3.50
C MET A 204 6.27 28.41 -3.33
N GLN A 205 7.04 28.38 -2.24
CA GLN A 205 8.17 29.28 -2.09
C GLN A 205 9.33 28.89 -2.99
N TYR A 206 9.50 27.60 -3.25
CA TYR A 206 10.52 27.08 -4.15
C TYR A 206 10.09 27.16 -5.61
N ALA A 207 8.82 27.47 -5.85
CA ALA A 207 8.22 27.42 -7.18
C ALA A 207 8.97 28.17 -8.28
N PRO A 208 9.47 29.39 -8.08
CA PRO A 208 10.15 30.05 -9.22
C PRO A 208 11.30 29.25 -9.77
N ILE A 209 12.11 28.65 -8.90
CA ILE A 209 13.21 27.79 -9.33
C ILE A 209 12.68 26.61 -10.15
N GLY A 210 11.76 25.84 -9.59
CA GLY A 210 11.26 24.65 -10.28
C GLY A 210 10.54 24.96 -11.58
N VAL A 211 9.77 26.04 -11.60
CA VAL A 211 9.13 26.48 -12.83
C VAL A 211 10.17 26.80 -13.89
N PHE A 212 11.17 27.61 -13.54
CA PHE A 212 12.28 27.90 -14.43
C PHE A 212 12.90 26.62 -14.99
N ALA A 213 13.19 25.65 -14.12
CA ALA A 213 13.89 24.44 -14.55
C ALA A 213 13.04 23.60 -15.50
N LEU A 214 11.75 23.41 -15.17
CA LEU A 214 10.90 22.62 -16.05
C LEU A 214 10.74 23.27 -17.42
N ILE A 215 10.42 24.57 -17.43
CA ILE A 215 10.22 25.25 -18.71
C ILE A 215 11.53 25.29 -19.49
N ALA A 216 12.67 25.39 -18.79
CA ALA A 216 13.95 25.41 -19.48
C ALA A 216 14.24 24.07 -20.13
N TYR A 217 13.98 22.97 -19.43
CA TYR A 217 14.24 21.66 -20.01
C TYR A 217 13.34 21.41 -21.21
N VAL A 218 12.06 21.76 -21.10
CA VAL A 218 11.17 21.49 -22.23
C VAL A 218 11.55 22.36 -23.42
N MET A 219 11.86 23.65 -23.18
CA MET A 219 12.30 24.49 -24.30
C MET A 219 13.62 24.00 -24.86
N ALA A 220 14.51 23.51 -24.03
CA ALA A 220 15.82 23.09 -24.50
C ALA A 220 15.73 21.81 -25.34
N GLU A 221 14.85 20.89 -24.96
CA GLU A 221 14.70 19.67 -25.73
C GLU A 221 13.85 19.85 -26.98
N GLN A 222 12.88 20.77 -26.98
CA GLN A 222 11.92 20.79 -28.08
C GLN A 222 11.77 22.10 -28.83
N GLY A 223 12.60 23.12 -28.55
CA GLY A 223 12.48 24.36 -29.29
C GLY A 223 12.79 24.16 -30.76
N VAL A 224 13.84 23.40 -31.05
CA VAL A 224 14.33 23.22 -32.43
C VAL A 224 13.24 22.67 -33.34
N ARG A 225 12.32 21.89 -32.79
CA ARG A 225 11.26 21.23 -33.54
C ARG A 225 10.08 22.14 -33.87
N VAL A 226 10.04 23.36 -33.38
CA VAL A 226 8.89 24.19 -33.72
C VAL A 226 9.24 24.94 -35.00
N VAL A 227 9.36 24.20 -36.10
CA VAL A 227 9.58 24.79 -37.42
C VAL A 227 8.80 23.95 -38.42
N GLY A 228 8.40 24.59 -39.51
CA GLY A 228 7.66 23.90 -40.53
C GLY A 228 6.28 23.47 -40.07
N PRO A 229 5.82 22.30 -40.54
CA PRO A 229 4.43 21.90 -40.27
C PRO A 229 4.11 21.74 -38.80
N LEU A 230 5.06 21.25 -38.00
CA LEU A 230 4.82 21.16 -36.57
C LEU A 230 4.72 22.54 -35.94
N ALA A 231 5.43 23.53 -36.50
CA ALA A 231 5.25 24.89 -36.00
C ALA A 231 3.82 25.35 -36.22
N LYS A 232 3.26 25.09 -37.40
CA LYS A 232 1.88 25.45 -37.66
C LYS A 232 0.95 24.72 -36.70
N VAL A 233 1.32 23.50 -36.29
CA VAL A 233 0.54 22.78 -35.27
C VAL A 233 0.59 23.51 -33.93
N VAL A 234 1.79 23.94 -33.50
CA VAL A 234 1.91 24.63 -32.22
C VAL A 234 1.07 25.91 -32.22
N GLY A 235 1.18 26.68 -33.30
CA GLY A 235 0.39 27.89 -33.40
C GLY A 235 -1.11 27.62 -33.34
N ALA A 236 -1.57 26.60 -34.07
CA ALA A 236 -2.99 26.27 -34.06
C ALA A 236 -3.47 25.84 -32.67
N VAL A 237 -2.73 24.95 -32.01
CA VAL A 237 -3.14 24.46 -30.70
C VAL A 237 -3.20 25.59 -29.69
N TYR A 238 -2.15 26.44 -29.66
CA TYR A 238 -2.12 27.50 -28.65
C TYR A 238 -3.20 28.55 -28.92
N THR A 239 -3.44 28.88 -30.18
CA THR A 239 -4.58 29.75 -30.50
C THR A 239 -5.89 29.15 -30.00
N GLY A 240 -6.08 27.85 -30.21
CA GLY A 240 -7.32 27.23 -29.76
C GLY A 240 -7.48 27.26 -28.25
N LEU A 241 -6.40 26.95 -27.52
CA LEU A 241 -6.43 27.03 -26.07
C LEU A 241 -6.77 28.45 -25.60
N PHE A 242 -6.11 29.46 -26.19
CA PHE A 242 -6.42 30.85 -25.85
C PHE A 242 -7.89 31.15 -26.07
N LEU A 243 -8.46 30.66 -27.17
CA LEU A 243 -9.87 30.91 -27.43
C LEU A 243 -10.76 30.18 -26.43
N GLN A 244 -10.40 28.94 -26.06
CA GLN A 244 -11.17 28.25 -25.03
C GLN A 244 -11.22 29.06 -23.74
N ILE A 245 -10.13 29.75 -23.42
CA ILE A 245 -10.13 30.57 -22.22
C ILE A 245 -10.99 31.83 -22.41
N VAL A 246 -10.70 32.58 -23.48
CA VAL A 246 -11.24 33.92 -23.67
C VAL A 246 -12.68 33.93 -24.18
N ILE A 247 -13.16 32.85 -24.77
CA ILE A 247 -14.56 32.74 -25.17
C ILE A 247 -15.32 31.81 -24.23
N THR A 248 -14.96 30.52 -24.22
CA THR A 248 -15.75 29.54 -23.49
C THR A 248 -15.80 29.85 -22.01
N TYR A 249 -14.64 30.12 -21.40
CA TYR A 249 -14.60 30.40 -19.97
C TYR A 249 -15.14 31.80 -19.65
N PHE A 250 -14.69 32.83 -20.38
CA PHE A 250 -15.10 34.17 -20.04
C PHE A 250 -16.60 34.34 -20.20
N ILE A 251 -17.18 33.76 -21.25
CA ILE A 251 -18.62 33.94 -21.45
C ILE A 251 -19.41 33.16 -20.41
N LEU A 252 -18.96 31.96 -20.06
CA LEU A 252 -19.68 31.23 -19.03
C LEU A 252 -19.57 31.90 -17.66
N LEU A 253 -18.43 32.51 -17.35
CA LEU A 253 -18.31 33.21 -16.08
C LEU A 253 -19.18 34.47 -16.08
N LYS A 254 -19.21 35.19 -17.21
CA LYS A 254 -20.06 36.37 -17.29
C LYS A 254 -21.53 36.00 -17.20
N VAL A 255 -21.91 34.88 -17.80
CA VAL A 255 -23.30 34.45 -17.78
C VAL A 255 -23.75 34.20 -16.35
N PHE A 256 -22.91 33.54 -15.55
CA PHE A 256 -23.22 33.26 -14.16
C PHE A 256 -22.72 34.35 -13.20
N GLY A 257 -22.37 35.52 -13.72
CA GLY A 257 -22.05 36.66 -12.88
C GLY A 257 -20.72 36.58 -12.15
N ILE A 258 -19.69 36.03 -12.79
CA ILE A 258 -18.33 36.07 -12.26
C ILE A 258 -17.49 36.90 -13.21
N ASP A 259 -16.79 37.88 -12.66
CA ASP A 259 -15.86 38.69 -13.44
C ASP A 259 -14.73 37.83 -14.01
N PRO A 260 -14.61 37.70 -15.35
CA PRO A 260 -13.57 36.83 -15.93
C PRO A 260 -12.14 37.26 -15.62
N ILE A 261 -11.90 38.57 -15.51
CA ILE A 261 -10.54 39.04 -15.25
C ILE A 261 -10.14 38.78 -13.81
N LYS A 262 -11.04 39.01 -12.86
CA LYS A 262 -10.74 38.64 -11.48
C LYS A 262 -10.42 37.16 -11.41
N PHE A 263 -11.20 36.35 -12.13
CA PHE A 263 -10.99 34.90 -12.15
C PHE A 263 -9.59 34.55 -12.65
N ILE A 264 -9.17 35.11 -13.79
CA ILE A 264 -7.85 34.75 -14.32
C ILE A 264 -6.74 35.18 -13.36
N ARG A 265 -6.87 36.38 -12.81
CA ARG A 265 -5.89 36.87 -11.87
C ARG A 265 -5.73 35.91 -10.69
N LYS A 266 -6.85 35.36 -10.19
CA LYS A 266 -6.77 34.42 -9.07
C LYS A 266 -6.20 33.07 -9.48
N ALA A 267 -6.56 32.60 -10.67
CA ALA A 267 -6.17 31.26 -11.09
C ALA A 267 -4.70 31.17 -11.48
N LYS A 268 -4.03 32.32 -11.68
CA LYS A 268 -2.65 32.37 -12.15
C LYS A 268 -1.68 31.31 -11.61
N ASP A 269 -1.70 31.03 -10.30
CA ASP A 269 -0.73 30.08 -9.75
C ASP A 269 -1.04 28.66 -10.21
N ALA A 270 -2.30 28.27 -10.11
CA ALA A 270 -2.70 26.97 -10.62
C ALA A 270 -2.39 26.85 -12.11
N MET A 271 -2.60 27.93 -12.87
CA MET A 271 -2.35 27.89 -14.31
C MET A 271 -0.86 27.67 -14.63
N ILE A 272 0.02 28.46 -14.02
CA ILE A 272 1.45 28.29 -14.31
C ILE A 272 1.97 26.96 -13.80
N THR A 273 1.50 26.52 -12.63
CA THR A 273 1.92 25.23 -12.12
C THR A 273 1.50 24.10 -13.03
N ALA A 274 0.25 24.13 -13.52
CA ALA A 274 -0.19 23.12 -14.47
C ALA A 274 0.60 23.22 -15.75
N PHE A 275 0.89 24.44 -16.20
CA PHE A 275 1.58 24.64 -17.48
C PHE A 275 2.98 24.05 -17.47
N VAL A 276 3.69 24.10 -16.34
CA VAL A 276 5.04 23.58 -16.39
C VAL A 276 5.12 22.14 -15.89
N THR A 277 4.19 21.71 -15.04
CA THR A 277 4.36 20.34 -14.63
C THR A 277 3.65 19.36 -15.53
N ARG A 278 2.79 19.85 -16.41
CA ARG A 278 2.11 18.98 -17.37
C ARG A 278 1.38 17.83 -16.69
N SER A 279 1.22 17.91 -15.37
CA SER A 279 0.41 16.96 -14.61
C SER A 279 -0.75 17.73 -13.96
N SER A 280 -1.97 17.48 -14.40
CA SER A 280 -3.09 18.19 -13.77
C SER A 280 -3.41 17.58 -12.40
N SER A 281 -3.31 16.25 -12.27
CA SER A 281 -3.48 15.63 -10.96
C SER A 281 -2.38 16.08 -10.00
N GLY A 282 -1.17 16.28 -10.52
CA GLY A 282 -0.06 16.68 -9.70
C GLY A 282 -0.01 18.15 -9.43
N THR A 283 -0.79 18.93 -10.18
CA THR A 283 -1.05 20.33 -9.84
C THR A 283 -2.18 20.48 -8.82
N LEU A 284 -2.99 19.44 -8.61
CA LEU A 284 -4.12 19.48 -7.66
C LEU A 284 -3.89 20.25 -6.37
N PRO A 285 -2.79 20.07 -5.61
CA PRO A 285 -2.67 20.81 -4.34
C PRO A 285 -2.67 22.32 -4.53
N VAL A 286 -1.96 22.83 -5.54
CA VAL A 286 -1.99 24.26 -5.82
C VAL A 286 -3.38 24.68 -6.27
N THR A 287 -4.03 23.87 -7.11
CA THR A 287 -5.36 24.25 -7.58
C THR A 287 -6.35 24.37 -6.42
N MET A 288 -6.34 23.39 -5.51
CA MET A 288 -7.28 23.43 -4.40
C MET A 288 -6.96 24.55 -3.43
N ARG A 289 -5.68 24.80 -3.18
CA ARG A 289 -5.38 25.92 -2.31
C ARG A 289 -5.79 27.22 -2.95
N VAL A 290 -5.72 27.32 -4.28
CA VAL A 290 -6.21 28.52 -4.93
C VAL A 290 -7.73 28.61 -4.82
N ALA A 291 -8.42 27.49 -4.99
CA ALA A 291 -9.87 27.49 -4.88
C ALA A 291 -10.33 27.94 -3.49
N GLU A 292 -9.65 27.46 -2.44
CA GLU A 292 -10.04 27.78 -1.07
C GLU A 292 -9.56 29.16 -0.66
N GLU A 293 -8.26 29.40 -0.78
CA GLU A 293 -7.60 30.57 -0.21
C GLU A 293 -7.41 31.70 -1.22
N GLU A 294 -8.13 31.67 -2.36
CA GLU A 294 -8.07 32.75 -3.35
C GLU A 294 -9.44 33.11 -3.91
N MET A 295 -10.28 32.10 -4.16
CA MET A 295 -11.59 32.30 -4.75
C MET A 295 -12.73 32.14 -3.76
N GLY A 296 -12.45 31.72 -2.54
CA GLY A 296 -13.51 31.50 -1.58
C GLY A 296 -14.53 30.45 -1.97
N VAL A 297 -14.09 29.37 -2.56
CA VAL A 297 -15.00 28.25 -2.78
C VAL A 297 -15.05 27.39 -1.53
N ASP A 298 -16.26 26.94 -1.16
CA ASP A 298 -16.45 26.13 0.03
C ASP A 298 -15.80 24.76 -0.16
N LYS A 299 -15.26 24.20 0.93
CA LYS A 299 -14.62 22.88 0.84
C LYS A 299 -15.59 21.85 0.29
N GLY A 300 -16.87 21.98 0.60
CA GLY A 300 -17.90 21.07 0.09
C GLY A 300 -18.15 21.16 -1.42
N ILE A 301 -17.61 22.16 -2.10
CA ILE A 301 -17.68 22.20 -3.56
C ILE A 301 -16.35 21.75 -4.14
N PHE A 302 -15.27 22.46 -3.80
CA PHE A 302 -14.02 22.20 -4.51
C PHE A 302 -13.39 20.87 -4.13
N SER A 303 -13.55 20.39 -2.89
CA SER A 303 -12.90 19.13 -2.53
C SER A 303 -13.46 17.95 -3.35
N PHE A 304 -14.61 18.14 -3.97
CA PHE A 304 -15.19 17.14 -4.84
C PHE A 304 -14.96 17.45 -6.31
N THR A 305 -15.20 18.70 -6.73
CA THR A 305 -15.13 18.99 -8.14
C THR A 305 -13.70 19.07 -8.67
N LEU A 306 -12.72 19.48 -7.86
CA LEU A 306 -11.41 19.68 -8.48
C LEU A 306 -10.65 18.38 -8.74
N PRO A 307 -10.64 17.40 -7.83
CA PRO A 307 -9.99 16.13 -8.17
C PRO A 307 -10.76 15.35 -9.23
N LEU A 308 -12.08 15.40 -9.18
CA LEU A 308 -12.87 14.80 -10.26
C LEU A 308 -12.52 15.41 -11.61
N GLY A 309 -12.38 16.73 -11.69
CA GLY A 309 -12.05 17.36 -12.95
C GLY A 309 -10.61 17.09 -13.36
N ALA A 310 -9.70 17.04 -12.39
CA ALA A 310 -8.33 16.63 -12.70
C ALA A 310 -8.31 15.26 -13.33
N THR A 311 -9.27 14.41 -12.97
CA THR A 311 -9.25 13.08 -13.56
C THR A 311 -10.02 12.97 -14.87
N ILE A 312 -11.18 13.60 -15.02
CA ILE A 312 -12.03 13.31 -16.17
C ILE A 312 -12.40 14.52 -17.00
N ASN A 313 -11.81 15.68 -16.74
CA ASN A 313 -12.21 16.89 -17.49
C ASN A 313 -11.01 17.59 -18.09
N MET A 314 -10.71 17.29 -19.36
CA MET A 314 -9.55 17.85 -20.06
C MET A 314 -9.99 18.62 -21.30
N ASP A 315 -10.37 19.89 -21.12
CA ASP A 315 -10.65 20.74 -22.28
C ASP A 315 -9.44 20.84 -23.19
N GLY A 316 -8.25 21.04 -22.59
CA GLY A 316 -7.04 21.20 -23.39
C GLY A 316 -6.71 19.96 -24.20
N THR A 317 -6.75 18.79 -23.56
CA THR A 317 -6.51 17.55 -24.29
C THR A 317 -7.52 17.38 -25.43
N ALA A 318 -8.79 17.74 -25.18
CA ALA A 318 -9.82 17.58 -26.19
C ALA A 318 -9.54 18.45 -27.39
N LEU A 319 -9.13 19.70 -27.16
CA LEU A 319 -8.76 20.57 -28.26
C LEU A 319 -7.56 20.02 -29.02
N TYR A 320 -6.59 19.48 -28.29
CA TYR A 320 -5.44 18.88 -28.96
C TYR A 320 -5.87 17.74 -29.88
N GLN A 321 -6.79 16.91 -29.41
CA GLN A 321 -7.29 15.84 -30.27
C GLN A 321 -7.97 16.41 -31.49
N GLY A 322 -8.75 17.48 -31.31
CA GLY A 322 -9.40 18.12 -32.44
C GLY A 322 -8.40 18.57 -33.50
N VAL A 323 -7.28 19.14 -33.05
CA VAL A 323 -6.26 19.59 -34.00
C VAL A 323 -5.53 18.41 -34.62
N THR A 324 -5.15 17.41 -33.81
CA THR A 324 -4.27 16.36 -34.36
C THR A 324 -5.03 15.43 -35.31
N VAL A 325 -6.34 15.26 -35.14
CA VAL A 325 -7.07 14.44 -36.08
C VAL A 325 -7.14 15.13 -37.45
N LEU A 326 -7.41 16.44 -37.47
CA LEU A 326 -7.33 17.18 -38.73
C LEU A 326 -5.92 17.15 -39.30
N PHE A 327 -4.91 17.22 -38.43
CA PHE A 327 -3.53 17.19 -38.90
C PHE A 327 -3.23 15.87 -39.60
N VAL A 328 -3.52 14.75 -38.93
CA VAL A 328 -3.26 13.43 -39.49
C VAL A 328 -4.07 13.23 -40.78
N ALA A 329 -5.35 13.63 -40.76
CA ALA A 329 -6.19 13.44 -41.94
C ALA A 329 -5.66 14.24 -43.13
N ASN A 330 -5.31 15.51 -42.90
CA ASN A 330 -4.79 16.31 -44.01
C ASN A 330 -3.42 15.82 -44.43
N ALA A 331 -2.65 15.27 -43.50
CA ALA A 331 -1.28 14.88 -43.77
C ALA A 331 -1.23 13.64 -44.66
N ILE A 332 -2.16 12.69 -44.48
CA ILE A 332 -2.19 11.53 -45.37
C ILE A 332 -3.08 11.73 -46.60
N GLY A 333 -3.78 12.85 -46.72
CA GLY A 333 -4.48 13.19 -47.94
C GLY A 333 -5.98 12.91 -47.98
N HIS A 334 -6.60 12.57 -46.86
CA HIS A 334 -8.04 12.29 -46.78
C HIS A 334 -8.68 13.25 -45.77
N PRO A 335 -9.03 14.47 -46.18
CA PRO A 335 -9.68 15.40 -45.25
C PRO A 335 -11.02 14.89 -44.77
N LEU A 336 -11.39 15.29 -43.55
CA LEU A 336 -12.53 14.69 -42.87
C LEU A 336 -13.84 15.33 -43.30
N THR A 337 -14.89 14.50 -43.39
CA THR A 337 -16.23 14.96 -43.68
C THR A 337 -16.81 15.71 -42.48
N LEU A 338 -17.78 16.59 -42.75
CA LEU A 338 -18.47 17.29 -41.67
C LEU A 338 -19.03 16.29 -40.67
N GLY A 339 -19.81 15.32 -41.16
CA GLY A 339 -20.32 14.28 -40.29
C GLY A 339 -19.22 13.47 -39.64
N GLN A 340 -18.11 13.26 -40.35
CA GLN A 340 -16.97 12.64 -39.70
C GLN A 340 -16.44 13.51 -38.58
N GLN A 341 -16.44 14.83 -38.77
CA GLN A 341 -16.00 15.69 -37.68
C GLN A 341 -16.96 15.61 -36.49
N LEU A 342 -18.26 15.54 -36.74
CA LEU A 342 -19.22 15.31 -35.66
C LEU A 342 -18.91 14.01 -34.92
N VAL A 343 -18.62 12.94 -35.65
CA VAL A 343 -18.22 11.71 -34.98
C VAL A 343 -16.98 11.95 -34.14
N VAL A 344 -16.06 12.79 -34.63
CA VAL A 344 -14.86 13.08 -33.86
C VAL A 344 -15.23 13.71 -32.53
N VAL A 345 -16.10 14.72 -32.57
CA VAL A 345 -16.52 15.42 -31.35
C VAL A 345 -17.20 14.45 -30.39
N LEU A 346 -18.22 13.75 -30.89
CA LEU A 346 -18.95 12.79 -30.07
C LEU A 346 -18.02 11.75 -29.44
N THR A 347 -17.12 11.13 -30.23
CA THR A 347 -16.27 10.11 -29.63
C THR A 347 -15.25 10.72 -28.68
N ALA A 348 -14.79 11.95 -28.92
CA ALA A 348 -13.83 12.56 -27.99
C ALA A 348 -14.46 12.75 -26.61
N VAL A 349 -15.71 13.23 -26.59
CA VAL A 349 -16.42 13.38 -25.32
C VAL A 349 -16.63 12.03 -24.68
N LEU A 350 -17.15 11.05 -25.42
CA LEU A 350 -17.35 9.71 -24.86
C LEU A 350 -16.04 9.09 -24.37
N ALA A 351 -14.92 9.43 -24.99
CA ALA A 351 -13.64 8.84 -24.63
C ALA A 351 -13.06 9.47 -23.38
N SER A 352 -13.50 10.69 -23.04
CA SER A 352 -13.13 11.22 -21.72
C SER A 352 -13.72 10.39 -20.58
N ILE A 353 -14.98 9.95 -20.72
CA ILE A 353 -15.64 9.08 -19.73
C ILE A 353 -15.03 7.68 -19.76
N GLY A 354 -14.90 7.09 -20.95
CA GLY A 354 -14.56 5.68 -21.07
C GLY A 354 -13.21 5.32 -20.50
N THR A 355 -12.29 6.28 -20.43
CA THR A 355 -10.97 6.02 -19.89
C THR A 355 -10.78 6.60 -18.49
N ALA A 356 -11.88 6.93 -17.80
CA ALA A 356 -11.86 7.65 -16.51
C ALA A 356 -10.95 6.96 -15.50
N GLY A 357 -9.79 7.56 -15.24
CA GLY A 357 -8.88 7.01 -14.26
C GLY A 357 -7.97 5.96 -14.77
N VAL A 358 -8.16 5.54 -16.02
CA VAL A 358 -7.35 4.50 -16.66
C VAL A 358 -5.93 5.06 -16.88
N PRO A 359 -4.88 4.32 -16.57
CA PRO A 359 -3.53 4.82 -16.82
C PRO A 359 -3.25 4.95 -18.32
N GLY A 360 -2.46 5.97 -18.67
CA GLY A 360 -2.14 6.24 -20.07
C GLY A 360 -3.31 6.63 -20.96
N ALA A 361 -4.37 7.21 -20.38
CA ALA A 361 -5.59 7.48 -21.13
C ALA A 361 -5.42 8.52 -22.25
N GLY A 362 -4.31 9.27 -22.28
CA GLY A 362 -4.11 10.24 -23.33
C GLY A 362 -4.05 9.65 -24.73
N ALA A 363 -3.05 8.78 -24.94
CA ALA A 363 -2.88 8.10 -26.22
C ALA A 363 -4.04 7.17 -26.53
N ILE A 364 -4.66 6.60 -25.50
CA ILE A 364 -5.81 5.72 -25.69
C ILE A 364 -6.98 6.50 -26.26
N MET A 365 -7.24 7.69 -25.73
CA MET A 365 -8.28 8.53 -26.29
C MET A 365 -7.93 8.96 -27.72
N LEU A 366 -6.67 9.30 -27.97
CA LEU A 366 -6.28 9.69 -29.32
C LEU A 366 -6.48 8.55 -30.31
N ALA A 367 -6.04 7.33 -29.93
CA ALA A 367 -6.28 6.15 -30.75
C ALA A 367 -7.75 5.93 -31.00
N MET A 368 -8.59 6.12 -29.98
CA MET A 368 -10.03 5.94 -30.16
C MET A 368 -10.59 6.91 -31.18
N VAL A 369 -10.26 8.19 -31.02
CA VAL A 369 -10.83 9.22 -31.90
C VAL A 369 -10.35 9.01 -33.34
N LEU A 370 -9.07 8.68 -33.51
CA LEU A 370 -8.55 8.37 -34.83
C LEU A 370 -9.30 7.19 -35.45
N GLN A 371 -9.39 6.09 -34.72
CA GLN A 371 -10.10 4.92 -35.24
C GLN A 371 -11.55 5.23 -35.59
N SER A 372 -12.18 6.15 -34.84
CA SER A 372 -13.60 6.47 -35.07
C SER A 372 -13.87 6.97 -36.49
N VAL A 373 -12.91 7.68 -37.09
CA VAL A 373 -13.05 8.15 -38.46
C VAL A 373 -12.23 7.33 -39.43
N GLY A 374 -11.69 6.19 -38.98
CA GLY A 374 -11.05 5.25 -39.87
C GLY A 374 -9.59 5.48 -40.12
N LEU A 375 -8.85 5.94 -39.13
CA LEU A 375 -7.40 6.09 -39.24
C LEU A 375 -6.77 5.19 -38.19
N ASP A 376 -6.27 4.05 -38.62
CA ASP A 376 -5.74 3.04 -37.72
C ASP A 376 -4.24 3.24 -37.64
N LEU A 377 -3.67 3.01 -36.46
CA LEU A 377 -2.26 3.29 -36.27
C LEU A 377 -1.41 2.04 -36.46
N THR A 378 -1.68 1.28 -37.53
CA THR A 378 -0.88 0.11 -37.84
C THR A 378 0.58 0.51 -38.04
N PRO A 379 1.53 -0.23 -37.47
CA PRO A 379 2.94 0.17 -37.57
C PRO A 379 3.38 0.28 -39.01
N GLY A 380 4.18 1.31 -39.28
CA GLY A 380 4.68 1.58 -40.61
C GLY A 380 3.68 2.16 -41.58
N SER A 381 2.43 2.32 -41.18
CA SER A 381 1.49 2.98 -42.07
C SER A 381 1.73 4.49 -42.04
N PRO A 382 1.27 5.20 -43.07
CA PRO A 382 1.46 6.67 -43.10
C PRO A 382 0.74 7.38 -41.96
N VAL A 383 -0.42 6.87 -41.53
CA VAL A 383 -1.13 7.45 -40.39
C VAL A 383 -0.25 7.36 -39.15
N ALA A 384 0.37 6.20 -38.94
CA ALA A 384 1.34 6.05 -37.87
C ALA A 384 2.45 7.08 -37.98
N LEU A 385 2.88 7.38 -39.20
CA LEU A 385 3.98 8.31 -39.42
C LEU A 385 3.58 9.73 -39.04
N ALA A 386 2.36 10.15 -39.43
CA ALA A 386 1.87 11.47 -39.08
C ALA A 386 1.71 11.61 -37.57
N TYR A 387 1.19 10.56 -36.91
CA TYR A 387 1.07 10.59 -35.45
C TYR A 387 2.42 10.75 -34.80
N ALA A 388 3.46 10.05 -35.30
CA ALA A 388 4.80 10.23 -34.73
C ALA A 388 5.34 11.63 -34.97
N MET A 389 5.02 12.22 -36.14
CA MET A 389 5.36 13.63 -36.34
C MET A 389 4.80 14.48 -35.20
N ILE A 390 3.51 14.30 -34.91
CA ILE A 390 2.89 15.10 -33.84
C ILE A 390 3.57 14.82 -32.51
N LEU A 391 3.76 13.55 -32.18
CA LEU A 391 4.36 13.21 -30.89
C LEU A 391 5.73 13.84 -30.70
N GLY A 392 6.40 14.22 -31.78
CA GLY A 392 7.70 14.82 -31.58
C GLY A 392 7.69 16.13 -30.83
N ILE A 393 6.54 16.79 -30.76
CA ILE A 393 6.46 18.05 -30.01
C ILE A 393 5.48 17.95 -28.85
N ASP A 394 5.24 16.71 -28.38
CA ASP A 394 4.21 16.50 -27.36
C ASP A 394 4.43 17.32 -26.09
N ALA A 395 5.66 17.70 -25.75
CA ALA A 395 5.87 18.45 -24.51
C ALA A 395 5.41 19.90 -24.65
N ILE A 396 5.82 20.56 -25.74
CA ILE A 396 5.34 21.91 -26.03
C ILE A 396 3.82 21.94 -25.99
N LEU A 397 3.18 20.90 -26.51
CA LEU A 397 1.73 20.85 -26.49
C LEU A 397 1.18 20.49 -25.11
N ASP A 398 1.89 19.64 -24.35
CA ASP A 398 1.43 19.18 -23.04
C ASP A 398 1.35 20.32 -22.04
N MET A 399 2.31 21.23 -22.11
CA MET A 399 2.25 22.42 -21.27
C MET A 399 0.91 23.12 -21.42
N GLY A 400 0.61 23.55 -22.64
CA GLY A 400 -0.62 24.29 -22.88
C GLY A 400 -1.87 23.48 -22.60
N ARG A 401 -1.91 22.24 -23.03
CA ARG A 401 -3.17 21.54 -22.82
C ARG A 401 -3.40 21.23 -21.34
N THR A 402 -2.35 20.88 -20.57
CA THR A 402 -2.55 20.71 -19.13
C THR A 402 -3.02 22.02 -18.47
N MET A 403 -2.45 23.15 -18.90
CA MET A 403 -2.89 24.43 -18.37
C MET A 403 -4.39 24.66 -18.59
N VAL A 404 -4.87 24.43 -19.83
CA VAL A 404 -6.29 24.67 -20.09
C VAL A 404 -7.18 23.60 -19.43
N ASN A 405 -6.66 22.38 -19.21
CA ASN A 405 -7.41 21.38 -18.45
C ASN A 405 -7.73 21.88 -17.04
N VAL A 406 -6.68 22.32 -16.33
CA VAL A 406 -6.86 22.76 -14.95
C VAL A 406 -7.69 24.04 -14.89
N THR A 407 -7.41 24.98 -15.80
CA THR A 407 -8.17 26.23 -15.78
C THR A 407 -9.66 25.92 -15.93
N GLY A 408 -9.99 24.96 -16.78
CA GLY A 408 -11.37 24.56 -16.91
C GLY A 408 -11.98 24.05 -15.61
N ASP A 409 -11.23 23.20 -14.89
CA ASP A 409 -11.69 22.74 -13.58
C ASP A 409 -12.03 23.92 -12.66
N LEU A 410 -11.13 24.90 -12.58
CA LEU A 410 -11.38 26.03 -11.69
C LEU A 410 -12.64 26.80 -12.09
N ALA A 411 -12.79 27.05 -13.40
CA ALA A 411 -13.92 27.86 -13.87
C ALA A 411 -15.24 27.17 -13.58
N GLY A 412 -15.31 25.86 -13.79
CA GLY A 412 -16.54 25.15 -13.49
C GLY A 412 -16.83 25.08 -12.01
N THR A 413 -15.78 24.92 -11.20
CA THR A 413 -15.98 24.90 -9.75
C THR A 413 -16.55 26.23 -9.26
N VAL A 414 -16.00 27.35 -9.73
CA VAL A 414 -16.49 28.64 -9.29
C VAL A 414 -17.91 28.87 -9.78
N ILE A 415 -18.24 28.38 -10.99
CA ILE A 415 -19.61 28.60 -11.47
C ILE A 415 -20.62 27.81 -10.63
N VAL A 416 -20.37 26.51 -10.43
CA VAL A 416 -21.27 25.72 -9.58
C VAL A 416 -21.38 26.36 -8.19
N ALA A 417 -20.27 26.87 -7.66
CA ALA A 417 -20.27 27.50 -6.34
C ALA A 417 -21.17 28.73 -6.34
N LYS A 418 -21.05 29.57 -7.35
CA LYS A 418 -21.94 30.72 -7.44
C LYS A 418 -23.39 30.27 -7.47
N THR A 419 -23.67 29.17 -8.14
CA THR A 419 -25.07 28.74 -8.19
C THR A 419 -25.54 28.11 -6.88
N GLU A 420 -24.63 27.70 -5.99
CA GLU A 420 -25.06 27.10 -4.74
C GLU A 420 -24.98 28.08 -3.58
N LYS A 421 -24.71 29.36 -3.86
CA LYS A 421 -24.42 30.35 -2.83
C LYS A 421 -23.35 29.83 -1.87
N GLU A 422 -22.47 28.96 -2.38
CA GLU A 422 -21.32 28.46 -1.65
C GLU A 422 -20.03 29.12 -2.11
N LEU A 423 -20.14 30.32 -2.66
CA LEU A 423 -19.01 31.12 -3.08
C LEU A 423 -18.96 32.37 -2.22
N ASP A 424 -17.81 32.59 -1.57
CA ASP A 424 -17.62 33.67 -0.60
C ASP A 424 -17.32 34.96 -1.35
N GLU A 425 -18.36 35.79 -1.52
CA GLU A 425 -18.26 36.95 -2.41
C GLU A 425 -17.23 37.97 -1.91
N SER A 426 -16.85 37.91 -0.63
CA SER A 426 -15.92 38.90 -0.09
C SER A 426 -14.53 38.74 -0.71
N LYS A 427 -14.20 37.58 -1.24
CA LYS A 427 -12.91 37.47 -1.88
C LYS A 427 -12.87 38.14 -3.24
N TRP A 428 -14.02 38.64 -3.73
CA TRP A 428 -14.16 39.21 -5.06
C TRP A 428 -14.46 40.71 -5.04
N ILE A 429 -14.04 41.43 -3.99
CA ILE A 429 -14.22 42.88 -3.90
C ILE A 429 -12.84 43.50 -3.95
N SER A 430 -12.66 44.46 -4.85
CA SER A 430 -11.38 45.13 -5.07
C SER A 430 -11.37 46.49 -4.39
N HIS A 431 -10.23 46.85 -3.81
CA HIS A 431 -10.12 48.14 -3.13
C HIS A 431 -9.13 49.05 -3.93
N ARG B 8 -37.57 5.45 -5.23
CA ARG B 8 -38.95 5.24 -4.81
C ARG B 8 -39.23 3.83 -4.25
N TYR B 9 -38.26 2.93 -4.39
CA TYR B 9 -38.42 1.54 -3.97
C TYR B 9 -37.89 1.29 -2.55
N LEU B 10 -37.09 2.22 -2.02
CA LEU B 10 -36.42 2.04 -0.73
C LEU B 10 -37.41 1.77 0.39
N ASP B 11 -38.66 2.21 0.23
CA ASP B 11 -39.64 2.21 1.31
C ASP B 11 -40.05 0.80 1.72
N TYR B 12 -40.10 -0.12 0.75
CA TYR B 12 -40.41 -1.53 1.01
C TYR B 12 -39.38 -2.12 1.97
N PRO B 13 -39.78 -3.02 2.87
CA PRO B 13 -38.81 -3.59 3.83
C PRO B 13 -37.68 -4.32 3.11
N VAL B 14 -36.52 -4.38 3.77
CA VAL B 14 -35.32 -4.86 3.07
C VAL B 14 -35.34 -6.38 2.96
N LEU B 15 -35.68 -7.09 4.04
CA LEU B 15 -35.55 -8.54 4.08
C LEU B 15 -36.44 -9.19 3.02
N TRP B 16 -37.69 -8.73 2.92
CA TRP B 16 -38.56 -9.21 1.86
C TRP B 16 -37.99 -8.88 0.49
N LYS B 17 -37.36 -7.72 0.35
CA LYS B 17 -36.80 -7.34 -0.94
C LYS B 17 -35.68 -8.29 -1.34
N ILE B 18 -34.82 -8.66 -0.38
CA ILE B 18 -33.70 -9.57 -0.63
C ILE B 18 -34.21 -10.96 -1.00
N LEU B 19 -35.23 -11.45 -0.29
CA LEU B 19 -35.81 -12.74 -0.69
C LEU B 19 -36.40 -12.67 -2.09
N TRP B 20 -37.08 -11.57 -2.41
CA TRP B 20 -37.64 -11.41 -3.74
C TRP B 20 -36.56 -11.47 -4.79
N GLY B 21 -35.45 -10.76 -4.55
CA GLY B 21 -34.34 -10.76 -5.49
C GLY B 21 -33.75 -12.15 -5.66
N LEU B 22 -33.59 -12.90 -4.56
CA LEU B 22 -33.03 -14.24 -4.65
C LEU B 22 -33.88 -15.14 -5.54
N VAL B 23 -35.18 -15.27 -5.21
CA VAL B 23 -36.02 -16.20 -5.95
C VAL B 23 -36.17 -15.77 -7.41
N LEU B 24 -36.38 -14.47 -7.63
CA LEU B 24 -36.59 -13.99 -8.99
C LEU B 24 -35.33 -14.14 -9.84
N GLY B 25 -34.15 -13.88 -9.26
CA GLY B 25 -32.92 -14.10 -10.01
C GLY B 25 -32.70 -15.56 -10.38
N ALA B 26 -33.02 -16.48 -9.46
CA ALA B 26 -32.87 -17.90 -9.80
C ALA B 26 -33.76 -18.28 -10.97
N VAL B 27 -35.05 -17.91 -10.89
CA VAL B 27 -35.97 -18.27 -11.97
C VAL B 27 -35.55 -17.61 -13.29
N PHE B 28 -35.14 -16.34 -13.20
CA PHE B 28 -34.74 -15.58 -14.39
C PHE B 28 -33.53 -16.23 -15.04
N GLY B 29 -32.52 -16.60 -14.24
CA GLY B 29 -31.31 -17.17 -14.79
C GLY B 29 -31.52 -18.54 -15.41
N LEU B 30 -32.33 -19.37 -14.76
CA LEU B 30 -32.67 -20.65 -15.37
C LEU B 30 -33.36 -20.45 -16.71
N ILE B 31 -34.37 -19.56 -16.75
CA ILE B 31 -35.10 -19.31 -18.00
C ILE B 31 -34.17 -18.75 -19.07
N ALA B 32 -33.18 -17.93 -18.69
CA ALA B 32 -32.29 -17.31 -19.65
C ALA B 32 -31.23 -18.29 -20.17
N GLY B 33 -30.79 -19.22 -19.34
CA GLY B 33 -29.84 -20.21 -19.82
C GLY B 33 -30.51 -21.27 -20.64
N HIS B 34 -31.80 -21.52 -20.39
CA HIS B 34 -32.54 -22.45 -21.23
C HIS B 34 -32.75 -21.92 -22.65
N PHE B 35 -32.89 -20.62 -22.82
CA PHE B 35 -33.02 -20.03 -24.14
C PHE B 35 -31.71 -19.51 -24.70
N GLY B 36 -30.59 -19.85 -24.07
CA GLY B 36 -29.26 -19.57 -24.59
C GLY B 36 -28.78 -18.14 -24.41
N TYR B 37 -29.52 -17.32 -23.68
CA TYR B 37 -29.13 -15.95 -23.46
C TYR B 37 -28.21 -15.77 -22.26
N ALA B 38 -27.50 -16.83 -21.84
CA ALA B 38 -26.67 -16.71 -20.64
C ALA B 38 -25.53 -15.72 -20.85
N GLY B 39 -25.07 -15.57 -22.09
CA GLY B 39 -24.08 -14.53 -22.37
C GLY B 39 -24.67 -13.14 -22.23
N ALA B 40 -25.93 -12.97 -22.64
CA ALA B 40 -26.62 -11.70 -22.40
C ALA B 40 -26.71 -11.40 -20.92
N VAL B 41 -26.97 -12.42 -20.10
CA VAL B 41 -26.99 -12.24 -18.66
C VAL B 41 -25.61 -11.81 -18.16
N LYS B 42 -24.55 -12.47 -18.64
CA LYS B 42 -23.21 -12.08 -18.24
C LYS B 42 -22.89 -10.64 -18.64
N THR B 43 -23.45 -10.18 -19.75
CA THR B 43 -23.03 -8.86 -20.20
C THR B 43 -23.85 -7.73 -19.58
N TYR B 44 -25.17 -7.91 -19.44
CA TYR B 44 -26.04 -6.82 -19.03
C TYR B 44 -26.58 -6.92 -17.60
N ILE B 45 -26.69 -8.12 -17.03
CA ILE B 45 -27.20 -8.31 -15.67
C ILE B 45 -26.09 -8.40 -14.64
N LYS B 46 -25.01 -9.10 -14.96
CA LYS B 46 -23.94 -9.35 -13.99
C LYS B 46 -23.33 -8.10 -13.36
N PRO B 47 -23.05 -7.00 -14.08
CA PRO B 47 -22.28 -5.91 -13.45
C PRO B 47 -22.96 -5.31 -12.23
N PHE B 48 -24.29 -5.45 -12.08
CA PHE B 48 -24.95 -4.94 -10.90
C PHE B 48 -24.57 -5.77 -9.66
N GLY B 49 -24.58 -7.08 -9.78
CA GLY B 49 -24.06 -7.91 -8.71
C GLY B 49 -22.58 -7.66 -8.44
N ASP B 50 -21.82 -7.39 -9.48
CA ASP B 50 -20.41 -7.05 -9.24
C ASP B 50 -20.30 -5.77 -8.42
N LEU B 51 -21.16 -4.80 -8.70
CA LEU B 51 -21.22 -3.56 -7.94
C LEU B 51 -21.50 -3.81 -6.46
N PHE B 52 -22.49 -4.67 -6.19
CA PHE B 52 -22.78 -5.10 -4.83
C PHE B 52 -21.52 -5.65 -4.15
N VAL B 53 -20.89 -6.61 -4.82
CA VAL B 53 -19.71 -7.26 -4.26
C VAL B 53 -18.59 -6.25 -3.98
N ARG B 54 -18.40 -5.29 -4.89
CA ARG B 54 -17.35 -4.28 -4.71
C ARG B 54 -17.67 -3.37 -3.53
N LEU B 55 -18.94 -3.02 -3.36
CA LEU B 55 -19.32 -2.14 -2.25
C LEU B 55 -19.03 -2.79 -0.89
N LEU B 56 -19.30 -4.10 -0.75
CA LEU B 56 -19.00 -4.79 0.52
C LEU B 56 -17.49 -4.99 0.72
N LYS B 57 -16.80 -5.48 -0.32
CA LYS B 57 -15.37 -5.71 -0.20
C LYS B 57 -14.66 -4.40 0.17
N MET B 58 -15.18 -3.26 -0.32
CA MET B 58 -14.63 -1.96 0.07
C MET B 58 -14.61 -1.77 1.58
N LEU B 59 -15.67 -2.22 2.26
CA LEU B 59 -15.72 -2.03 3.71
C LEU B 59 -14.86 -3.04 4.48
N VAL B 60 -14.55 -4.19 3.89
CA VAL B 60 -13.94 -5.30 4.67
C VAL B 60 -12.69 -4.87 5.43
N MET B 61 -11.69 -4.26 4.77
CA MET B 61 -10.47 -3.96 5.51
C MET B 61 -10.65 -2.94 6.63
N PRO B 62 -11.21 -1.74 6.39
CA PRO B 62 -11.37 -0.79 7.51
C PRO B 62 -12.19 -1.35 8.66
N ILE B 63 -13.32 -2.00 8.37
CA ILE B 63 -14.20 -2.42 9.44
C ILE B 63 -13.51 -3.47 10.31
N VAL B 64 -12.73 -4.36 9.70
CA VAL B 64 -12.00 -5.35 10.50
C VAL B 64 -10.96 -4.67 11.36
N LEU B 65 -10.11 -3.82 10.74
CA LEU B 65 -9.05 -3.18 11.51
C LEU B 65 -9.64 -2.47 12.73
N ALA B 66 -10.65 -1.62 12.49
CA ALA B 66 -11.17 -0.72 13.53
C ALA B 66 -12.00 -1.47 14.57
N SER B 67 -12.99 -2.27 14.13
CA SER B 67 -13.76 -3.05 15.09
C SER B 67 -12.87 -3.86 16.00
N LEU B 68 -11.73 -4.35 15.51
CA LEU B 68 -10.93 -5.19 16.39
C LEU B 68 -10.02 -4.37 17.31
N VAL B 69 -9.49 -3.23 16.85
CA VAL B 69 -8.75 -2.38 17.79
C VAL B 69 -9.65 -2.06 18.96
N VAL B 70 -10.86 -1.59 18.66
CA VAL B 70 -11.85 -1.26 19.67
C VAL B 70 -12.17 -2.48 20.54
N GLY B 71 -12.58 -3.59 19.92
CA GLY B 71 -12.98 -4.75 20.70
C GLY B 71 -11.88 -5.25 21.61
N ALA B 72 -10.69 -5.50 21.07
CA ALA B 72 -9.58 -5.93 21.90
C ALA B 72 -9.28 -4.93 23.01
N ALA B 73 -9.53 -3.63 22.79
CA ALA B 73 -9.38 -2.70 23.90
C ALA B 73 -10.42 -2.99 24.98
N SER B 74 -11.66 -3.30 24.59
CA SER B 74 -12.74 -3.53 25.54
C SER B 74 -12.80 -4.95 26.11
N ILE B 75 -11.69 -5.53 26.58
CA ILE B 75 -11.70 -6.95 26.97
C ILE B 75 -10.36 -7.33 27.59
N SER B 76 -10.36 -8.35 28.50
CA SER B 76 -9.02 -8.58 29.00
C SER B 76 -8.26 -9.62 28.16
N PRO B 77 -6.92 -9.50 28.08
CA PRO B 77 -6.16 -10.51 27.32
C PRO B 77 -6.43 -11.92 27.80
N ALA B 78 -6.63 -12.11 29.11
CA ALA B 78 -6.98 -13.42 29.60
C ALA B 78 -8.30 -13.89 29.00
N ARG B 79 -9.29 -13.00 28.96
CA ARG B 79 -10.56 -13.39 28.34
C ARG B 79 -10.40 -13.60 26.85
N LEU B 80 -9.63 -12.73 26.19
CA LEU B 80 -9.44 -12.87 24.76
C LEU B 80 -8.83 -14.24 24.43
N GLY B 81 -7.76 -14.61 25.13
CA GLY B 81 -7.17 -15.93 24.90
C GLY B 81 -8.14 -17.05 25.18
N ARG B 82 -8.92 -16.93 26.25
CA ARG B 82 -9.93 -17.94 26.53
C ARG B 82 -10.89 -18.08 25.35
N VAL B 83 -11.31 -16.95 24.79
CA VAL B 83 -12.21 -16.93 23.63
C VAL B 83 -11.53 -17.56 22.41
N GLY B 84 -10.25 -17.26 22.22
CA GLY B 84 -9.52 -17.84 21.10
C GLY B 84 -9.45 -19.35 21.18
N VAL B 85 -9.15 -19.88 22.36
CA VAL B 85 -9.10 -21.34 22.52
C VAL B 85 -10.49 -21.93 22.28
N LYS B 86 -11.53 -21.30 22.85
CA LYS B 86 -12.89 -21.80 22.61
C LYS B 86 -13.22 -21.82 21.12
N ILE B 87 -13.01 -20.71 20.42
CA ILE B 87 -13.44 -20.64 19.03
C ILE B 87 -12.59 -21.56 18.17
N VAL B 88 -11.29 -21.71 18.47
CA VAL B 88 -10.46 -22.58 17.64
C VAL B 88 -10.85 -24.04 17.82
N VAL B 89 -11.13 -24.45 19.06
CA VAL B 89 -11.66 -25.79 19.28
C VAL B 89 -12.98 -25.97 18.57
N TYR B 90 -13.90 -25.01 18.73
CA TYR B 90 -15.21 -25.12 18.08
C TYR B 90 -15.05 -25.25 16.58
N TYR B 91 -14.13 -24.47 16.01
CA TYR B 91 -13.88 -24.48 14.58
C TYR B 91 -13.39 -25.84 14.11
N LEU B 92 -12.36 -26.38 14.76
CA LEU B 92 -11.84 -27.67 14.32
C LEU B 92 -12.92 -28.75 14.45
N ALA B 93 -13.67 -28.73 15.56
CA ALA B 93 -14.67 -29.76 15.76
C ALA B 93 -15.74 -29.71 14.68
N THR B 94 -16.31 -28.53 14.44
CA THR B 94 -17.37 -28.45 13.44
C THR B 94 -16.86 -28.75 12.04
N SER B 95 -15.58 -28.44 11.74
CA SER B 95 -15.01 -28.76 10.42
C SER B 95 -14.91 -30.27 10.20
N ALA B 96 -14.38 -30.99 11.19
CA ALA B 96 -14.36 -32.45 11.09
C ALA B 96 -15.76 -33.00 10.92
N MET B 97 -16.73 -32.48 11.68
CA MET B 97 -18.11 -32.91 11.51
C MET B 97 -18.58 -32.71 10.07
N ALA B 98 -18.17 -31.60 9.44
CA ALA B 98 -18.65 -31.31 8.09
C ALA B 98 -18.04 -32.27 7.07
N VAL B 99 -16.75 -32.59 7.21
CA VAL B 99 -16.18 -33.61 6.35
C VAL B 99 -16.92 -34.94 6.51
N PHE B 100 -17.21 -35.31 7.77
CA PHE B 100 -17.93 -36.54 8.05
C PHE B 100 -19.30 -36.56 7.37
N PHE B 101 -20.04 -35.45 7.46
CA PHE B 101 -21.35 -35.38 6.84
C PHE B 101 -21.25 -35.44 5.32
N GLY B 102 -20.24 -34.77 4.75
CA GLY B 102 -20.06 -34.86 3.31
C GLY B 102 -19.82 -36.29 2.85
N LEU B 103 -18.99 -37.02 3.58
CA LEU B 103 -18.77 -38.44 3.28
C LEU B 103 -20.07 -39.23 3.32
N ILE B 104 -20.90 -38.99 4.35
CA ILE B 104 -22.12 -39.78 4.51
C ILE B 104 -23.13 -39.45 3.41
N VAL B 105 -23.35 -38.17 3.14
CA VAL B 105 -24.28 -37.79 2.09
C VAL B 105 -23.76 -38.22 0.70
N GLY B 106 -22.43 -38.26 0.53
CA GLY B 106 -21.88 -38.78 -0.71
C GLY B 106 -22.15 -40.26 -0.89
N ARG B 107 -21.88 -41.05 0.15
CA ARG B 107 -22.22 -42.47 0.09
C ARG B 107 -23.71 -42.66 -0.15
N LEU B 108 -24.54 -41.77 0.40
CA LEU B 108 -25.99 -41.93 0.27
C LEU B 108 -26.42 -41.70 -1.17
N PHE B 109 -25.98 -40.62 -1.78
CA PHE B 109 -26.31 -40.39 -3.18
C PHE B 109 -25.50 -41.27 -4.13
N ASN B 110 -24.55 -42.08 -3.65
CA ASN B 110 -23.70 -42.89 -4.53
C ASN B 110 -23.06 -42.05 -5.62
N VAL B 111 -22.41 -40.96 -5.20
CA VAL B 111 -21.96 -39.95 -6.14
C VAL B 111 -20.89 -40.55 -7.05
N GLY B 112 -20.91 -40.14 -8.32
CA GLY B 112 -19.95 -40.61 -9.30
C GLY B 112 -19.96 -42.08 -9.64
N ALA B 113 -20.99 -42.81 -9.22
CA ALA B 113 -20.96 -44.25 -9.40
C ALA B 113 -21.12 -44.66 -10.85
N ASN B 114 -21.72 -43.81 -11.68
CA ASN B 114 -22.02 -44.14 -13.08
C ASN B 114 -21.22 -43.30 -14.07
N VAL B 115 -20.04 -42.85 -13.68
CA VAL B 115 -19.12 -42.25 -14.62
C VAL B 115 -18.29 -43.31 -15.33
N ASN B 116 -17.87 -44.34 -14.57
CA ASN B 116 -17.21 -45.53 -15.12
C ASN B 116 -16.02 -45.14 -16.00
N LEU B 117 -15.02 -44.58 -15.35
CA LEU B 117 -13.73 -44.34 -15.96
C LEU B 117 -12.78 -45.43 -15.49
N GLY B 118 -11.95 -45.93 -16.40
CA GLY B 118 -10.94 -46.88 -16.03
C GLY B 118 -9.72 -46.12 -15.56
N SER B 119 -9.17 -46.55 -14.44
CA SER B 119 -8.00 -45.91 -13.90
C SER B 119 -7.09 -46.99 -13.37
N GLY B 120 -5.81 -46.86 -13.68
CA GLY B 120 -4.83 -47.84 -13.26
C GLY B 120 -4.33 -47.66 -11.85
N THR B 121 -3.15 -48.24 -11.62
CA THR B 121 -2.43 -48.19 -10.36
C THR B 121 -1.14 -47.39 -10.52
N GLY B 122 -1.11 -46.49 -11.51
CA GLY B 122 0.03 -45.63 -11.70
C GLY B 122 0.00 -44.44 -10.76
N LYS B 123 1.18 -44.00 -10.36
CA LYS B 123 1.35 -43.03 -9.29
C LYS B 123 2.54 -42.14 -9.59
N ALA B 124 2.29 -40.83 -9.73
CA ALA B 124 3.34 -39.86 -9.99
C ALA B 124 3.46 -38.90 -8.81
N ILE B 125 4.68 -38.78 -8.26
CA ILE B 125 4.89 -37.98 -7.07
C ILE B 125 4.79 -36.50 -7.44
N GLU B 126 4.14 -35.73 -6.56
CA GLU B 126 3.88 -34.32 -6.79
C GLU B 126 4.65 -33.47 -5.78
N ALA B 127 4.27 -32.20 -5.66
CA ALA B 127 4.90 -31.26 -4.75
C ALA B 127 4.17 -31.20 -3.43
N GLN B 128 4.87 -30.67 -2.42
CA GLN B 128 4.34 -30.51 -1.08
C GLN B 128 3.28 -29.42 -1.00
N PRO B 129 2.44 -29.48 0.03
CA PRO B 129 1.53 -28.38 0.34
C PRO B 129 2.29 -27.21 0.93
N PRO B 130 1.75 -25.99 0.82
CA PRO B 130 2.39 -24.83 1.49
C PRO B 130 2.65 -25.07 2.96
N SER B 131 3.86 -24.71 3.39
CA SER B 131 4.39 -25.03 4.72
C SER B 131 3.49 -24.56 5.87
N LEU B 132 3.27 -25.46 6.83
CA LEU B 132 2.53 -25.07 8.03
C LEU B 132 3.26 -23.95 8.79
N VAL B 133 4.59 -24.03 8.88
CA VAL B 133 5.35 -23.05 9.68
C VAL B 133 5.31 -21.66 9.07
N GLN B 134 5.53 -21.54 7.76
CA GLN B 134 5.56 -20.23 7.14
C GLN B 134 4.19 -19.54 7.16
N THR B 135 3.10 -20.30 7.02
CA THR B 135 1.80 -19.65 7.12
C THR B 135 1.59 -19.08 8.53
N LEU B 136 2.05 -19.81 9.55
CA LEU B 136 1.95 -19.33 10.94
C LEU B 136 2.78 -18.07 11.16
N LEU B 137 4.04 -18.09 10.74
CA LEU B 137 4.85 -16.87 10.80
C LEU B 137 4.21 -15.75 10.01
N ASN B 138 3.53 -16.08 8.90
CA ASN B 138 2.90 -15.03 8.09
C ASN B 138 1.79 -14.33 8.84
N ILE B 139 1.33 -14.90 9.95
CA ILE B 139 0.31 -14.24 10.78
C ILE B 139 0.85 -12.93 11.36
N VAL B 140 2.10 -12.94 11.83
CA VAL B 140 2.78 -11.74 12.30
C VAL B 140 3.20 -10.92 11.09
N PRO B 141 2.62 -9.76 10.83
CA PRO B 141 3.03 -8.97 9.67
C PRO B 141 4.41 -8.39 9.87
N THR B 142 5.09 -8.11 8.76
CA THR B 142 6.35 -7.40 8.83
C THR B 142 6.20 -5.93 8.45
N ASN B 143 5.03 -5.55 7.94
CA ASN B 143 4.63 -4.18 7.68
C ASN B 143 3.10 -4.18 7.66
N PRO B 144 2.47 -3.53 8.67
CA PRO B 144 1.01 -3.59 8.76
C PRO B 144 0.31 -2.73 7.73
N PHE B 145 0.93 -1.59 7.36
CA PHE B 145 0.42 -0.82 6.24
C PHE B 145 0.35 -1.67 4.99
N ALA B 146 1.37 -2.53 4.80
CA ALA B 146 1.44 -3.43 3.65
C ALA B 146 0.38 -4.52 3.71
N SER B 147 0.20 -5.15 4.87
CA SER B 147 -0.86 -6.14 5.00
C SER B 147 -2.21 -5.50 4.76
N LEU B 148 -2.38 -4.26 5.21
CA LEU B 148 -3.61 -3.53 4.94
C LEU B 148 -3.82 -3.36 3.45
N ALA B 149 -2.79 -2.85 2.75
CA ALA B 149 -2.93 -2.56 1.33
C ALA B 149 -3.21 -3.82 0.52
N LYS B 150 -2.62 -4.95 0.93
CA LYS B 150 -2.80 -6.27 0.33
C LYS B 150 -4.04 -7.01 0.78
N GLY B 151 -4.83 -6.47 1.71
CA GLY B 151 -6.02 -7.19 2.12
C GLY B 151 -5.79 -8.47 2.92
N GLU B 152 -4.63 -8.62 3.57
CA GLU B 152 -4.31 -9.82 4.33
C GLU B 152 -5.00 -9.78 5.71
N VAL B 153 -6.05 -10.58 5.90
CA VAL B 153 -6.84 -10.47 7.12
C VAL B 153 -6.05 -10.90 8.36
N LEU B 154 -5.51 -12.13 8.38
CA LEU B 154 -4.85 -12.64 9.58
C LEU B 154 -3.78 -11.70 10.15
N PRO B 155 -2.86 -11.13 9.35
CA PRO B 155 -1.88 -10.19 9.95
C PRO B 155 -2.54 -8.94 10.50
N VAL B 156 -3.62 -8.48 9.86
CA VAL B 156 -4.39 -7.37 10.40
C VAL B 156 -5.01 -7.73 11.75
N ILE B 157 -5.61 -8.92 11.87
CA ILE B 157 -6.13 -9.34 13.18
C ILE B 157 -5.03 -9.26 14.22
N PHE B 158 -3.88 -9.84 13.91
CA PHE B 158 -2.79 -9.83 14.87
C PHE B 158 -2.43 -8.40 15.27
N PHE B 159 -2.23 -7.52 14.28
CA PHE B 159 -1.82 -6.15 14.60
C PHE B 159 -2.90 -5.42 15.41
N ALA B 160 -4.17 -5.62 15.06
CA ALA B 160 -5.27 -4.93 15.71
C ALA B 160 -5.37 -5.34 17.17
N ILE B 161 -5.23 -6.64 17.45
CA ILE B 161 -5.26 -7.11 18.83
C ILE B 161 -4.09 -6.54 19.65
N ILE B 162 -2.88 -6.61 19.10
CA ILE B 162 -1.75 -6.03 19.81
C ILE B 162 -2.01 -4.55 20.10
N LEU B 163 -2.59 -3.83 19.14
CA LEU B 163 -2.76 -2.39 19.27
C LEU B 163 -3.79 -2.03 20.33
N GLY B 164 -4.94 -2.71 20.32
CA GLY B 164 -5.96 -2.46 21.34
C GLY B 164 -5.46 -2.76 22.75
N ILE B 165 -4.79 -3.90 22.92
CA ILE B 165 -4.22 -4.21 24.22
C ILE B 165 -3.28 -3.09 24.68
N ALA B 166 -2.41 -2.62 23.78
CA ALA B 166 -1.51 -1.52 24.14
C ALA B 166 -2.31 -0.28 24.55
N ILE B 167 -3.43 -0.04 23.85
CA ILE B 167 -4.19 1.17 24.07
C ILE B 167 -4.78 1.18 25.48
N THR B 168 -5.37 0.07 25.92
CA THR B 168 -5.91 0.10 27.29
C THR B 168 -4.80 0.20 28.33
N TYR B 169 -3.71 -0.55 28.19
CA TYR B 169 -2.61 -0.37 29.15
C TYR B 169 -2.14 1.08 29.18
N LEU B 170 -2.23 1.80 28.05
CA LEU B 170 -1.88 3.22 28.06
C LEU B 170 -2.95 4.06 28.75
N MET B 171 -4.22 3.68 28.61
CA MET B 171 -5.29 4.43 29.23
C MET B 171 -5.32 4.28 30.75
N ASN B 172 -4.62 3.28 31.29
CA ASN B 172 -4.49 3.11 32.73
C ASN B 172 -3.16 3.61 33.26
N ARG B 173 -2.64 4.71 32.75
CA ARG B 173 -1.39 5.28 33.22
C ARG B 173 -1.63 6.45 34.16
N ASN B 174 -0.56 6.88 34.84
CA ASN B 174 -0.72 8.00 35.78
C ASN B 174 -0.73 9.34 35.05
N GLU B 175 0.13 9.51 34.03
CA GLU B 175 0.22 10.79 33.32
C GLU B 175 -1.05 11.02 32.52
N GLU B 176 -1.56 12.25 32.54
CA GLU B 176 -2.81 12.46 31.83
C GLU B 176 -2.62 12.64 30.33
N ARG B 177 -1.47 13.20 29.89
CA ARG B 177 -1.24 13.37 28.46
C ARG B 177 -1.26 12.02 27.74
N VAL B 178 -0.70 10.98 28.37
CA VAL B 178 -0.68 9.65 27.80
C VAL B 178 -2.10 9.11 27.66
N ARG B 179 -2.88 9.21 28.72
CA ARG B 179 -4.28 8.76 28.69
C ARG B 179 -5.04 9.47 27.58
N LYS B 180 -4.87 10.79 27.46
CA LYS B 180 -5.64 11.56 26.49
C LYS B 180 -5.21 11.22 25.06
N SER B 181 -3.90 10.99 24.84
CA SER B 181 -3.40 10.52 23.57
C SER B 181 -4.05 9.19 23.19
N ALA B 182 -3.92 8.20 24.08
CA ALA B 182 -4.48 6.89 23.80
C ALA B 182 -5.99 6.94 23.59
N GLU B 183 -6.68 7.81 24.35
CA GLU B 183 -8.12 7.95 24.27
C GLU B 183 -8.54 8.54 22.92
N THR B 184 -7.79 9.54 22.44
CA THR B 184 -8.04 10.07 21.10
C THR B 184 -7.83 9.00 20.03
N LEU B 185 -6.75 8.23 20.14
CA LEU B 185 -6.51 7.19 19.15
C LEU B 185 -7.68 6.21 19.10
N LEU B 186 -8.13 5.80 20.27
CA LEU B 186 -9.26 4.88 20.32
C LEU B 186 -10.52 5.53 19.75
N ARG B 187 -10.71 6.84 19.97
CA ARG B 187 -11.89 7.49 19.43
CA ARG B 187 -11.88 7.51 19.43
C ARG B 187 -11.85 7.50 17.91
N VAL B 188 -10.66 7.67 17.33
CA VAL B 188 -10.52 7.64 15.87
C VAL B 188 -10.95 6.27 15.33
N PHE B 189 -10.49 5.21 15.99
CA PHE B 189 -10.90 3.86 15.56
C PHE B 189 -12.39 3.61 15.78
N ASP B 190 -12.95 4.15 16.87
CA ASP B 190 -14.37 3.95 17.18
C ASP B 190 -15.26 4.65 16.16
N GLY B 191 -14.90 5.88 15.80
CA GLY B 191 -15.64 6.56 14.75
C GLY B 191 -15.54 5.86 13.40
N LEU B 192 -14.34 5.39 13.03
CA LEU B 192 -14.20 4.68 11.78
C LEU B 192 -15.09 3.43 11.75
N ALA B 193 -15.12 2.68 12.86
CA ALA B 193 -15.97 1.49 12.88
C ALA B 193 -17.46 1.84 12.80
N GLU B 194 -17.88 2.87 13.54
CA GLU B 194 -19.29 3.29 13.47
C GLU B 194 -19.68 3.68 12.05
N ALA B 195 -18.83 4.45 11.38
CA ALA B 195 -19.10 4.80 10.00
C ALA B 195 -19.17 3.56 9.09
N MET B 196 -18.26 2.58 9.29
CA MET B 196 -18.33 1.40 8.43
C MET B 196 -19.66 0.70 8.58
N TYR B 197 -20.14 0.55 9.82
CA TYR B 197 -21.41 -0.17 9.99
C TYR B 197 -22.57 0.63 9.41
N LEU B 198 -22.54 1.95 9.58
CA LEU B 198 -23.53 2.82 8.94
C LEU B 198 -23.59 2.53 7.45
N ILE B 199 -22.42 2.50 6.80
CA ILE B 199 -22.37 2.30 5.37
C ILE B 199 -22.87 0.91 5.00
N VAL B 200 -22.55 -0.10 5.82
CA VAL B 200 -23.05 -1.45 5.54
C VAL B 200 -24.55 -1.43 5.43
N GLY B 201 -25.20 -0.77 6.40
CA GLY B 201 -26.66 -0.66 6.35
C GLY B 201 -27.14 0.05 5.10
N GLY B 202 -26.39 1.06 4.65
CA GLY B 202 -26.76 1.71 3.40
C GLY B 202 -26.66 0.77 2.21
N VAL B 203 -25.61 -0.04 2.17
CA VAL B 203 -25.40 -0.96 1.06
C VAL B 203 -26.45 -2.07 1.08
N MET B 204 -26.95 -2.45 2.26
CA MET B 204 -27.99 -3.47 2.26
C MET B 204 -29.28 -2.98 1.61
N GLN B 205 -29.41 -1.67 1.38
CA GLN B 205 -30.56 -1.16 0.64
C GLN B 205 -30.46 -1.52 -0.84
N TYR B 206 -29.25 -1.48 -1.38
CA TYR B 206 -28.99 -1.90 -2.75
C TYR B 206 -28.85 -3.41 -2.86
N ALA B 207 -28.73 -4.11 -1.72
CA ALA B 207 -28.51 -5.55 -1.73
C ALA B 207 -29.49 -6.36 -2.58
N PRO B 208 -30.81 -6.11 -2.57
CA PRO B 208 -31.71 -6.96 -3.38
C PRO B 208 -31.40 -6.97 -4.87
N ILE B 209 -31.09 -5.82 -5.47
CA ILE B 209 -30.72 -5.78 -6.88
C ILE B 209 -29.54 -6.70 -7.14
N GLY B 210 -28.44 -6.48 -6.42
CA GLY B 210 -27.24 -7.27 -6.63
C GLY B 210 -27.45 -8.74 -6.37
N VAL B 211 -28.27 -9.08 -5.35
CA VAL B 211 -28.57 -10.49 -5.08
C VAL B 211 -29.23 -11.11 -6.30
N PHE B 212 -30.26 -10.43 -6.81
CA PHE B 212 -30.92 -10.86 -8.04
C PHE B 212 -29.90 -11.11 -9.15
N ALA B 213 -29.02 -10.15 -9.40
CA ALA B 213 -28.11 -10.24 -10.54
C ALA B 213 -27.12 -11.39 -10.37
N LEU B 214 -26.52 -11.52 -9.19
CA LEU B 214 -25.55 -12.58 -8.97
C LEU B 214 -26.19 -13.95 -9.13
N ILE B 215 -27.35 -14.18 -8.48
CA ILE B 215 -27.98 -15.48 -8.61
C ILE B 215 -28.40 -15.73 -10.04
N ALA B 216 -28.77 -14.68 -10.78
CA ALA B 216 -29.17 -14.85 -12.17
C ALA B 216 -28.00 -15.27 -13.05
N TYR B 217 -26.84 -14.62 -12.88
CA TYR B 217 -25.68 -15.00 -13.66
C TYR B 217 -25.24 -16.43 -13.35
N VAL B 218 -25.26 -16.82 -12.08
CA VAL B 218 -24.84 -18.17 -11.74
C VAL B 218 -25.81 -19.21 -12.30
N MET B 219 -27.12 -18.96 -12.18
CA MET B 219 -28.08 -19.91 -12.75
C MET B 219 -27.99 -19.97 -14.27
N ALA B 220 -27.73 -18.82 -14.90
CA ALA B 220 -27.72 -18.80 -16.36
C ALA B 220 -26.49 -19.53 -16.89
N GLU B 221 -25.33 -19.35 -16.27
CA GLU B 221 -24.14 -20.02 -16.76
C GLU B 221 -24.10 -21.49 -16.38
N GLN B 222 -24.67 -21.87 -15.22
CA GLN B 222 -24.50 -23.24 -14.71
C GLN B 222 -25.81 -23.99 -14.48
N GLY B 223 -26.95 -23.44 -14.87
CA GLY B 223 -28.19 -24.18 -14.73
C GLY B 223 -28.23 -25.40 -15.63
N VAL B 224 -27.82 -25.22 -16.90
CA VAL B 224 -27.87 -26.31 -17.90
C VAL B 224 -27.02 -27.51 -17.47
N ARG B 225 -25.97 -27.27 -16.67
CA ARG B 225 -25.04 -28.32 -16.27
C ARG B 225 -25.50 -29.14 -15.07
N VAL B 226 -26.61 -28.81 -14.42
CA VAL B 226 -27.05 -29.62 -13.30
C VAL B 226 -27.90 -30.73 -13.88
N VAL B 227 -27.27 -31.70 -14.55
CA VAL B 227 -27.93 -32.87 -15.11
C VAL B 227 -27.01 -34.07 -14.89
N GLY B 228 -27.60 -35.24 -14.83
CA GLY B 228 -26.82 -36.45 -14.75
C GLY B 228 -26.03 -36.56 -13.45
N PRO B 229 -24.82 -37.09 -13.56
CA PRO B 229 -24.01 -37.32 -12.35
C PRO B 229 -23.69 -36.05 -11.57
N LEU B 230 -23.48 -34.93 -12.25
CA LEU B 230 -23.24 -33.69 -11.52
C LEU B 230 -24.48 -33.18 -10.82
N ALA B 231 -25.67 -33.47 -11.37
CA ALA B 231 -26.90 -33.17 -10.65
C ALA B 231 -26.98 -33.95 -9.35
N LYS B 232 -26.62 -35.24 -9.39
CA LYS B 232 -26.55 -36.03 -8.17
C LYS B 232 -25.53 -35.45 -7.20
N VAL B 233 -24.43 -34.88 -7.73
CA VAL B 233 -23.46 -34.21 -6.86
C VAL B 233 -24.09 -33.00 -6.17
N VAL B 234 -24.83 -32.18 -6.93
CA VAL B 234 -25.47 -30.99 -6.38
C VAL B 234 -26.47 -31.37 -5.31
N GLY B 235 -27.26 -32.41 -5.57
CA GLY B 235 -28.21 -32.88 -4.57
C GLY B 235 -27.51 -33.32 -3.29
N ALA B 236 -26.43 -34.10 -3.44
CA ALA B 236 -25.70 -34.56 -2.26
C ALA B 236 -25.12 -33.38 -1.47
N VAL B 237 -24.44 -32.46 -2.15
CA VAL B 237 -23.80 -31.37 -1.44
C VAL B 237 -24.83 -30.51 -0.71
N TYR B 238 -25.96 -30.20 -1.36
CA TYR B 238 -26.94 -29.34 -0.72
C TYR B 238 -27.64 -30.05 0.44
N THR B 239 -27.98 -31.34 0.28
CA THR B 239 -28.48 -32.11 1.41
C THR B 239 -27.49 -32.09 2.57
N GLY B 240 -26.21 -32.28 2.27
CA GLY B 240 -25.22 -32.32 3.33
C GLY B 240 -25.06 -31.02 4.08
N LEU B 241 -24.99 -29.90 3.35
CA LEU B 241 -24.95 -28.59 4.00
C LEU B 241 -26.17 -28.39 4.89
N PHE B 242 -27.36 -28.74 4.37
CA PHE B 242 -28.58 -28.66 5.15
C PHE B 242 -28.45 -29.48 6.43
N LEU B 243 -27.81 -30.66 6.36
CA LEU B 243 -27.65 -31.47 7.56
C LEU B 243 -26.68 -30.82 8.55
N GLN B 244 -25.57 -30.27 8.03
CA GLN B 244 -24.63 -29.56 8.89
C GLN B 244 -25.32 -28.43 9.63
N ILE B 245 -26.27 -27.76 8.99
CA ILE B 245 -26.99 -26.68 9.67
C ILE B 245 -27.97 -27.26 10.68
N VAL B 246 -28.84 -28.16 10.23
CA VAL B 246 -29.96 -28.61 11.04
C VAL B 246 -29.55 -29.66 12.06
N ILE B 247 -28.43 -30.36 11.89
CA ILE B 247 -28.04 -31.28 12.95
C ILE B 247 -26.90 -30.64 13.75
N THR B 248 -25.74 -30.44 13.15
CA THR B 248 -24.59 -29.99 13.93
C THR B 248 -24.83 -28.62 14.58
N TYR B 249 -25.31 -27.65 13.79
CA TYR B 249 -25.52 -26.32 14.36
C TYR B 249 -26.70 -26.28 15.31
N PHE B 250 -27.83 -26.85 14.92
CA PHE B 250 -28.98 -26.79 15.82
C PHE B 250 -28.72 -27.57 17.10
N ILE B 251 -28.05 -28.72 17.00
CA ILE B 251 -27.81 -29.49 18.22
C ILE B 251 -26.80 -28.77 19.11
N LEU B 252 -25.77 -28.15 18.50
CA LEU B 252 -24.81 -27.40 19.32
C LEU B 252 -25.43 -26.15 19.93
N LEU B 253 -26.36 -25.48 19.23
CA LEU B 253 -27.02 -24.33 19.84
C LEU B 253 -28.00 -24.75 20.94
N LYS B 254 -28.72 -25.86 20.76
CA LYS B 254 -29.59 -26.31 21.82
C LYS B 254 -28.79 -26.74 23.04
N VAL B 255 -27.63 -27.37 22.83
CA VAL B 255 -26.80 -27.82 23.94
C VAL B 255 -26.35 -26.62 24.79
N PHE B 256 -25.92 -25.54 24.14
CA PHE B 256 -25.48 -24.32 24.84
C PHE B 256 -26.61 -23.32 25.04
N GLY B 257 -27.86 -23.71 24.87
CA GLY B 257 -28.96 -22.83 25.24
C GLY B 257 -29.22 -21.62 24.36
N ILE B 258 -29.07 -21.76 23.04
CA ILE B 258 -29.51 -20.72 22.12
C ILE B 258 -30.62 -21.29 21.25
N ASP B 259 -31.71 -20.53 21.12
CA ASP B 259 -32.85 -20.89 20.28
C ASP B 259 -32.41 -21.00 18.83
N PRO B 260 -32.46 -22.19 18.24
CA PRO B 260 -31.95 -22.35 16.87
C PRO B 260 -32.73 -21.56 15.83
N ILE B 261 -34.05 -21.41 15.99
CA ILE B 261 -34.82 -20.73 14.94
C ILE B 261 -34.55 -19.23 14.96
N LYS B 262 -34.52 -18.61 16.16
CA LYS B 262 -34.16 -17.20 16.24
C LYS B 262 -32.78 -16.94 15.65
N PHE B 263 -31.84 -17.85 15.90
CA PHE B 263 -30.52 -17.72 15.31
C PHE B 263 -30.60 -17.66 13.79
N ILE B 264 -31.33 -18.61 13.20
CA ILE B 264 -31.42 -18.65 11.74
C ILE B 264 -32.08 -17.38 11.21
N ARG B 265 -33.17 -16.96 11.86
CA ARG B 265 -33.85 -15.74 11.43
C ARG B 265 -32.94 -14.53 11.46
N LYS B 266 -32.10 -14.41 12.50
CA LYS B 266 -31.22 -13.25 12.60
C LYS B 266 -30.09 -13.33 11.58
N ALA B 267 -29.58 -14.54 11.35
CA ALA B 267 -28.44 -14.70 10.45
C ALA B 267 -28.83 -14.61 8.97
N LYS B 268 -30.12 -14.72 8.63
CA LYS B 268 -30.59 -14.71 7.25
C LYS B 268 -29.91 -13.70 6.33
N ASP B 269 -29.64 -12.48 6.80
CA ASP B 269 -29.02 -11.51 5.90
C ASP B 269 -27.59 -11.93 5.59
N ALA B 270 -26.83 -12.30 6.61
CA ALA B 270 -25.49 -12.81 6.38
C ALA B 270 -25.52 -14.04 5.47
N MET B 271 -26.52 -14.91 5.69
CA MET B 271 -26.63 -16.15 4.94
C MET B 271 -26.84 -15.90 3.45
N ILE B 272 -27.84 -15.07 3.11
CA ILE B 272 -28.11 -14.80 1.71
C ILE B 272 -26.96 -14.04 1.07
N THR B 273 -26.38 -13.07 1.80
CA THR B 273 -25.26 -12.33 1.23
C THR B 273 -24.10 -13.25 0.90
N ALA B 274 -23.77 -14.17 1.82
CA ALA B 274 -22.70 -15.12 1.54
C ALA B 274 -23.06 -16.04 0.37
N PHE B 275 -24.33 -16.47 0.31
CA PHE B 275 -24.76 -17.38 -0.74
C PHE B 275 -24.68 -16.75 -2.13
N VAL B 276 -24.89 -15.45 -2.24
CA VAL B 276 -24.84 -14.86 -3.58
C VAL B 276 -23.47 -14.27 -3.91
N THR B 277 -22.67 -13.90 -2.92
CA THR B 277 -21.35 -13.37 -3.24
C THR B 277 -20.27 -14.44 -3.29
N ARG B 278 -20.56 -15.64 -2.77
CA ARG B 278 -19.67 -16.79 -2.75
C ARG B 278 -18.29 -16.44 -2.18
N SER B 279 -18.14 -15.27 -1.56
CA SER B 279 -16.92 -14.88 -0.86
C SER B 279 -17.27 -14.68 0.60
N SER B 280 -16.71 -15.53 1.47
CA SER B 280 -17.05 -15.39 2.88
C SER B 280 -16.36 -14.16 3.47
N SER B 281 -15.13 -13.86 3.04
CA SER B 281 -14.42 -12.67 3.53
C SER B 281 -15.15 -11.38 3.15
N GLY B 282 -15.83 -11.36 2.01
CA GLY B 282 -16.55 -10.17 1.57
C GLY B 282 -17.94 -10.02 2.15
N THR B 283 -18.50 -11.08 2.71
CA THR B 283 -19.73 -10.96 3.48
C THR B 283 -19.48 -10.45 4.91
N LEU B 284 -18.20 -10.40 5.33
CA LEU B 284 -17.82 -9.93 6.66
C LEU B 284 -18.56 -8.70 7.19
N PRO B 285 -18.71 -7.61 6.43
CA PRO B 285 -19.43 -6.45 7.00
C PRO B 285 -20.84 -6.80 7.39
N VAL B 286 -21.56 -7.52 6.52
CA VAL B 286 -22.90 -7.94 6.85
C VAL B 286 -22.89 -8.88 8.04
N THR B 287 -21.91 -9.80 8.08
CA THR B 287 -21.90 -10.76 9.18
C THR B 287 -21.67 -10.08 10.53
N MET B 288 -20.73 -9.15 10.58
CA MET B 288 -20.44 -8.43 11.82
C MET B 288 -21.62 -7.55 12.20
N ARG B 289 -22.27 -6.92 11.22
CA ARG B 289 -23.46 -6.15 11.53
C ARG B 289 -24.55 -7.04 12.10
N VAL B 290 -24.70 -8.26 11.59
CA VAL B 290 -25.70 -9.16 12.13
C VAL B 290 -25.32 -9.60 13.53
N ALA B 291 -24.04 -9.84 13.78
CA ALA B 291 -23.62 -10.23 15.11
C ALA B 291 -23.97 -9.15 16.14
N GLU B 292 -23.74 -7.88 15.79
CA GLU B 292 -23.97 -6.79 16.73
C GLU B 292 -25.44 -6.38 16.81
N GLU B 293 -26.04 -6.01 15.69
CA GLU B 293 -27.34 -5.36 15.67
C GLU B 293 -28.48 -6.33 15.43
N GLU B 294 -28.26 -7.63 15.62
CA GLU B 294 -29.33 -8.61 15.50
C GLU B 294 -29.20 -9.66 16.59
N MET B 295 -27.97 -10.07 16.90
CA MET B 295 -27.74 -11.11 17.89
C MET B 295 -27.21 -10.59 19.21
N GLY B 296 -26.93 -9.30 19.32
CA GLY B 296 -26.46 -8.78 20.59
C GLY B 296 -25.19 -9.45 21.07
N VAL B 297 -24.32 -9.83 20.16
CA VAL B 297 -23.00 -10.35 20.51
C VAL B 297 -22.11 -9.16 20.85
N ASP B 298 -21.28 -9.33 21.86
CA ASP B 298 -20.36 -8.27 22.26
C ASP B 298 -19.28 -8.07 21.21
N LYS B 299 -18.87 -6.81 20.99
CA LYS B 299 -17.84 -6.51 19.99
C LYS B 299 -16.54 -7.23 20.31
N GLY B 300 -16.20 -7.36 21.59
CA GLY B 300 -14.96 -8.04 21.94
C GLY B 300 -14.94 -9.52 21.62
N ILE B 301 -16.08 -10.12 21.27
CA ILE B 301 -16.08 -11.51 20.83
C ILE B 301 -16.10 -11.56 19.30
N PHE B 302 -17.13 -10.96 18.68
CA PHE B 302 -17.25 -11.16 17.26
C PHE B 302 -16.17 -10.43 16.48
N SER B 303 -15.66 -9.29 16.96
CA SER B 303 -14.65 -8.58 16.18
C SER B 303 -13.36 -9.40 16.05
N PHE B 304 -13.18 -10.40 16.89
CA PHE B 304 -12.07 -11.33 16.71
C PHE B 304 -12.51 -12.62 16.03
N THR B 305 -13.60 -13.22 16.48
CA THR B 305 -13.92 -14.53 15.94
C THR B 305 -14.42 -14.48 14.49
N LEU B 306 -15.08 -13.39 14.06
CA LEU B 306 -15.70 -13.45 12.74
C LEU B 306 -14.69 -13.33 11.59
N PRO B 307 -13.71 -12.42 11.65
CA PRO B 307 -12.68 -12.45 10.60
C PRO B 307 -11.80 -13.70 10.67
N LEU B 308 -11.42 -14.12 11.88
CA LEU B 308 -10.73 -15.38 12.01
C LEU B 308 -11.54 -16.51 11.40
N GLY B 309 -12.87 -16.47 11.58
CA GLY B 309 -13.71 -17.54 11.03
C GLY B 309 -13.86 -17.47 9.53
N ALA B 310 -13.94 -16.25 8.97
CA ALA B 310 -13.94 -16.13 7.51
C ALA B 310 -12.67 -16.72 6.94
N THR B 311 -11.58 -16.64 7.69
CA THR B 311 -10.33 -17.13 7.14
C THR B 311 -10.07 -18.61 7.36
N ILE B 312 -10.42 -19.19 8.50
CA ILE B 312 -9.97 -20.57 8.74
C ILE B 312 -11.11 -21.51 9.08
N ASN B 313 -12.36 -21.11 8.92
CA ASN B 313 -13.47 -21.99 9.31
C ASN B 313 -14.49 -22.12 8.18
N MET B 314 -14.34 -23.16 7.36
CA MET B 314 -15.21 -23.41 6.21
C MET B 314 -15.84 -24.80 6.31
N ASP B 315 -16.92 -24.90 7.08
CA ASP B 315 -17.65 -26.17 7.12
C ASP B 315 -18.15 -26.55 5.73
N GLY B 316 -18.68 -25.58 4.98
CA GLY B 316 -19.22 -25.89 3.67
C GLY B 316 -18.17 -26.46 2.73
N THR B 317 -17.00 -25.83 2.67
CA THR B 317 -15.89 -26.36 1.89
C THR B 317 -15.50 -27.76 2.35
N ALA B 318 -15.52 -28.00 3.66
CA ALA B 318 -15.14 -29.32 4.16
C ALA B 318 -16.13 -30.39 3.72
N LEU B 319 -17.42 -30.09 3.80
CA LEU B 319 -18.44 -31.02 3.32
C LEU B 319 -18.29 -31.25 1.81
N TYR B 320 -18.05 -30.17 1.06
CA TYR B 320 -17.86 -30.28 -0.39
C TYR B 320 -16.66 -31.16 -0.70
N GLN B 321 -15.57 -31.00 0.04
CA GLN B 321 -14.43 -31.87 -0.20
C GLN B 321 -14.79 -33.33 0.07
N GLY B 322 -15.54 -33.60 1.14
CA GLY B 322 -15.97 -34.97 1.39
C GLY B 322 -16.78 -35.55 0.23
N VAL B 323 -17.69 -34.75 -0.33
CA VAL B 323 -18.51 -35.25 -1.43
C VAL B 323 -17.64 -35.46 -2.67
N THR B 324 -16.76 -34.50 -3.01
CA THR B 324 -16.03 -34.63 -4.27
C THR B 324 -14.93 -35.70 -4.18
N VAL B 325 -14.35 -35.93 -3.00
CA VAL B 325 -13.39 -37.03 -2.92
C VAL B 325 -14.11 -38.37 -3.10
N LEU B 326 -15.30 -38.54 -2.50
CA LEU B 326 -16.06 -39.75 -2.84
C LEU B 326 -16.43 -39.80 -4.31
N PHE B 327 -16.79 -38.66 -4.90
CA PHE B 327 -17.20 -38.65 -6.29
C PHE B 327 -16.07 -39.14 -7.19
N VAL B 328 -14.87 -38.58 -7.00
CA VAL B 328 -13.72 -38.97 -7.81
C VAL B 328 -13.38 -40.44 -7.58
N ALA B 329 -13.38 -40.88 -6.32
CA ALA B 329 -13.02 -42.28 -6.06
C ALA B 329 -13.99 -43.22 -6.75
N ASN B 330 -15.29 -42.92 -6.70
CA ASN B 330 -16.26 -43.81 -7.33
C ASN B 330 -16.22 -43.72 -8.86
N ALA B 331 -15.89 -42.54 -9.40
CA ALA B 331 -15.99 -42.36 -10.85
C ALA B 331 -14.89 -43.11 -11.56
N ILE B 332 -13.69 -43.16 -10.97
CA ILE B 332 -12.62 -43.93 -11.57
C ILE B 332 -12.66 -45.39 -11.15
N GLY B 333 -13.56 -45.76 -10.24
CA GLY B 333 -13.81 -47.16 -9.97
C GLY B 333 -13.11 -47.75 -8.78
N HIS B 334 -12.52 -46.93 -7.91
CA HIS B 334 -11.85 -47.40 -6.70
C HIS B 334 -12.51 -46.77 -5.47
N PRO B 335 -13.59 -47.36 -4.95
CA PRO B 335 -14.21 -46.78 -3.75
C PRO B 335 -13.22 -46.82 -2.59
N LEU B 336 -13.38 -45.85 -1.68
CA LEU B 336 -12.41 -45.65 -0.61
C LEU B 336 -12.67 -46.56 0.57
N THR B 337 -11.60 -47.12 1.13
CA THR B 337 -11.71 -47.89 2.37
C THR B 337 -11.96 -46.94 3.55
N LEU B 338 -12.52 -47.50 4.61
CA LEU B 338 -12.87 -46.72 5.79
C LEU B 338 -11.69 -45.90 6.31
N GLY B 339 -10.54 -46.56 6.53
CA GLY B 339 -9.37 -45.85 7.00
C GLY B 339 -8.94 -44.73 6.08
N GLN B 340 -9.17 -44.89 4.78
CA GLN B 340 -8.93 -43.81 3.84
C GLN B 340 -9.85 -42.61 4.12
N GLN B 341 -11.11 -42.87 4.47
CA GLN B 341 -12.01 -41.77 4.79
C GLN B 341 -11.58 -41.06 6.07
N LEU B 342 -11.10 -41.82 7.06
CA LEU B 342 -10.52 -41.23 8.26
C LEU B 342 -9.33 -40.34 7.90
N VAL B 343 -8.45 -40.84 7.03
CA VAL B 343 -7.30 -40.06 6.57
C VAL B 343 -7.78 -38.79 5.87
N VAL B 344 -8.91 -38.89 5.17
CA VAL B 344 -9.52 -37.73 4.52
C VAL B 344 -9.94 -36.69 5.56
N VAL B 345 -10.62 -37.13 6.63
CA VAL B 345 -11.11 -36.20 7.66
C VAL B 345 -9.93 -35.50 8.35
N LEU B 346 -8.97 -36.31 8.82
CA LEU B 346 -7.77 -35.73 9.44
C LEU B 346 -7.09 -34.74 8.50
N THR B 347 -6.90 -35.13 7.22
CA THR B 347 -6.17 -34.28 6.29
C THR B 347 -6.95 -33.02 5.92
N ALA B 348 -8.28 -33.10 5.84
CA ALA B 348 -9.07 -31.93 5.52
C ALA B 348 -8.97 -30.87 6.63
N VAL B 349 -9.06 -31.29 7.89
CA VAL B 349 -8.91 -30.33 8.99
C VAL B 349 -7.50 -29.74 9.01
N LEU B 350 -6.48 -30.61 9.03
CA LEU B 350 -5.12 -30.08 9.04
C LEU B 350 -4.84 -29.17 7.85
N ALA B 351 -5.49 -29.41 6.70
CA ALA B 351 -5.24 -28.62 5.50
C ALA B 351 -5.98 -27.30 5.55
N SER B 352 -7.08 -27.22 6.31
CA SER B 352 -7.67 -25.92 6.59
C SER B 352 -6.75 -25.07 7.45
N ILE B 353 -6.07 -25.69 8.42
CA ILE B 353 -5.09 -24.94 9.21
C ILE B 353 -3.89 -24.54 8.36
N GLY B 354 -3.32 -25.49 7.60
CA GLY B 354 -2.09 -25.32 6.87
C GLY B 354 -2.17 -24.30 5.75
N THR B 355 -3.37 -24.06 5.23
CA THR B 355 -3.58 -23.13 4.13
C THR B 355 -4.14 -21.78 4.60
N ALA B 356 -4.11 -21.49 5.92
CA ALA B 356 -4.72 -20.32 6.56
C ALA B 356 -4.25 -18.98 6.00
N GLY B 357 -5.11 -18.31 5.23
CA GLY B 357 -4.76 -17.03 4.68
C GLY B 357 -4.07 -17.10 3.34
N VAL B 358 -3.74 -18.30 2.88
CA VAL B 358 -3.05 -18.51 1.60
C VAL B 358 -4.02 -18.19 0.45
N PRO B 359 -3.61 -17.42 -0.55
CA PRO B 359 -4.50 -17.17 -1.68
C PRO B 359 -4.73 -18.43 -2.49
N GLY B 360 -5.92 -18.54 -3.07
CA GLY B 360 -6.28 -19.74 -3.81
C GLY B 360 -6.30 -21.00 -2.97
N ALA B 361 -6.52 -20.85 -1.67
CA ALA B 361 -6.38 -21.98 -0.77
C ALA B 361 -7.41 -23.08 -1.02
N GLY B 362 -8.47 -22.79 -1.75
CA GLY B 362 -9.51 -23.78 -2.01
C GLY B 362 -9.00 -24.99 -2.75
N ALA B 363 -8.46 -24.73 -3.95
CA ALA B 363 -7.91 -25.82 -4.77
C ALA B 363 -6.71 -26.46 -4.08
N ILE B 364 -5.95 -25.68 -3.32
CA ILE B 364 -4.79 -26.24 -2.63
C ILE B 364 -5.24 -27.27 -1.61
N MET B 365 -6.28 -26.94 -0.85
CA MET B 365 -6.84 -27.91 0.09
C MET B 365 -7.39 -29.14 -0.63
N LEU B 366 -8.07 -28.92 -1.77
CA LEU B 366 -8.62 -30.06 -2.50
C LEU B 366 -7.53 -30.99 -3.00
N ALA B 367 -6.47 -30.42 -3.58
CA ALA B 367 -5.33 -31.21 -3.99
C ALA B 367 -4.73 -31.96 -2.80
N MET B 368 -4.65 -31.31 -1.63
CA MET B 368 -4.10 -31.98 -0.45
C MET B 368 -4.94 -33.19 -0.06
N VAL B 369 -6.26 -33.00 0.02
CA VAL B 369 -7.13 -34.09 0.45
C VAL B 369 -7.07 -35.24 -0.55
N LEU B 370 -7.10 -34.91 -1.85
CA LEU B 370 -7.02 -35.96 -2.86
C LEU B 370 -5.72 -36.74 -2.75
N GLN B 371 -4.59 -36.03 -2.75
CA GLN B 371 -3.28 -36.68 -2.63
C GLN B 371 -3.17 -37.54 -1.38
N SER B 372 -3.84 -37.17 -0.28
CA SER B 372 -3.68 -37.95 0.94
C SER B 372 -4.17 -39.39 0.80
N VAL B 373 -5.18 -39.64 -0.03
CA VAL B 373 -5.65 -41.01 -0.22
C VAL B 373 -5.20 -41.61 -1.54
N GLY B 374 -4.28 -40.95 -2.23
CA GLY B 374 -3.65 -41.56 -3.39
C GLY B 374 -4.41 -41.39 -4.68
N LEU B 375 -5.08 -40.27 -4.86
CA LEU B 375 -5.73 -39.92 -6.11
C LEU B 375 -4.96 -38.70 -6.57
N ASP B 376 -4.00 -38.89 -7.46
CA ASP B 376 -3.12 -37.80 -7.84
C ASP B 376 -3.66 -37.18 -9.10
N LEU B 377 -3.51 -35.86 -9.20
CA LEU B 377 -4.11 -35.07 -10.28
C LEU B 377 -3.19 -34.97 -11.45
N THR B 378 -2.52 -36.05 -11.83
CA THR B 378 -1.66 -36.02 -13.01
C THR B 378 -2.50 -35.63 -14.21
N PRO B 379 -2.06 -34.68 -15.01
CA PRO B 379 -2.86 -34.23 -16.16
C PRO B 379 -3.16 -35.38 -17.14
N GLY B 380 -4.36 -35.36 -17.71
CA GLY B 380 -4.76 -36.38 -18.64
C GLY B 380 -5.13 -37.70 -18.02
N SER B 381 -5.01 -37.83 -16.71
CA SER B 381 -5.44 -38.99 -15.98
C SER B 381 -6.95 -38.98 -15.77
N PRO B 382 -7.55 -40.14 -15.47
CA PRO B 382 -8.99 -40.15 -15.17
C PRO B 382 -9.34 -39.33 -13.94
N VAL B 383 -8.46 -39.32 -12.93
CA VAL B 383 -8.69 -38.52 -11.73
C VAL B 383 -8.77 -37.05 -12.08
N ALA B 384 -7.84 -36.58 -12.93
CA ALA B 384 -7.92 -35.21 -13.43
C ALA B 384 -9.25 -34.94 -14.13
N LEU B 385 -9.74 -35.95 -14.86
CA LEU B 385 -10.99 -35.81 -15.61
C LEU B 385 -12.18 -35.69 -14.69
N ALA B 386 -12.21 -36.51 -13.64
CA ALA B 386 -13.29 -36.44 -12.66
C ALA B 386 -13.29 -35.10 -11.95
N TYR B 387 -12.12 -34.62 -11.55
CA TYR B 387 -12.06 -33.29 -10.92
C TYR B 387 -12.55 -32.20 -11.89
N ALA B 388 -12.17 -32.29 -13.16
CA ALA B 388 -12.63 -31.33 -14.16
C ALA B 388 -14.14 -31.42 -14.36
N MET B 389 -14.71 -32.61 -14.22
CA MET B 389 -16.16 -32.73 -14.19
C MET B 389 -16.76 -31.88 -13.07
N ILE B 390 -16.23 -32.05 -11.85
CA ILE B 390 -16.81 -31.35 -10.71
C ILE B 390 -16.73 -29.84 -10.92
N LEU B 391 -15.56 -29.36 -11.36
CA LEU B 391 -15.39 -27.92 -11.53
C LEU B 391 -16.41 -27.30 -12.49
N GLY B 392 -17.11 -28.09 -13.29
CA GLY B 392 -18.12 -27.54 -14.16
C GLY B 392 -19.31 -26.97 -13.43
N ILE B 393 -19.51 -27.38 -12.19
CA ILE B 393 -20.63 -26.90 -11.39
C ILE B 393 -20.14 -26.15 -10.16
N ASP B 394 -18.90 -25.65 -10.21
CA ASP B 394 -18.30 -25.07 -9.02
C ASP B 394 -19.06 -23.85 -8.48
N ALA B 395 -19.76 -23.09 -9.32
CA ALA B 395 -20.47 -21.92 -8.81
C ALA B 395 -21.74 -22.32 -8.06
N ILE B 396 -22.52 -23.22 -8.66
CA ILE B 396 -23.69 -23.79 -8.01
C ILE B 396 -23.30 -24.35 -6.64
N LEU B 397 -22.14 -24.99 -6.55
CA LEU B 397 -21.69 -25.50 -5.27
C LEU B 397 -21.16 -24.38 -4.36
N ASP B 398 -20.49 -23.39 -4.95
CA ASP B 398 -19.84 -22.33 -4.18
C ASP B 398 -20.86 -21.53 -3.41
N MET B 399 -22.03 -21.29 -4.00
CA MET B 399 -23.09 -20.58 -3.27
C MET B 399 -23.36 -21.25 -1.93
N GLY B 400 -23.78 -22.52 -1.98
CA GLY B 400 -24.11 -23.20 -0.75
C GLY B 400 -22.94 -23.33 0.20
N ARG B 401 -21.76 -23.66 -0.32
CA ARG B 401 -20.67 -23.91 0.63
C ARG B 401 -20.22 -22.60 1.31
N THR B 402 -20.18 -21.48 0.58
CA THR B 402 -19.89 -20.20 1.23
C THR B 402 -20.95 -19.85 2.27
N MET B 403 -22.22 -20.13 1.96
CA MET B 403 -23.27 -19.87 2.93
C MET B 403 -23.02 -20.62 4.24
N VAL B 404 -22.75 -21.92 4.16
CA VAL B 404 -22.53 -22.69 5.40
C VAL B 404 -21.21 -22.29 6.07
N ASN B 405 -20.22 -21.82 5.30
CA ASN B 405 -19.00 -21.33 5.92
C ASN B 405 -19.30 -20.17 6.87
N VAL B 406 -20.02 -19.16 6.35
CA VAL B 406 -20.33 -17.98 7.16
C VAL B 406 -21.29 -18.31 8.31
N THR B 407 -22.34 -19.10 8.03
CA THR B 407 -23.28 -19.44 9.10
C THR B 407 -22.56 -20.14 10.25
N GLY B 408 -21.61 -21.01 9.93
CA GLY B 408 -20.83 -21.64 10.98
C GLY B 408 -20.11 -20.61 11.83
N ASP B 409 -19.48 -19.62 11.17
CA ASP B 409 -18.85 -18.54 11.93
C ASP B 409 -19.82 -17.91 12.93
N LEU B 410 -21.03 -17.58 12.46
CA LEU B 410 -22.00 -16.93 13.35
C LEU B 410 -22.37 -17.82 14.52
N ALA B 411 -22.62 -19.11 14.24
CA ALA B 411 -23.02 -20.02 15.31
C ALA B 411 -21.93 -20.14 16.38
N GLY B 412 -20.67 -20.21 15.95
CA GLY B 412 -19.59 -20.28 16.91
C GLY B 412 -19.44 -19.00 17.73
N THR B 413 -19.66 -17.85 17.09
CA THR B 413 -19.58 -16.58 17.82
C THR B 413 -20.68 -16.49 18.88
N VAL B 414 -21.90 -16.86 18.53
CA VAL B 414 -22.99 -16.78 19.49
C VAL B 414 -22.80 -17.79 20.62
N ILE B 415 -22.30 -19.00 20.31
CA ILE B 415 -22.07 -19.96 21.38
C ILE B 415 -20.97 -19.49 22.32
N VAL B 416 -19.81 -19.09 21.78
CA VAL B 416 -18.75 -18.59 22.65
C VAL B 416 -19.22 -17.41 23.48
N ALA B 417 -19.99 -16.50 22.89
CA ALA B 417 -20.49 -15.36 23.66
C ALA B 417 -21.37 -15.82 24.79
N LYS B 418 -22.27 -16.76 24.52
CA LYS B 418 -23.13 -17.30 25.56
C LYS B 418 -22.30 -17.90 26.69
N THR B 419 -21.19 -18.57 26.38
CA THR B 419 -20.41 -19.11 27.48
C THR B 419 -19.64 -18.04 28.23
N GLU B 420 -19.45 -16.87 27.64
CA GLU B 420 -18.74 -15.79 28.29
C GLU B 420 -19.68 -14.76 28.89
N LYS B 421 -20.98 -15.03 28.89
CA LYS B 421 -21.99 -14.07 29.33
C LYS B 421 -21.78 -12.73 28.64
N GLU B 422 -21.30 -12.81 27.40
CA GLU B 422 -21.15 -11.69 26.50
C GLU B 422 -22.20 -11.67 25.43
N LEU B 423 -23.35 -12.31 25.69
CA LEU B 423 -24.45 -12.36 24.76
C LEU B 423 -25.64 -11.63 25.37
N ASP B 424 -26.18 -10.67 24.62
CA ASP B 424 -27.26 -9.79 25.08
C ASP B 424 -28.59 -10.52 24.98
N GLU B 425 -29.06 -11.07 26.12
CA GLU B 425 -30.24 -11.93 26.07
C GLU B 425 -31.48 -11.18 25.63
N SER B 426 -31.50 -9.86 25.73
CA SER B 426 -32.70 -9.09 25.41
C SER B 426 -33.06 -9.14 23.94
N LYS B 427 -32.09 -9.40 23.06
CA LYS B 427 -32.42 -9.48 21.64
C LYS B 427 -33.10 -10.79 21.29
N TRP B 428 -33.21 -11.72 22.26
CA TRP B 428 -33.71 -13.06 22.00
C TRP B 428 -35.02 -13.37 22.71
N ILE B 429 -35.78 -12.36 23.12
CA ILE B 429 -37.06 -12.59 23.78
C ILE B 429 -38.14 -11.76 23.10
N SER B 430 -39.24 -12.39 22.72
CA SER B 430 -40.35 -11.67 22.08
C SER B 430 -41.52 -11.45 23.03
N ARG C 8 5.76 -18.85 31.94
CA ARG C 8 6.05 -19.03 33.36
C ARG C 8 7.45 -18.51 33.74
N TYR C 9 8.25 -18.26 32.69
CA TYR C 9 9.64 -17.80 32.77
C TYR C 9 9.75 -16.28 32.69
N LEU C 10 8.61 -15.60 32.63
CA LEU C 10 8.54 -14.15 32.47
C LEU C 10 9.15 -13.41 33.66
N ASP C 11 9.09 -14.03 34.87
CA ASP C 11 9.48 -13.35 36.11
C ASP C 11 10.99 -13.16 36.23
N TYR C 12 11.77 -14.05 35.63
CA TYR C 12 13.22 -13.86 35.56
C TYR C 12 13.54 -12.56 34.82
N PRO C 13 14.56 -11.82 35.25
CA PRO C 13 14.88 -10.54 34.58
C PRO C 13 15.25 -10.72 33.12
N VAL C 14 14.97 -9.71 32.30
CA VAL C 14 15.07 -9.90 30.85
C VAL C 14 16.51 -9.74 30.35
N LEU C 15 17.23 -8.72 30.80
CA LEU C 15 18.54 -8.42 30.21
C LEU C 15 19.52 -9.58 30.40
N TRP C 16 19.57 -10.13 31.60
CA TRP C 16 20.38 -11.32 31.82
C TRP C 16 19.89 -12.47 30.95
N LYS C 17 18.58 -12.54 30.68
CA LYS C 17 18.05 -13.57 29.82
C LYS C 17 18.58 -13.45 28.39
N ILE C 18 18.63 -12.22 27.86
CA ILE C 18 19.18 -12.00 26.53
C ILE C 18 20.66 -12.34 26.50
N LEU C 19 21.42 -11.99 27.53
CA LEU C 19 22.82 -12.43 27.55
C LEU C 19 22.93 -13.95 27.59
N TRP C 20 22.09 -14.61 28.39
CA TRP C 20 22.12 -16.07 28.44
C TRP C 20 21.79 -16.68 27.10
N GLY C 21 20.76 -16.15 26.43
CA GLY C 21 20.40 -16.64 25.10
C GLY C 21 21.50 -16.44 24.09
N LEU C 22 22.19 -15.29 24.14
CA LEU C 22 23.31 -15.06 23.25
C LEU C 22 24.37 -16.14 23.41
N VAL C 23 24.83 -16.33 24.65
CA VAL C 23 25.91 -17.30 24.89
C VAL C 23 25.46 -18.73 24.59
N LEU C 24 24.26 -19.11 25.05
CA LEU C 24 23.79 -20.47 24.87
C LEU C 24 23.48 -20.80 23.42
N GLY C 25 22.88 -19.88 22.67
CA GLY C 25 22.69 -20.12 21.26
C GLY C 25 24.02 -20.24 20.54
N ALA C 26 25.00 -19.41 20.90
CA ALA C 26 26.31 -19.51 20.27
C ALA C 26 26.93 -20.89 20.52
N VAL C 27 26.97 -21.32 21.78
CA VAL C 27 27.60 -22.61 22.09
C VAL C 27 26.80 -23.74 21.46
N PHE C 28 25.47 -23.66 21.50
CA PHE C 28 24.63 -24.71 20.94
C PHE C 28 24.86 -24.84 19.44
N GLY C 29 24.90 -23.71 18.74
CA GLY C 29 25.08 -23.74 17.30
C GLY C 29 26.44 -24.26 16.89
N LEU C 30 27.49 -23.86 17.61
CA LEU C 30 28.80 -24.44 17.32
C LEU C 30 28.76 -25.95 17.47
N ILE C 31 28.26 -26.43 18.62
CA ILE C 31 28.23 -27.88 18.88
C ILE C 31 27.35 -28.62 17.90
N ALA C 32 26.26 -27.99 17.43
CA ALA C 32 25.37 -28.68 16.53
C ALA C 32 25.89 -28.70 15.10
N GLY C 33 26.55 -27.63 14.66
CA GLY C 33 27.07 -27.58 13.31
C GLY C 33 28.36 -28.32 13.12
N HIS C 34 29.16 -28.44 14.18
CA HIS C 34 30.36 -29.25 14.10
C HIS C 34 30.04 -30.73 13.91
N PHE C 35 28.92 -31.20 14.46
CA PHE C 35 28.48 -32.57 14.24
C PHE C 35 27.53 -32.67 13.06
N GLY C 36 27.39 -31.60 12.29
CA GLY C 36 26.66 -31.65 11.04
C GLY C 36 25.16 -31.59 11.18
N TYR C 37 24.65 -31.31 12.38
CA TYR C 37 23.20 -31.21 12.60
C TYR C 37 22.67 -29.80 12.32
N ALA C 38 23.38 -29.01 11.51
CA ALA C 38 22.95 -27.64 11.25
C ALA C 38 21.64 -27.59 10.48
N GLY C 39 21.32 -28.65 9.73
CA GLY C 39 20.03 -28.68 9.05
C GLY C 39 18.87 -28.77 10.01
N ALA C 40 19.07 -29.53 11.11
CA ALA C 40 18.08 -29.55 12.18
C ALA C 40 17.91 -28.17 12.79
N VAL C 41 19.02 -27.45 12.98
CA VAL C 41 18.93 -26.10 13.52
C VAL C 41 18.13 -25.21 12.58
N LYS C 42 18.38 -25.31 11.27
CA LYS C 42 17.61 -24.51 10.32
C LYS C 42 16.13 -24.89 10.34
N THR C 43 15.81 -26.14 10.65
CA THR C 43 14.42 -26.57 10.55
C THR C 43 13.59 -26.35 11.83
N TYR C 44 14.19 -26.64 13.00
CA TYR C 44 13.47 -26.60 14.28
C TYR C 44 13.83 -25.41 15.17
N ILE C 45 15.05 -24.89 15.08
CA ILE C 45 15.44 -23.79 15.95
C ILE C 45 15.20 -22.44 15.29
N LYS C 46 15.51 -22.32 14.00
CA LYS C 46 15.43 -21.02 13.33
C LYS C 46 14.07 -20.33 13.39
N PRO C 47 12.93 -21.00 13.17
CA PRO C 47 11.67 -20.23 13.05
C PRO C 47 11.33 -19.40 14.29
N PHE C 48 11.89 -19.73 15.46
CA PHE C 48 11.69 -18.89 16.64
C PHE C 48 12.43 -17.57 16.50
N GLY C 49 13.69 -17.62 16.05
CA GLY C 49 14.38 -16.39 15.72
C GLY C 49 13.69 -15.62 14.60
N ASP C 50 13.11 -16.32 13.65
CA ASP C 50 12.35 -15.62 12.62
C ASP C 50 11.14 -14.92 13.22
N LEU C 51 10.45 -15.58 14.15
CA LEU C 51 9.31 -14.94 14.80
C LEU C 51 9.74 -13.67 15.52
N PHE C 52 10.85 -13.74 16.25
CA PHE C 52 11.42 -12.54 16.86
C PHE C 52 11.61 -11.44 15.84
N VAL C 53 12.30 -11.77 14.73
CA VAL C 53 12.63 -10.78 13.72
C VAL C 53 11.37 -10.18 13.11
N ARG C 54 10.35 -10.99 12.86
CA ARG C 54 9.14 -10.44 12.27
C ARG C 54 8.44 -9.53 13.25
N LEU C 55 8.44 -9.92 14.54
CA LEU C 55 7.77 -9.11 15.56
C LEU C 55 8.40 -7.73 15.65
N LEU C 56 9.73 -7.68 15.61
CA LEU C 56 10.40 -6.38 15.61
C LEU C 56 10.14 -5.62 14.31
N LYS C 57 10.29 -6.28 13.16
CA LYS C 57 10.07 -5.62 11.87
C LYS C 57 8.67 -5.03 11.76
N MET C 58 7.67 -5.69 12.35
CA MET C 58 6.29 -5.17 12.32
C MET C 58 6.18 -3.75 12.85
N LEU C 59 6.93 -3.42 13.91
CA LEU C 59 6.82 -2.13 14.57
C LEU C 59 7.54 -1.00 13.84
N VAL C 60 8.45 -1.30 12.91
CA VAL C 60 9.38 -0.28 12.39
C VAL C 60 8.62 0.88 11.76
N MET C 61 7.70 0.59 10.84
CA MET C 61 7.06 1.68 10.12
C MET C 61 6.17 2.54 11.01
N PRO C 62 5.23 1.98 11.80
CA PRO C 62 4.46 2.85 12.72
C PRO C 62 5.33 3.63 13.70
N ILE C 63 6.30 2.99 14.35
CA ILE C 63 7.01 3.72 15.39
C ILE C 63 7.84 4.85 14.79
N VAL C 64 8.46 4.64 13.63
CA VAL C 64 9.20 5.72 12.98
C VAL C 64 8.26 6.86 12.62
N LEU C 65 7.17 6.55 11.90
CA LEU C 65 6.26 7.62 11.45
C LEU C 65 5.73 8.41 12.63
N ALA C 66 5.19 7.71 13.64
CA ALA C 66 4.51 8.41 14.75
C ALA C 66 5.51 9.15 15.62
N SER C 67 6.58 8.46 16.07
CA SER C 67 7.62 9.14 16.83
C SER C 67 8.13 10.38 16.12
N LEU C 68 8.23 10.36 14.79
CA LEU C 68 8.85 11.49 14.13
C LEU C 68 7.88 12.63 13.90
N VAL C 69 6.60 12.34 13.61
CA VAL C 69 5.62 13.43 13.60
C VAL C 69 5.64 14.14 14.94
N VAL C 70 5.54 13.36 16.03
CA VAL C 70 5.54 13.91 17.38
C VAL C 70 6.81 14.73 17.61
N GLY C 71 7.97 14.10 17.42
CA GLY C 71 9.22 14.78 17.74
C GLY C 71 9.41 16.06 16.95
N ALA C 72 9.29 15.99 15.62
CA ALA C 72 9.44 17.20 14.83
C ALA C 72 8.44 18.27 15.24
N ALA C 73 7.23 17.88 15.66
CA ALA C 73 6.29 18.90 16.12
C ALA C 73 6.82 19.57 17.38
N SER C 74 7.39 18.79 18.28
CA SER C 74 7.88 19.19 19.59
C SER C 74 9.28 19.76 19.54
N ILE C 75 9.57 20.65 18.60
CA ILE C 75 10.94 21.12 18.42
C ILE C 75 10.91 22.23 17.37
N SER C 76 11.82 23.13 17.46
CA SER C 76 11.66 24.12 16.42
C SER C 76 12.44 23.73 15.16
N PRO C 77 11.97 24.18 13.99
CA PRO C 77 12.70 23.84 12.75
C PRO C 77 14.16 24.28 12.76
N ALA C 78 14.48 25.41 13.39
CA ALA C 78 15.88 25.81 13.46
C ALA C 78 16.70 24.80 14.22
N ARG C 79 16.19 24.30 15.35
CA ARG C 79 16.91 23.27 16.08
C ARG C 79 16.96 21.98 15.29
N LEU C 80 15.86 21.62 14.63
CA LEU C 80 15.87 20.41 13.83
C LEU C 80 16.98 20.45 12.79
N GLY C 81 17.07 21.56 12.06
CA GLY C 81 18.12 21.68 11.06
C GLY C 81 19.50 21.59 11.67
N ARG C 82 19.70 22.25 12.83
CA ARG C 82 20.98 22.19 13.52
C ARG C 82 21.34 20.75 13.90
N VAL C 83 20.35 20.00 14.39
CA VAL C 83 20.58 18.62 14.75
C VAL C 83 20.99 17.82 13.52
N GLY C 84 20.31 18.06 12.41
CA GLY C 84 20.66 17.37 11.18
C GLY C 84 22.09 17.64 10.75
N VAL C 85 22.51 18.91 10.81
CA VAL C 85 23.88 19.24 10.41
C VAL C 85 24.87 18.52 11.32
N LYS C 86 24.63 18.57 12.64
CA LYS C 86 25.50 17.91 13.60
C LYS C 86 25.59 16.40 13.36
N ILE C 87 24.43 15.73 13.26
CA ILE C 87 24.43 14.28 13.18
C ILE C 87 25.02 13.83 11.86
N VAL C 88 24.82 14.59 10.77
CA VAL C 88 25.40 14.21 9.48
C VAL C 88 26.90 14.34 9.51
N VAL C 89 27.42 15.43 10.10
CA VAL C 89 28.86 15.55 10.24
C VAL C 89 29.41 14.39 11.04
N TYR C 90 28.78 14.10 12.19
CA TYR C 90 29.23 12.99 13.02
C TYR C 90 29.26 11.68 12.23
N TYR C 91 28.21 11.43 11.44
CA TYR C 91 28.11 10.20 10.69
C TYR C 91 29.22 10.08 9.66
N LEU C 92 29.41 11.11 8.84
CA LEU C 92 30.45 11.06 7.81
C LEU C 92 31.83 10.87 8.44
N ALA C 93 32.10 11.58 9.54
CA ALA C 93 33.40 11.46 10.19
C ALA C 93 33.62 10.04 10.72
N THR C 94 32.62 9.47 11.39
CA THR C 94 32.79 8.12 11.95
C THR C 94 32.89 7.05 10.86
N SER C 95 32.24 7.25 9.71
CA SER C 95 32.39 6.31 8.61
C SER C 95 33.81 6.33 8.08
N ALA C 96 34.35 7.54 7.87
CA ALA C 96 35.74 7.65 7.43
C ALA C 96 36.68 6.96 8.41
N MET C 97 36.48 7.21 9.69
CA MET C 97 37.29 6.54 10.71
C MET C 97 37.22 5.02 10.56
N ALA C 98 36.03 4.48 10.30
CA ALA C 98 35.86 3.03 10.28
C ALA C 98 36.52 2.38 9.07
N VAL C 99 36.46 3.03 7.90
CA VAL C 99 37.21 2.52 6.76
C VAL C 99 38.70 2.50 7.09
N PHE C 100 39.20 3.59 7.69
CA PHE C 100 40.60 3.66 8.05
C PHE C 100 40.98 2.54 9.02
N PHE C 101 40.08 2.25 9.98
CA PHE C 101 40.33 1.16 10.92
C PHE C 101 40.35 -0.20 10.22
N GLY C 102 39.42 -0.42 9.29
CA GLY C 102 39.43 -1.67 8.56
C GLY C 102 40.71 -1.85 7.78
N LEU C 103 41.16 -0.79 7.10
CA LEU C 103 42.44 -0.83 6.42
C LEU C 103 43.59 -1.20 7.37
N ILE C 104 43.61 -0.59 8.57
CA ILE C 104 44.71 -0.84 9.50
C ILE C 104 44.68 -2.26 10.03
N VAL C 105 43.51 -2.72 10.49
CA VAL C 105 43.43 -4.07 11.04
C VAL C 105 43.63 -5.13 9.96
N GLY C 106 43.21 -4.86 8.72
CA GLY C 106 43.51 -5.78 7.63
C GLY C 106 45.00 -5.86 7.36
N ARG C 107 45.67 -4.70 7.21
CA ARG C 107 47.11 -4.71 7.02
C ARG C 107 47.80 -5.40 8.18
N LEU C 108 47.22 -5.31 9.39
CA LEU C 108 47.82 -5.90 10.58
C LEU C 108 47.71 -7.43 10.55
N PHE C 109 46.50 -7.93 10.31
CA PHE C 109 46.27 -9.38 10.20
C PHE C 109 46.80 -9.96 8.89
N ASN C 110 47.32 -9.11 8.00
CA ASN C 110 47.86 -9.53 6.71
C ASN C 110 46.86 -10.43 5.95
N VAL C 111 45.61 -9.95 5.86
CA VAL C 111 44.52 -10.79 5.39
C VAL C 111 44.69 -11.13 3.93
N GLY C 112 44.29 -12.36 3.57
CA GLY C 112 44.37 -12.88 2.22
C GLY C 112 45.76 -13.12 1.66
N ALA C 113 46.79 -13.06 2.49
CA ALA C 113 48.16 -13.16 1.98
C ALA C 113 48.53 -14.57 1.55
N ASN C 114 47.87 -15.60 2.11
CA ASN C 114 48.20 -16.99 1.84
C ASN C 114 47.12 -17.72 1.04
N VAL C 115 46.33 -16.98 0.25
CA VAL C 115 45.40 -17.63 -0.65
C VAL C 115 46.11 -17.98 -1.95
N ASN C 116 47.01 -17.11 -2.40
CA ASN C 116 47.95 -17.35 -3.49
C ASN C 116 47.20 -17.71 -4.78
N LEU C 117 46.44 -16.73 -5.26
CA LEU C 117 45.80 -16.81 -6.57
C LEU C 117 46.61 -16.02 -7.58
N GLY C 118 46.75 -16.59 -8.78
CA GLY C 118 47.34 -15.84 -9.88
C GLY C 118 46.26 -15.02 -10.56
N SER C 119 46.59 -13.77 -10.86
CA SER C 119 45.59 -12.87 -11.43
C SER C 119 46.19 -11.98 -12.50
N GLY C 120 45.38 -11.73 -13.53
CA GLY C 120 45.76 -10.81 -14.59
C GLY C 120 45.49 -9.38 -14.19
N THR C 121 45.40 -8.52 -15.20
CA THR C 121 45.15 -7.09 -15.03
C THR C 121 43.87 -6.63 -15.73
N GLY C 122 42.92 -7.55 -15.95
CA GLY C 122 41.66 -7.17 -16.58
C GLY C 122 40.67 -6.55 -15.61
N LYS C 123 39.84 -5.63 -16.13
CA LYS C 123 38.97 -4.79 -15.32
C LYS C 123 37.68 -4.48 -16.05
N ALA C 124 36.54 -4.95 -15.52
CA ALA C 124 35.22 -4.72 -16.11
C ALA C 124 34.16 -4.44 -15.04
N ILE C 125 33.41 -3.35 -15.24
CA ILE C 125 32.43 -2.84 -14.27
C ILE C 125 31.19 -3.73 -14.17
N GLU C 126 30.58 -3.77 -12.97
CA GLU C 126 29.40 -4.57 -12.69
C GLU C 126 28.22 -3.65 -12.47
N ALA C 127 27.90 -3.29 -11.23
CA ALA C 127 26.73 -2.47 -10.96
C ALA C 127 27.07 -0.99 -11.01
N GLN C 128 26.04 -0.17 -11.14
CA GLN C 128 26.16 1.27 -11.18
C GLN C 128 25.87 1.85 -9.84
N PRO C 129 26.38 3.04 -9.53
CA PRO C 129 25.80 3.79 -8.45
C PRO C 129 24.50 4.37 -8.95
N PRO C 130 23.41 4.24 -8.22
CA PRO C 130 22.22 5.01 -8.58
C PRO C 130 22.62 6.47 -8.56
N SER C 131 22.26 7.20 -9.61
CA SER C 131 22.76 8.57 -9.73
C SER C 131 22.48 9.31 -8.43
N LEU C 132 23.49 10.03 -7.94
CA LEU C 132 23.32 10.81 -6.71
C LEU C 132 22.08 11.67 -6.83
N VAL C 133 21.84 12.24 -8.01
CA VAL C 133 20.69 13.12 -8.17
C VAL C 133 19.40 12.31 -8.04
N GLN C 134 19.32 11.13 -8.67
CA GLN C 134 18.08 10.34 -8.57
C GLN C 134 17.86 9.85 -7.15
N THR C 135 18.91 9.43 -6.45
CA THR C 135 18.73 8.97 -5.08
C THR C 135 18.25 10.10 -4.18
N LEU C 136 18.88 11.27 -4.29
CA LEU C 136 18.45 12.40 -3.47
C LEU C 136 17.01 12.77 -3.81
N LEU C 137 16.68 12.89 -5.08
CA LEU C 137 15.30 13.16 -5.46
C LEU C 137 14.36 12.09 -4.91
N ASN C 138 14.82 10.84 -4.84
CA ASN C 138 13.98 9.77 -4.31
C ASN C 138 13.74 9.89 -2.82
N ILE C 139 14.49 10.76 -2.13
CA ILE C 139 14.19 11.01 -0.72
C ILE C 139 12.79 11.60 -0.55
N VAL C 140 12.38 12.49 -1.44
CA VAL C 140 11.03 13.06 -1.43
C VAL C 140 10.00 12.08 -1.99
N PRO C 141 9.11 11.51 -1.19
CA PRO C 141 8.14 10.57 -1.75
C PRO C 141 7.15 11.27 -2.66
N THR C 142 6.62 10.51 -3.63
CA THR C 142 5.54 11.02 -4.45
C THR C 142 4.21 10.46 -4.02
N ASN C 143 4.20 9.49 -3.08
CA ASN C 143 2.99 9.05 -2.39
C ASN C 143 3.36 8.45 -1.03
N PRO C 144 3.03 9.11 0.08
CA PRO C 144 3.47 8.60 1.38
C PRO C 144 2.78 7.31 1.79
N PHE C 145 1.52 7.11 1.39
CA PHE C 145 0.87 5.81 1.58
C PHE C 145 1.66 4.69 0.90
N ALA C 146 2.17 4.96 -0.30
CA ALA C 146 3.00 3.97 -0.97
C ALA C 146 4.34 3.77 -0.25
N SER C 147 5.00 4.85 0.17
CA SER C 147 6.27 4.65 0.88
C SER C 147 6.07 3.86 2.15
N LEU C 148 4.98 4.15 2.90
CA LEU C 148 4.68 3.41 4.12
C LEU C 148 4.47 1.93 3.81
N ALA C 149 3.64 1.64 2.77
CA ALA C 149 3.32 0.25 2.42
C ALA C 149 4.57 -0.48 1.92
N LYS C 150 5.43 0.23 1.17
CA LYS C 150 6.68 -0.31 0.67
C LYS C 150 7.80 -0.28 1.71
N GLY C 151 7.56 0.31 2.89
CA GLY C 151 8.55 0.35 3.93
C GLY C 151 9.75 1.23 3.66
N GLU C 152 9.63 2.22 2.78
CA GLU C 152 10.74 3.09 2.41
C GLU C 152 10.97 4.10 3.54
N VAL C 153 12.08 3.95 4.28
CA VAL C 153 12.31 4.72 5.50
C VAL C 153 12.55 6.20 5.22
N LEU C 154 13.56 6.52 4.41
CA LEU C 154 13.90 7.93 4.17
C LEU C 154 12.72 8.80 3.74
N PRO C 155 11.89 8.43 2.76
CA PRO C 155 10.74 9.30 2.46
C PRO C 155 9.77 9.39 3.61
N VAL C 156 9.59 8.33 4.41
CA VAL C 156 8.75 8.46 5.58
C VAL C 156 9.32 9.51 6.54
N ILE C 157 10.63 9.47 6.78
CA ILE C 157 11.29 10.51 7.58
C ILE C 157 10.95 11.90 7.05
N PHE C 158 11.14 12.12 5.76
CA PHE C 158 10.85 13.42 5.15
C PHE C 158 9.39 13.82 5.38
N PHE C 159 8.45 12.93 5.06
CA PHE C 159 7.04 13.27 5.19
C PHE C 159 6.70 13.57 6.66
N ALA C 160 7.21 12.77 7.61
CA ALA C 160 6.90 12.95 9.02
C ALA C 160 7.43 14.29 9.53
N ILE C 161 8.65 14.66 9.10
CA ILE C 161 9.21 15.95 9.52
C ILE C 161 8.34 17.09 9.02
N ILE C 162 7.97 17.06 7.75
CA ILE C 162 7.12 18.12 7.22
C ILE C 162 5.81 18.19 8.00
N LEU C 163 5.23 17.04 8.31
CA LEU C 163 3.92 17.03 8.93
C LEU C 163 3.99 17.58 10.33
N GLY C 164 5.00 17.17 11.10
CA GLY C 164 5.15 17.71 12.45
C GLY C 164 5.37 19.21 12.45
N ILE C 165 6.24 19.70 11.55
CA ILE C 165 6.43 21.14 11.46
C ILE C 165 5.13 21.85 11.11
N ALA C 166 4.37 21.31 10.17
CA ALA C 166 3.07 21.89 9.87
C ALA C 166 2.15 21.88 11.10
N ILE C 167 2.20 20.80 11.89
CA ILE C 167 1.31 20.69 13.03
C ILE C 167 1.62 21.78 14.03
N THR C 168 2.89 21.99 14.33
CA THR C 168 3.24 23.05 15.27
C THR C 168 2.85 24.43 14.73
N TYR C 169 3.12 24.70 13.45
CA TYR C 169 2.69 26.02 12.95
C TYR C 169 1.19 26.20 13.08
N LEU C 170 0.40 25.13 12.91
CA LEU C 170 -1.05 25.25 13.00
C LEU C 170 -1.50 25.46 14.43
N MET C 171 -0.79 24.87 15.40
CA MET C 171 -1.17 24.99 16.79
C MET C 171 -0.92 26.38 17.36
N ASN C 172 -0.05 27.17 16.75
CA ASN C 172 0.21 28.52 17.19
C ASN C 172 -0.54 29.54 16.34
N ARG C 173 -1.74 29.19 15.89
CA ARG C 173 -2.59 30.04 15.06
C ARG C 173 -3.76 30.57 15.87
N ASN C 174 -4.42 31.59 15.33
CA ASN C 174 -5.46 32.27 16.10
C ASN C 174 -6.80 31.53 16.07
N GLU C 175 -7.17 30.93 14.95
CA GLU C 175 -8.46 30.27 14.88
C GLU C 175 -8.46 29.05 15.80
N GLU C 176 -9.57 28.87 16.52
CA GLU C 176 -9.56 27.76 17.48
C GLU C 176 -9.84 26.43 16.81
N ARG C 177 -10.68 26.41 15.76
CA ARG C 177 -10.96 25.14 15.09
C ARG C 177 -9.67 24.56 14.54
N VAL C 178 -8.80 25.43 14.01
CA VAL C 178 -7.53 24.99 13.46
C VAL C 178 -6.66 24.37 14.55
N ARG C 179 -6.49 25.08 15.66
CA ARG C 179 -5.70 24.56 16.77
C ARG C 179 -6.23 23.21 17.22
N LYS C 180 -7.54 23.10 17.41
CA LYS C 180 -8.07 21.86 17.99
C LYS C 180 -7.95 20.70 17.01
N SER C 181 -8.14 20.96 15.71
CA SER C 181 -7.92 19.91 14.71
C SER C 181 -6.48 19.43 14.75
N ALA C 182 -5.53 20.36 14.59
CA ALA C 182 -4.12 19.99 14.59
C ALA C 182 -3.73 19.28 15.87
N GLU C 183 -4.30 19.71 16.98
CA GLU C 183 -3.99 19.13 18.27
C GLU C 183 -4.54 17.72 18.38
N THR C 184 -5.74 17.49 17.84
CA THR C 184 -6.28 16.14 17.81
C THR C 184 -5.39 15.22 16.99
N LEU C 185 -4.93 15.72 15.83
CA LEU C 185 -4.06 14.92 14.97
C LEU C 185 -2.78 14.55 15.71
N LEU C 186 -2.15 15.55 16.33
CA LEU C 186 -0.91 15.27 17.05
C LEU C 186 -1.17 14.31 18.19
N ARG C 187 -2.35 14.37 18.80
CA ARG C 187 -2.68 13.40 19.83
CA ARG C 187 -2.67 13.40 19.83
C ARG C 187 -2.69 12.00 19.24
N VAL C 188 -3.26 11.85 18.05
CA VAL C 188 -3.34 10.50 17.47
C VAL C 188 -1.94 9.94 17.22
N PHE C 189 -1.03 10.77 16.71
CA PHE C 189 0.34 10.29 16.53
C PHE C 189 1.00 10.00 17.87
N ASP C 190 0.71 10.82 18.88
CA ASP C 190 1.32 10.64 20.18
C ASP C 190 0.86 9.35 20.84
N GLY C 191 -0.44 9.07 20.76
CA GLY C 191 -0.93 7.80 21.27
C GLY C 191 -0.38 6.61 20.52
N LEU C 192 -0.33 6.70 19.17
CA LEU C 192 0.20 5.61 18.37
C LEU C 192 1.66 5.31 18.73
N ALA C 193 2.49 6.35 18.84
CA ALA C 193 3.88 6.10 19.20
C ALA C 193 3.97 5.50 20.61
N GLU C 194 3.16 6.02 21.56
CA GLU C 194 3.16 5.49 22.93
C GLU C 194 2.87 3.99 22.92
N ALA C 195 1.86 3.58 22.15
CA ALA C 195 1.54 2.17 22.01
C ALA C 195 2.69 1.37 21.37
N MET C 196 3.35 1.95 20.34
CA MET C 196 4.43 1.21 19.71
C MET C 196 5.53 0.88 20.71
N TYR C 197 5.92 1.88 21.53
CA TYR C 197 6.98 1.64 22.50
C TYR C 197 6.53 0.64 23.56
N LEU C 198 5.25 0.68 23.91
CA LEU C 198 4.69 -0.34 24.80
C LEU C 198 4.90 -1.74 24.24
N ILE C 199 4.57 -1.92 22.96
CA ILE C 199 4.68 -3.23 22.34
C ILE C 199 6.14 -3.65 22.25
N VAL C 200 7.04 -2.71 21.95
CA VAL C 200 8.46 -3.05 21.91
C VAL C 200 8.87 -3.70 23.23
N GLY C 201 8.47 -3.07 24.34
CA GLY C 201 8.78 -3.65 25.64
C GLY C 201 8.19 -5.05 25.81
N GLY C 202 6.99 -5.25 25.25
CA GLY C 202 6.39 -6.57 25.33
C GLY C 202 7.16 -7.63 24.55
N VAL C 203 7.62 -7.26 23.35
CA VAL C 203 8.34 -8.19 22.49
C VAL C 203 9.70 -8.53 23.08
N MET C 204 10.30 -7.57 23.80
CA MET C 204 11.59 -7.88 24.41
C MET C 204 11.48 -9.00 25.45
N GLN C 205 10.25 -9.36 25.83
CA GLN C 205 10.07 -10.52 26.69
C GLN C 205 10.39 -11.79 25.93
N TYR C 206 10.02 -11.82 24.66
CA TYR C 206 10.30 -12.97 23.81
C TYR C 206 11.72 -12.92 23.25
N ALA C 207 12.35 -11.75 23.33
CA ALA C 207 13.67 -11.55 22.72
C ALA C 207 14.72 -12.60 23.08
N PRO C 208 14.87 -13.06 24.34
CA PRO C 208 15.94 -14.04 24.61
C PRO C 208 15.82 -15.32 23.80
N ILE C 209 14.60 -15.81 23.60
CA ILE C 209 14.38 -16.95 22.71
C ILE C 209 14.91 -16.66 21.32
N GLY C 210 14.46 -15.56 20.72
CA GLY C 210 14.88 -15.22 19.37
C GLY C 210 16.38 -15.01 19.26
N VAL C 211 16.99 -14.38 20.26
CA VAL C 211 18.45 -14.21 20.26
C VAL C 211 19.13 -15.56 20.26
N PHE C 212 18.69 -16.45 21.15
CA PHE C 212 19.20 -17.82 21.15
C PHE C 212 19.09 -18.47 19.78
N ALA C 213 17.91 -18.40 19.16
CA ALA C 213 17.68 -19.09 17.89
C ALA C 213 18.51 -18.49 16.76
N LEU C 214 18.54 -17.16 16.65
CA LEU C 214 19.31 -16.53 15.58
C LEU C 214 20.80 -16.82 15.72
N ILE C 215 21.35 -16.59 16.90
CA ILE C 215 22.78 -16.82 17.05
C ILE C 215 23.08 -18.29 16.86
N ALA C 216 22.14 -19.17 17.23
CA ALA C 216 22.38 -20.61 17.10
C ALA C 216 22.45 -21.02 15.64
N TYR C 217 21.52 -20.54 14.82
CA TYR C 217 21.54 -20.85 13.39
C TYR C 217 22.76 -20.26 12.70
N VAL C 218 23.13 -19.02 13.01
CA VAL C 218 24.28 -18.45 12.33
C VAL C 218 25.54 -19.21 12.70
N MET C 219 25.73 -19.53 13.99
CA MET C 219 26.90 -20.34 14.35
C MET C 219 26.83 -21.74 13.75
N ALA C 220 25.64 -22.31 13.58
CA ALA C 220 25.56 -23.69 13.11
C ALA C 220 25.87 -23.81 11.62
N GLU C 221 25.36 -22.88 10.81
CA GLU C 221 25.64 -22.97 9.38
C GLU C 221 27.02 -22.46 9.01
N GLN C 222 27.56 -21.48 9.73
CA GLN C 222 28.78 -20.84 9.27
C GLN C 222 29.93 -20.95 10.26
N GLY C 223 29.79 -21.73 11.31
CA GLY C 223 30.92 -21.93 12.20
C GLY C 223 32.02 -22.74 11.53
N VAL C 224 31.65 -23.82 10.84
CA VAL C 224 32.62 -24.73 10.24
C VAL C 224 33.53 -23.98 9.28
N ARG C 225 33.02 -22.92 8.67
CA ARG C 225 33.73 -22.14 7.68
C ARG C 225 34.73 -21.14 8.26
N VAL C 226 34.80 -21.00 9.56
CA VAL C 226 35.72 -20.02 10.13
C VAL C 226 37.07 -20.69 10.36
N VAL C 227 37.76 -21.00 9.26
CA VAL C 227 39.10 -21.58 9.32
C VAL C 227 39.94 -21.03 8.17
N GLY C 228 41.25 -21.07 8.34
CA GLY C 228 42.16 -20.64 7.30
C GLY C 228 42.08 -19.14 7.06
N PRO C 229 42.25 -18.72 5.81
CA PRO C 229 42.29 -17.28 5.53
C PRO C 229 41.00 -16.57 5.92
N LEU C 230 39.85 -17.26 5.82
CA LEU C 230 38.59 -16.71 6.29
C LEU C 230 38.56 -16.55 7.81
N ALA C 231 39.24 -17.44 8.55
CA ALA C 231 39.37 -17.22 9.98
C ALA C 231 40.15 -15.94 10.27
N LYS C 232 41.26 -15.71 9.55
CA LYS C 232 41.94 -14.43 9.72
C LYS C 232 41.02 -13.27 9.37
N VAL C 233 40.14 -13.44 8.39
CA VAL C 233 39.21 -12.36 8.09
C VAL C 233 38.28 -12.12 9.26
N VAL C 234 37.73 -13.19 9.85
CA VAL C 234 36.80 -13.02 10.97
C VAL C 234 37.52 -12.32 12.12
N GLY C 235 38.73 -12.76 12.44
CA GLY C 235 39.51 -12.15 13.50
C GLY C 235 39.81 -10.67 13.26
N ALA C 236 40.24 -10.35 12.04
CA ALA C 236 40.52 -8.96 11.72
C ALA C 236 39.25 -8.11 11.80
N VAL C 237 38.15 -8.59 11.21
CA VAL C 237 36.91 -7.81 11.20
C VAL C 237 36.42 -7.57 12.63
N TYR C 238 36.42 -8.61 13.46
CA TYR C 238 35.90 -8.46 14.82
C TYR C 238 36.82 -7.59 15.68
N THR C 239 38.14 -7.78 15.58
CA THR C 239 39.04 -6.87 16.27
C THR C 239 38.82 -5.42 15.83
N GLY C 240 38.62 -5.19 14.54
CA GLY C 240 38.40 -3.83 14.08
C GLY C 240 37.11 -3.22 14.61
N LEU C 241 36.03 -4.00 14.62
CA LEU C 241 34.77 -3.53 15.22
C LEU C 241 34.99 -3.15 16.67
N PHE C 242 35.69 -4.02 17.41
CA PHE C 242 35.99 -3.74 18.81
C PHE C 242 36.76 -2.43 18.94
N LEU C 243 37.69 -2.17 18.02
CA LEU C 243 38.44 -0.92 18.10
C LEU C 243 37.55 0.28 17.81
N GLN C 244 36.66 0.15 16.83
CA GLN C 244 35.71 1.23 16.55
C GLN C 244 34.88 1.56 17.79
N ILE C 245 34.53 0.55 18.60
CA ILE C 245 33.76 0.84 19.82
C ILE C 245 34.64 1.43 20.91
N VAL C 246 35.73 0.75 21.27
CA VAL C 246 36.46 1.18 22.47
C VAL C 246 37.36 2.38 22.19
N ILE C 247 37.68 2.69 20.94
CA ILE C 247 38.48 3.87 20.67
C ILE C 247 37.63 5.01 20.11
N THR C 248 37.07 4.83 18.91
CA THR C 248 36.36 5.93 18.25
C THR C 248 35.16 6.40 19.08
N TYR C 249 34.33 5.46 19.54
CA TYR C 249 33.14 5.84 20.30
C TYR C 249 33.50 6.29 21.71
N PHE C 250 34.37 5.56 22.40
CA PHE C 250 34.69 5.95 23.77
C PHE C 250 35.35 7.31 23.81
N ILE C 251 36.25 7.61 22.86
CA ILE C 251 36.94 8.90 22.92
C ILE C 251 35.98 10.04 22.59
N LEU C 252 35.09 9.84 21.61
CA LEU C 252 34.13 10.89 21.26
C LEU C 252 33.11 11.09 22.37
N LEU C 253 32.73 10.00 23.06
CA LEU C 253 31.83 10.12 24.19
C LEU C 253 32.54 10.78 25.39
N LYS C 254 33.82 10.47 25.58
CA LYS C 254 34.60 11.05 26.66
C LYS C 254 34.79 12.55 26.44
N VAL C 255 35.03 12.95 25.19
CA VAL C 255 35.21 14.37 24.89
C VAL C 255 33.95 15.17 25.20
N PHE C 256 32.79 14.64 24.84
CA PHE C 256 31.54 15.34 25.06
C PHE C 256 30.95 15.02 26.43
N GLY C 257 31.75 14.45 27.33
CA GLY C 257 31.35 14.30 28.72
C GLY C 257 30.29 13.24 28.95
N ILE C 258 30.34 12.14 28.21
CA ILE C 258 29.50 10.98 28.48
C ILE C 258 30.41 9.84 28.92
N ASP C 259 30.07 9.23 30.06
CA ASP C 259 30.82 8.08 30.54
C ASP C 259 30.62 6.91 29.57
N PRO C 260 31.68 6.43 28.91
CA PRO C 260 31.50 5.38 27.89
C PRO C 260 30.93 4.07 28.45
N ILE C 261 31.24 3.74 29.70
CA ILE C 261 30.76 2.48 30.23
C ILE C 261 29.27 2.56 30.49
N LYS C 262 28.79 3.68 31.03
CA LYS C 262 27.35 3.86 31.19
C LYS C 262 26.66 3.72 29.84
N PHE C 263 27.26 4.29 28.80
CA PHE C 263 26.67 4.20 27.47
C PHE C 263 26.50 2.74 27.03
N ILE C 264 27.58 1.94 27.11
CA ILE C 264 27.47 0.55 26.67
C ILE C 264 26.47 -0.22 27.51
N ARG C 265 26.52 -0.03 28.84
CA ARG C 265 25.61 -0.73 29.72
C ARG C 265 24.17 -0.48 29.31
N LYS C 266 23.85 0.77 28.95
CA LYS C 266 22.48 1.10 28.55
C LYS C 266 22.16 0.54 27.17
N ALA C 267 23.14 0.55 26.25
CA ALA C 267 22.90 0.18 24.86
C ALA C 267 22.81 -1.32 24.62
N LYS C 268 23.26 -2.14 25.56
CA LYS C 268 23.32 -3.59 25.39
C LYS C 268 22.12 -4.23 24.67
N ASP C 269 20.89 -3.80 24.93
CA ASP C 269 19.74 -4.45 24.29
C ASP C 269 19.70 -4.17 22.80
N ALA C 270 19.84 -2.89 22.42
CA ALA C 270 19.91 -2.56 21.00
C ALA C 270 21.09 -3.27 20.34
N MET C 271 22.22 -3.38 21.07
CA MET C 271 23.40 -4.02 20.50
C MET C 271 23.17 -5.50 20.20
N ILE C 272 22.66 -6.26 21.17
CA ILE C 272 22.45 -7.68 20.95
C ILE C 272 21.37 -7.90 19.90
N THR C 273 20.32 -7.07 19.90
CA THR C 273 19.31 -7.19 18.87
C THR C 273 19.91 -6.99 17.48
N ALA C 274 20.77 -5.97 17.31
CA ALA C 274 21.43 -5.78 16.01
C ALA C 274 22.33 -6.96 15.67
N PHE C 275 23.07 -7.45 16.66
CA PHE C 275 24.03 -8.52 16.42
C PHE C 275 23.34 -9.78 15.95
N VAL C 276 22.15 -10.08 16.44
CA VAL C 276 21.54 -11.32 16.00
C VAL C 276 20.50 -11.18 14.89
N THR C 277 19.90 -10.01 14.71
CA THR C 277 18.94 -9.90 13.62
C THR C 277 19.60 -9.48 12.34
N ARG C 278 20.84 -9.02 12.42
CA ARG C 278 21.66 -8.61 11.29
C ARG C 278 20.92 -7.60 10.43
N SER C 279 19.81 -7.07 10.95
CA SER C 279 19.07 -5.97 10.32
C SER C 279 19.08 -4.78 11.26
N SER C 280 19.70 -3.68 10.83
CA SER C 280 19.69 -2.52 11.69
C SER C 280 18.32 -1.82 11.68
N SER C 281 17.63 -1.80 10.54
CA SER C 281 16.30 -1.19 10.51
C SER C 281 15.33 -1.93 11.41
N GLY C 282 15.47 -3.25 11.50
CA GLY C 282 14.60 -4.09 12.29
C GLY C 282 14.95 -4.08 13.73
N THR C 283 16.14 -3.58 14.05
CA THR C 283 16.48 -3.29 15.43
C THR C 283 15.94 -1.94 15.89
N LEU C 284 15.55 -1.04 14.97
CA LEU C 284 15.11 0.31 15.32
C LEU C 284 14.15 0.40 16.51
N PRO C 285 13.09 -0.39 16.61
CA PRO C 285 12.22 -0.23 17.80
C PRO C 285 12.98 -0.40 19.10
N VAL C 286 13.86 -1.40 19.18
CA VAL C 286 14.68 -1.52 20.38
C VAL C 286 15.61 -0.32 20.52
N THR C 287 16.20 0.14 19.41
CA THR C 287 17.11 1.27 19.50
C THR C 287 16.41 2.55 19.96
N MET C 288 15.25 2.86 19.38
CA MET C 288 14.56 4.09 19.76
C MET C 288 14.05 4.01 21.19
N ARG C 289 13.51 2.85 21.60
CA ARG C 289 13.10 2.73 22.98
C ARG C 289 14.29 2.79 23.92
N VAL C 290 15.46 2.30 23.51
CA VAL C 290 16.62 2.42 24.36
C VAL C 290 17.02 3.87 24.51
N ALA C 291 17.00 4.61 23.40
CA ALA C 291 17.34 6.03 23.45
C ALA C 291 16.39 6.78 24.37
N GLU C 292 15.11 6.41 24.35
CA GLU C 292 14.14 7.15 25.15
C GLU C 292 14.21 6.75 26.62
N GLU C 293 14.06 5.46 26.92
CA GLU C 293 13.86 4.96 28.27
C GLU C 293 15.14 4.44 28.92
N GLU C 294 16.31 4.84 28.44
CA GLU C 294 17.54 4.46 29.10
C GLU C 294 18.52 5.60 29.16
N MET C 295 18.60 6.36 28.07
CA MET C 295 19.58 7.43 27.93
C MET C 295 18.97 8.80 28.08
N GLY C 296 17.65 8.91 28.21
CA GLY C 296 17.00 10.21 28.38
C GLY C 296 17.21 11.19 27.25
N VAL C 297 17.27 10.70 26.01
CA VAL C 297 17.33 11.56 24.84
C VAL C 297 15.92 12.05 24.53
N ASP C 298 15.79 13.32 24.20
CA ASP C 298 14.50 13.86 23.82
C ASP C 298 14.05 13.30 22.47
N LYS C 299 12.72 13.10 22.34
CA LYS C 299 12.16 12.57 21.12
C LYS C 299 12.53 13.45 19.94
N GLY C 300 12.62 14.75 20.15
CA GLY C 300 12.99 15.63 19.06
C GLY C 300 14.40 15.42 18.54
N ILE C 301 15.23 14.65 19.24
CA ILE C 301 16.55 14.30 18.72
C ILE C 301 16.54 12.89 18.14
N PHE C 302 16.21 11.89 18.96
CA PHE C 302 16.40 10.53 18.48
C PHE C 302 15.38 10.14 17.42
N SER C 303 14.16 10.70 17.47
CA SER C 303 13.14 10.33 16.49
C SER C 303 13.54 10.72 15.07
N PHE C 304 14.50 11.62 14.93
CA PHE C 304 15.10 11.97 13.65
C PHE C 304 16.44 11.29 13.45
N THR C 305 17.33 11.30 14.45
CA THR C 305 18.67 10.79 14.17
C THR C 305 18.71 9.27 14.03
N LEU C 306 17.85 8.54 14.71
CA LEU C 306 18.06 7.10 14.72
C LEU C 306 17.64 6.40 13.41
N PRO C 307 16.51 6.79 12.79
CA PRO C 307 16.22 6.21 11.46
C PRO C 307 17.17 6.69 10.39
N LEU C 308 17.48 7.99 10.40
CA LEU C 308 18.51 8.49 9.49
C LEU C 308 19.80 7.71 9.65
N GLY C 309 20.15 7.38 10.90
CA GLY C 309 21.37 6.63 11.15
C GLY C 309 21.32 5.17 10.74
N ALA C 310 20.16 4.52 10.93
CA ALA C 310 20.02 3.15 10.41
C ALA C 310 20.17 3.14 8.91
N THR C 311 19.82 4.25 8.26
CA THR C 311 19.91 4.20 6.82
C THR C 311 21.28 4.60 6.27
N ILE C 312 21.94 5.62 6.79
CA ILE C 312 23.13 6.10 6.08
C ILE C 312 24.38 6.00 6.92
N ASN C 313 24.31 5.37 8.07
CA ASN C 313 25.43 5.37 9.01
C ASN C 313 25.75 3.94 9.42
N MET C 314 26.67 3.30 8.69
CA MET C 314 27.10 1.92 8.95
C MET C 314 28.61 1.92 9.08
N ASP C 315 29.08 2.25 10.27
CA ASP C 315 30.51 2.15 10.56
C ASP C 315 30.99 0.71 10.39
N GLY C 316 30.21 -0.26 10.88
CA GLY C 316 30.63 -1.65 10.79
C GLY C 316 30.80 -2.11 9.35
N THR C 317 29.82 -1.80 8.50
CA THR C 317 29.94 -2.12 7.08
C THR C 317 31.16 -1.43 6.46
N ALA C 318 31.45 -0.18 6.86
CA ALA C 318 32.61 0.53 6.30
C ALA C 318 33.91 -0.16 6.67
N LEU C 319 34.04 -0.56 7.93
CA LEU C 319 35.21 -1.31 8.36
C LEU C 319 35.30 -2.64 7.62
N TYR C 320 34.16 -3.32 7.43
CA TYR C 320 34.16 -4.59 6.70
C TYR C 320 34.67 -4.39 5.28
N GLN C 321 34.22 -3.32 4.62
CA GLN C 321 34.72 -3.02 3.28
C GLN C 321 36.22 -2.79 3.32
N GLY C 322 36.69 -2.04 4.32
CA GLY C 322 38.12 -1.84 4.48
C GLY C 322 38.90 -3.14 4.58
N VAL C 323 38.32 -4.13 5.28
CA VAL C 323 39.02 -5.41 5.37
C VAL C 323 38.91 -6.18 4.06
N THR C 324 37.73 -6.24 3.42
CA THR C 324 37.62 -7.14 2.28
C THR C 324 38.38 -6.61 1.07
N VAL C 325 38.53 -5.29 0.95
CA VAL C 325 39.33 -4.79 -0.16
C VAL C 325 40.77 -5.23 0.00
N LEU C 326 41.29 -5.15 1.23
CA LEU C 326 42.61 -5.72 1.46
C LEU C 326 42.62 -7.22 1.21
N PHE C 327 41.55 -7.92 1.59
CA PHE C 327 41.56 -9.38 1.43
C PHE C 327 41.66 -9.76 -0.03
N VAL C 328 40.80 -9.18 -0.86
CA VAL C 328 40.78 -9.48 -2.29
C VAL C 328 42.11 -9.07 -2.95
N ALA C 329 42.61 -7.87 -2.60
CA ALA C 329 43.86 -7.38 -3.21
C ALA C 329 45.05 -8.25 -2.82
N ASN C 330 45.20 -8.61 -1.55
CA ASN C 330 46.31 -9.47 -1.16
C ASN C 330 46.12 -10.87 -1.70
N ALA C 331 44.86 -11.28 -1.89
CA ALA C 331 44.58 -12.64 -2.29
C ALA C 331 44.96 -12.87 -3.74
N ILE C 332 44.73 -11.88 -4.61
CA ILE C 332 45.16 -12.02 -6.00
C ILE C 332 46.59 -11.52 -6.23
N GLY C 333 47.23 -10.92 -5.23
CA GLY C 333 48.62 -10.57 -5.33
C GLY C 333 48.96 -9.13 -5.66
N HIS C 334 47.99 -8.20 -5.61
CA HIS C 334 48.24 -6.78 -5.87
C HIS C 334 47.86 -5.94 -4.66
N PRO C 335 48.74 -5.86 -3.65
CA PRO C 335 48.43 -5.04 -2.48
C PRO C 335 48.30 -3.57 -2.88
N LEU C 336 47.49 -2.83 -2.10
CA LEU C 336 47.06 -1.50 -2.50
C LEU C 336 48.07 -0.45 -2.10
N THR C 337 48.32 0.49 -3.01
CA THR C 337 49.16 1.65 -2.72
C THR C 337 48.44 2.61 -1.78
N LEU C 338 49.23 3.46 -1.13
CA LEU C 338 48.70 4.42 -0.17
C LEU C 338 47.54 5.23 -0.76
N GLY C 339 47.78 5.84 -1.92
CA GLY C 339 46.73 6.59 -2.59
C GLY C 339 45.52 5.73 -2.92
N GLN C 340 45.72 4.45 -3.19
CA GLN C 340 44.60 3.56 -3.40
C GLN C 340 43.77 3.41 -2.14
N GLN C 341 44.42 3.32 -0.98
CA GLN C 341 43.68 3.21 0.27
C GLN C 341 42.94 4.50 0.59
N LEU C 342 43.54 5.66 0.28
CA LEU C 342 42.80 6.91 0.39
C LEU C 342 41.58 6.91 -0.53
N VAL C 343 41.74 6.42 -1.77
CA VAL C 343 40.61 6.29 -2.70
C VAL C 343 39.54 5.39 -2.11
N VAL C 344 39.96 4.33 -1.43
CA VAL C 344 39.02 3.41 -0.79
C VAL C 344 38.20 4.14 0.27
N VAL C 345 38.86 4.88 1.16
CA VAL C 345 38.13 5.60 2.21
C VAL C 345 37.16 6.58 1.59
N LEU C 346 37.68 7.42 0.69
CA LEU C 346 36.84 8.43 0.06
C LEU C 346 35.60 7.80 -0.58
N THR C 347 35.80 6.74 -1.38
CA THR C 347 34.64 6.18 -2.09
C THR C 347 33.72 5.43 -1.16
N ALA C 348 34.23 4.85 -0.08
CA ALA C 348 33.33 4.18 0.88
C ALA C 348 32.36 5.17 1.52
N VAL C 349 32.86 6.35 1.90
CA VAL C 349 31.97 7.38 2.44
C VAL C 349 31.01 7.90 1.36
N LEU C 350 31.56 8.27 0.19
CA LEU C 350 30.71 8.73 -0.90
C LEU C 350 29.67 7.69 -1.29
N ALA C 351 29.99 6.41 -1.13
CA ALA C 351 29.10 5.32 -1.49
C ALA C 351 28.06 5.09 -0.42
N SER C 352 28.38 5.43 0.82
CA SER C 352 27.34 5.44 1.84
C SER C 352 26.28 6.48 1.50
N ILE C 353 26.72 7.64 1.01
CA ILE C 353 25.74 8.65 0.59
C ILE C 353 25.02 8.21 -0.66
N GLY C 354 25.77 7.73 -1.67
CA GLY C 354 25.24 7.50 -3.00
C GLY C 354 24.23 6.37 -3.11
N THR C 355 24.30 5.38 -2.23
CA THR C 355 23.35 4.29 -2.30
C THR C 355 22.28 4.41 -1.23
N ALA C 356 22.18 5.57 -0.59
CA ALA C 356 21.33 5.81 0.57
C ALA C 356 19.89 5.40 0.31
N GLY C 357 19.46 4.32 0.96
CA GLY C 357 18.12 3.81 0.84
C GLY C 357 17.90 2.82 -0.27
N VAL C 358 18.89 2.63 -1.15
CA VAL C 358 18.78 1.70 -2.28
C VAL C 358 18.76 0.27 -1.76
N PRO C 359 17.84 -0.57 -2.19
CA PRO C 359 17.88 -1.96 -1.74
C PRO C 359 19.08 -2.68 -2.35
N GLY C 360 19.62 -3.62 -1.58
CA GLY C 360 20.83 -4.30 -1.96
C GLY C 360 22.05 -3.42 -1.99
N ALA C 361 22.03 -2.31 -1.26
CA ALA C 361 23.13 -1.37 -1.28
C ALA C 361 24.38 -1.94 -0.62
N GLY C 362 24.26 -3.04 0.11
CA GLY C 362 25.44 -3.64 0.67
C GLY C 362 26.38 -4.05 -0.45
N ALA C 363 25.92 -4.97 -1.29
CA ALA C 363 26.75 -5.43 -2.39
C ALA C 363 27.03 -4.30 -3.37
N ILE C 364 26.10 -3.34 -3.50
CA ILE C 364 26.32 -2.23 -4.41
C ILE C 364 27.50 -1.38 -3.95
N MET C 365 27.57 -1.09 -2.66
CA MET C 365 28.72 -0.35 -2.17
C MET C 365 30.02 -1.13 -2.30
N LEU C 366 30.00 -2.44 -2.00
CA LEU C 366 31.22 -3.23 -2.08
C LEU C 366 31.74 -3.29 -3.51
N ALA C 367 30.84 -3.55 -4.47
CA ALA C 367 31.22 -3.46 -5.86
C ALA C 367 31.79 -2.08 -6.17
N MET C 368 31.19 -1.04 -5.60
CA MET C 368 31.65 0.33 -5.82
C MET C 368 33.10 0.52 -5.35
N VAL C 369 33.39 0.11 -4.11
CA VAL C 369 34.74 0.32 -3.56
C VAL C 369 35.77 -0.50 -4.33
N LEU C 370 35.45 -1.77 -4.59
CA LEU C 370 36.34 -2.62 -5.37
C LEU C 370 36.63 -1.98 -6.73
N GLN C 371 35.56 -1.54 -7.40
CA GLN C 371 35.71 -0.83 -8.66
C GLN C 371 36.59 0.40 -8.52
N SER C 372 36.52 1.06 -7.35
CA SER C 372 37.29 2.28 -7.15
C SER C 372 38.79 2.02 -7.24
N VAL C 373 39.26 0.85 -6.79
CA VAL C 373 40.70 0.58 -6.88
C VAL C 373 41.07 -0.38 -8.02
N GLY C 374 40.13 -0.73 -8.90
CA GLY C 374 40.48 -1.55 -10.03
C GLY C 374 40.40 -3.05 -9.76
N LEU C 375 39.43 -3.47 -8.96
CA LEU C 375 39.14 -4.87 -8.67
C LEU C 375 37.73 -5.16 -9.16
N ASP C 376 37.61 -5.84 -10.29
CA ASP C 376 36.32 -6.06 -10.94
C ASP C 376 35.81 -7.49 -10.78
N LEU C 377 34.50 -7.61 -10.64
CA LEU C 377 33.85 -8.89 -10.35
C LEU C 377 33.40 -9.61 -11.61
N THR C 378 34.24 -9.63 -12.63
CA THR C 378 33.95 -10.40 -13.82
C THR C 378 33.77 -11.87 -13.46
N PRO C 379 32.79 -12.56 -14.06
CA PRO C 379 32.59 -13.98 -13.74
C PRO C 379 33.84 -14.81 -14.06
N GLY C 380 34.09 -15.78 -13.19
CA GLY C 380 35.20 -16.68 -13.39
C GLY C 380 36.58 -16.10 -13.16
N SER C 381 36.68 -14.82 -12.87
CA SER C 381 37.96 -14.22 -12.57
C SER C 381 38.38 -14.54 -11.15
N PRO C 382 39.67 -14.35 -10.84
CA PRO C 382 40.12 -14.56 -9.45
C PRO C 382 39.50 -13.59 -8.45
N VAL C 383 39.22 -12.35 -8.85
CA VAL C 383 38.58 -11.39 -7.95
C VAL C 383 37.18 -11.87 -7.55
N ALA C 384 36.39 -12.33 -8.54
CA ALA C 384 35.11 -12.93 -8.23
C ALA C 384 35.26 -14.10 -7.28
N LEU C 385 36.32 -14.86 -7.45
CA LEU C 385 36.55 -16.02 -6.60
C LEU C 385 36.82 -15.62 -5.15
N ALA C 386 37.69 -14.62 -4.95
CA ALA C 386 38.02 -14.16 -3.60
C ALA C 386 36.81 -13.51 -2.92
N TYR C 387 36.06 -12.67 -3.66
CA TYR C 387 34.85 -12.09 -3.11
C TYR C 387 33.86 -13.17 -2.70
N ALA C 388 33.72 -14.23 -3.51
CA ALA C 388 32.84 -15.33 -3.15
C ALA C 388 33.33 -16.04 -1.89
N MET C 389 34.65 -16.11 -1.73
CA MET C 389 35.25 -16.58 -0.48
C MET C 389 34.72 -15.79 0.72
N ILE C 390 34.75 -14.46 0.62
CA ILE C 390 34.29 -13.63 1.75
C ILE C 390 32.80 -13.87 1.99
N LEU C 391 32.01 -13.83 0.91
CA LEU C 391 30.58 -14.03 1.06
C LEU C 391 30.28 -15.37 1.72
N GLY C 392 31.23 -16.29 1.71
CA GLY C 392 31.01 -17.54 2.40
C GLY C 392 30.90 -17.41 3.90
N ILE C 393 31.43 -16.36 4.49
CA ILE C 393 31.30 -16.13 5.93
C ILE C 393 30.59 -14.81 6.21
N ASP C 394 29.88 -14.32 5.18
CA ASP C 394 29.19 -13.04 5.30
C ASP C 394 28.25 -12.94 6.51
N ALA C 395 27.66 -14.04 6.97
CA ALA C 395 26.71 -13.94 8.09
C ALA C 395 27.41 -13.74 9.44
N ILE C 396 28.43 -14.56 9.71
CA ILE C 396 29.29 -14.33 10.86
C ILE C 396 29.76 -12.89 10.87
N LEU C 397 30.10 -12.35 9.69
CA LEU C 397 30.53 -10.97 9.66
C LEU C 397 29.37 -10.00 9.84
N ASP C 398 28.19 -10.35 9.33
CA ASP C 398 27.01 -9.50 9.37
C ASP C 398 26.57 -9.24 10.80
N MET C 399 26.69 -10.23 11.67
CA MET C 399 26.36 -10.02 13.08
C MET C 399 27.15 -8.84 13.66
N GLY C 400 28.48 -8.94 13.69
CA GLY C 400 29.29 -7.86 14.23
C GLY C 400 29.12 -6.56 13.45
N ARG C 401 28.97 -6.68 12.14
CA ARG C 401 28.87 -5.51 11.29
C ARG C 401 27.64 -4.68 11.66
N THR C 402 26.48 -5.36 11.74
CA THR C 402 25.24 -4.71 12.12
C THR C 402 25.30 -4.15 13.53
N MET C 403 25.92 -4.90 14.44
CA MET C 403 26.02 -4.44 15.82
C MET C 403 26.71 -3.09 15.90
N VAL C 404 27.86 -2.95 15.23
CA VAL C 404 28.58 -1.67 15.26
C VAL C 404 27.82 -0.59 14.46
N ASN C 405 27.05 -1.00 13.45
CA ASN C 405 26.20 -0.04 12.75
C ASN C 405 25.21 0.64 13.69
N VAL C 406 24.51 -0.15 14.49
CA VAL C 406 23.52 0.39 15.42
C VAL C 406 24.19 1.16 16.56
N THR C 407 25.27 0.60 17.13
CA THR C 407 25.91 1.25 18.27
C THR C 407 26.36 2.64 17.90
N GLY C 408 26.88 2.82 16.69
CA GLY C 408 27.26 4.15 16.26
C GLY C 408 26.11 5.14 16.29
N ASP C 409 24.94 4.70 15.79
CA ASP C 409 23.72 5.53 15.81
C ASP C 409 23.44 6.04 17.22
N LEU C 410 23.45 5.11 18.19
CA LEU C 410 23.15 5.50 19.56
C LEU C 410 24.17 6.50 20.08
N ALA C 411 25.47 6.26 19.80
CA ALA C 411 26.52 7.14 20.30
C ALA C 411 26.40 8.55 19.71
N GLY C 412 26.11 8.65 18.43
CA GLY C 412 25.94 9.97 17.83
C GLY C 412 24.70 10.67 18.35
N THR C 413 23.63 9.91 18.59
CA THR C 413 22.41 10.50 19.15
C THR C 413 22.67 11.07 20.53
N VAL C 414 23.38 10.31 21.38
CA VAL C 414 23.64 10.80 22.73
C VAL C 414 24.56 12.01 22.71
N ILE C 415 25.57 12.02 21.82
CA ILE C 415 26.46 13.17 21.73
C ILE C 415 25.72 14.42 21.26
N VAL C 416 25.00 14.31 20.15
CA VAL C 416 24.25 15.46 19.65
C VAL C 416 23.28 15.95 20.71
N ALA C 417 22.63 15.03 21.44
CA ALA C 417 21.68 15.41 22.47
C ALA C 417 22.37 16.16 23.63
N LYS C 418 23.49 15.64 24.12
CA LYS C 418 24.24 16.34 25.15
C LYS C 418 24.62 17.73 24.69
N THR C 419 24.98 17.87 23.42
CA THR C 419 25.33 19.17 22.87
C THR C 419 24.11 20.05 22.64
N GLU C 420 22.89 19.50 22.65
CA GLU C 420 21.69 20.32 22.57
C GLU C 420 21.00 20.51 23.90
N LYS C 421 21.62 20.08 25.01
CA LYS C 421 21.01 20.02 26.35
C LYS C 421 19.63 19.32 26.32
N GLU C 422 19.47 18.37 25.40
CA GLU C 422 18.30 17.53 25.30
C GLU C 422 18.57 16.11 25.79
N LEU C 423 19.54 15.97 26.68
CA LEU C 423 19.89 14.69 27.29
C LEU C 423 19.57 14.79 28.78
N ASP C 424 18.74 13.86 29.27
CA ASP C 424 18.24 13.84 30.65
C ASP C 424 19.30 13.24 31.58
N GLU C 425 20.01 14.12 32.30
CA GLU C 425 21.15 13.68 33.10
C GLU C 425 20.77 12.76 34.26
N SER C 426 19.49 12.73 34.64
CA SER C 426 19.10 11.93 35.80
C SER C 426 19.35 10.45 35.57
N LYS C 427 19.43 10.03 34.31
CA LYS C 427 19.69 8.63 34.00
C LYS C 427 21.16 8.27 34.12
N TRP C 428 22.05 9.23 34.33
CA TRP C 428 23.50 9.02 34.28
C TRP C 428 24.17 9.23 35.63
N ILE C 429 23.45 9.00 36.73
CA ILE C 429 23.94 9.27 38.07
C ILE C 429 24.09 7.96 38.83
N SER C 430 25.27 7.74 39.43
CA SER C 430 25.56 6.51 40.17
C SER C 430 25.40 6.74 41.69
C4 QM5 D . -1.23 10.69 -18.49
C14 QM5 D . 3.40 8.78 -15.74
C5 QM5 D . -1.94 11.82 -19.00
C6 QM5 D . -3.37 11.86 -19.04
C11 QM5 D . -2.53 16.46 -18.11
C7 QM5 D . -4.02 13.15 -19.63
C8 QM5 D . -3.04 15.25 -20.28
C9 QM5 D . -2.64 15.68 -21.65
C10 QM5 D . -1.92 15.96 -19.41
C12 QM5 D . 1.13 8.39 -16.56
C13 QM5 D . 2.48 8.74 -16.80
N1 QM5 D . -0.76 15.07 -19.31
N2 QM5 D . -1.19 8.38 -17.47
C3 QM5 D . -1.98 9.56 -18.01
N3 QM5 D . 0.17 8.34 -17.68
C1 QM5 D . -4.13 10.70 -18.56
C15 QM5 D . 3.00 8.47 -14.43
C16 QM5 D . 1.66 8.11 -14.19
C17 QM5 D . 0.74 8.08 -15.26
C18 QM5 D . 3.44 9.06 -12.19
C2 QM5 D . -3.43 9.58 -18.05
O1 QM5 D . -2.96 13.85 -20.15
O2 QM5 D . -3.48 16.19 -22.40
O3 QM5 D . -1.48 15.58 -22.00
O4 QM5 D . -1.84 16.38 -16.98
O5 QM5 D . -3.69 16.94 -18.06
O6 QM5 D . 3.94 8.51 -13.34
C1 DMU E . 5.38 30.61 3.60
C2 DMU E . 3.93 30.67 3.96
C3 DMU E . 3.34 29.39 4.46
C4 DMU E . 4.27 28.64 5.43
O5 DMU E . 5.74 28.72 5.14
C6 DMU E . 6.22 30.05 4.73
O7 DMU E . 2.09 29.67 5.18
O16 DMU E . 7.55 29.94 4.31
C18 DMU E . 8.35 29.04 5.06
C19 DMU E . 9.76 28.80 4.38
C22 DMU E . 9.60 28.09 3.00
C25 DMU E . 9.87 26.58 3.15
C28 DMU E . 10.40 25.99 1.80
C31 DMU E . 9.97 24.51 1.61
C34 DMU E . 11.14 23.56 2.03
C37 DMU E . 11.63 22.63 0.87
C40 DMU E . 12.95 21.91 1.28
C43 DMU E . 13.20 20.68 0.35
O49 DMU E . 5.84 31.95 3.30
O55 DMU E . 3.24 31.11 2.76
C57 DMU E . 3.93 27.18 5.45
O61 DMU E . 4.79 26.50 6.34
C5 DMU E . 0.37 31.25 4.51
C7 DMU E . -0.81 31.42 5.37
C8 DMU E . -1.84 30.40 5.15
C9 DMU E . -1.28 28.96 5.42
O1 DMU E . -0.04 28.74 4.53
C10 DMU E . 0.93 29.85 4.36
O2 DMU E . -2.95 30.66 6.02
O3 DMU E . 1.41 32.18 5.00
O4 DMU E . -1.41 32.75 5.13
C11 DMU E . -2.28 27.98 5.18
O6 DMU E . -3.04 27.74 6.35
O1 PG4 F . -8.64 23.31 -48.67
C1 PG4 F . -7.41 23.83 -48.26
C2 PG4 F . -7.34 25.34 -48.51
O2 PG4 F . -8.53 25.98 -48.12
C3 PG4 F . -8.95 25.74 -46.80
C4 PG4 F . -10.20 26.56 -46.47
O3 PG4 F . -10.39 26.66 -45.08
C5 PG4 F . -10.20 27.93 -44.53
C6 PG4 F . -8.74 28.12 -44.06
O4 PG4 F . -7.89 28.24 -45.17
C7 PG4 F . -6.57 27.82 -44.99
C8 PG4 F . -5.85 27.82 -46.34
O5 PG4 F . -4.63 28.49 -46.25
O1 PG4 G . -13.11 33.71 7.37
C1 PG4 G . -14.26 33.84 8.17
C2 PG4 G . -14.22 35.10 9.04
O2 PG4 G . -14.38 36.27 8.28
C3 PG4 G . -15.66 36.87 8.34
C4 PG4 G . -15.79 37.92 7.23
O3 PG4 G . -16.93 37.65 6.44
C5 PG4 G . -16.97 38.33 5.21
C6 PG4 G . -18.38 38.88 4.94
O4 PG4 G . -19.23 37.89 4.41
C7 PG4 G . -19.80 38.22 3.18
C8 PG4 G . -20.86 37.18 2.81
O5 PG4 G . -20.28 36.00 2.31
C1 PGE H . 10.38 29.76 -36.87
O1 PGE H . 10.77 29.66 -35.50
C2 PGE H . 9.16 30.64 -36.97
O2 PGE H . 7.98 29.85 -36.92
C3 PGE H . 7.25 29.92 -35.70
C4 PGE H . 5.81 30.34 -35.97
O4 PGE H . 4.79 29.86 -39.79
C6 PGE H . 3.77 29.41 -38.90
C5 PGE H . 3.99 29.97 -37.50
O3 PGE H . 5.24 29.53 -36.99
O1 PG4 I . -3.11 45.93 -14.11
C1 PG4 I . -4.36 45.73 -13.51
C2 PG4 I . -4.33 46.14 -12.04
O2 PG4 I . -3.35 45.37 -11.36
C3 PG4 I . -2.90 45.88 -10.12
C4 PG4 I . -1.75 45.00 -9.62
O3 PG4 I . -0.56 45.75 -9.52
C5 PG4 I . 0.61 44.99 -9.37
C6 PG4 I . 1.80 45.94 -9.17
O4 PG4 I . 2.96 45.17 -9.06
C7 PG4 I . 3.90 45.55 -8.06
C8 PG4 I . 4.10 44.43 -7.03
O5 PG4 I . 5.46 44.13 -6.83
C1 PGE J . -29.31 28.44 -11.07
O1 PGE J . -29.27 27.05 -11.39
C2 PGE J . -29.84 29.26 -12.24
O2 PGE J . -28.98 30.37 -12.48
C3 PGE J . -29.45 31.27 -13.48
C4 PGE J . -28.26 31.93 -14.15
O4 PGE J . -30.33 31.46 -17.78
C6 PGE J . -29.08 30.79 -17.60
C5 PGE J . -28.76 30.65 -16.12
O3 PGE J . -28.42 31.92 -15.57
NA NA K . -8.87 19.08 -15.79
NA NA L . -14.50 20.15 -20.26
NA NA M . -2.17 13.85 -14.82
C1 PEG N . -8.85 5.23 6.81
O1 PEG N . -9.57 4.88 5.66
C2 PEG N . -7.94 6.44 6.55
O2 PEG N . -7.02 6.22 5.51
C3 PEG N . -5.90 5.42 5.81
C4 PEG N . -4.77 6.19 6.51
O4 PEG N . -3.72 5.31 6.83
C1 PEG O . -25.37 11.92 -3.30
O1 PEG O . -24.37 11.89 -4.29
C2 PEG O . -26.78 12.07 -3.88
O2 PEG O . -27.76 11.84 -2.90
C3 PEG O . -28.91 12.65 -2.97
C4 PEG O . -29.92 12.23 -1.89
O4 PEG O . -31.24 12.48 -2.31
C4 QM5 P . -10.50 -18.21 -1.43
C14 QM5 P . -9.78 -16.34 -5.08
C5 QM5 P . -11.47 -19.25 -1.29
C6 QM5 P . -11.34 -20.18 -0.23
C11 QM5 P . -15.71 -19.04 0.70
C7 QM5 P . -12.43 -21.29 -0.11
C8 QM5 P . -14.71 -21.12 -0.35
C9 QM5 P . -15.19 -22.26 -1.18
C10 QM5 P . -15.68 -19.90 -0.57
C12 QM5 P . -8.46 -16.19 -3.05
C13 QM5 P . -9.15 -16.95 -3.99
N1 QM5 P . -15.12 -19.14 -1.68
N2 QM5 P . -8.41 -17.01 -0.70
C3 QM5 P . -9.42 -18.12 -0.52
N3 QM5 P . -7.81 -16.84 -1.91
C1 QM5 P . -10.22 -20.09 0.72
C15 QM5 P . -9.69 -14.95 -5.23
C16 QM5 P . -9.00 -14.18 -4.29
C17 QM5 P . -8.38 -14.80 -3.20
C18 QM5 P . -9.44 -13.81 -7.27
C2 QM5 P . -9.27 -19.05 0.55
O1 QM5 P . -13.47 -20.78 -0.83
O2 QM5 P . -15.78 -23.18 -0.61
O3 QM5 P . -14.99 -22.29 -2.38
O4 QM5 P . -16.24 -19.55 1.82
O5 QM5 P . -15.26 -17.85 0.69
O6 QM5 P . -10.32 -14.29 -6.35
C1 PGE Q . 10.22 -48.91 -10.93
O1 PGE Q . 8.96 -48.29 -11.17
C2 PGE Q . 10.32 -50.23 -11.68
O2 PGE Q . 10.16 -51.32 -10.78
C3 PGE Q . 9.05 -52.17 -11.01
C4 PGE Q . 7.80 -51.62 -10.34
O4 PGE Q . 6.27 -48.00 -11.20
C6 PGE Q . 5.45 -49.06 -11.72
C5 PGE Q . 5.94 -50.44 -11.29
O3 PGE Q . 7.34 -50.46 -11.01
C1 PEG R . -2.98 4.05 37.83
O1 PEG R . -1.73 4.34 38.42
C2 PEG R . -4.09 4.96 38.35
O2 PEG R . -4.18 6.15 37.63
C3 PEG R . -5.45 6.46 37.09
C4 PEG R . -6.07 5.24 36.40
O4 PEG R . -7.39 5.51 36.00
C1 PEG S . -3.20 -14.43 27.86
O1 PEG S . -3.16 -13.81 29.12
C2 PEG S . -3.12 -13.38 26.73
O2 PEG S . -3.22 -13.98 25.48
C3 PEG S . -4.19 -13.46 24.62
C4 PEG S . -4.34 -14.28 23.34
O4 PEG S . -4.78 -13.48 22.28
C1 DMU T . -31.61 2.97 4.75
C2 DMU T . -31.30 2.35 6.10
C3 DMU T . -29.95 2.59 6.70
C4 DMU T . -29.33 3.91 6.26
O5 DMU T . -29.34 4.06 4.79
C6 DMU T . -30.73 4.12 4.26
O7 DMU T . -30.06 2.61 8.17
O16 DMU T . -30.69 4.17 2.85
C18 DMU T . -29.70 5.03 2.30
C19 DMU T . -29.65 4.93 0.73
C22 DMU T . -28.92 3.61 0.33
C25 DMU T . -27.95 3.83 -0.85
C28 DMU T . -28.65 3.49 -2.22
C31 DMU T . -27.70 2.68 -3.13
C34 DMU T . -27.04 3.59 -4.23
C37 DMU T . -25.79 2.90 -4.87
C40 DMU T . -24.81 3.98 -5.45
C43 DMU T . -23.44 3.32 -5.85
O49 DMU T . -32.97 3.46 4.80
O55 DMU T . -31.52 0.92 6.00
C57 DMU T . -27.93 4.03 6.75
O61 DMU T . -27.97 4.20 8.13
C5 DMU T . -30.49 0.63 9.51
C7 DMU T . -30.89 1.10 10.84
C8 DMU T . -30.14 2.25 11.40
C9 DMU T . -28.60 2.29 11.08
O1 DMU T . -28.31 1.88 9.63
C10 DMU T . -29.46 1.47 8.78
O2 DMU T . -30.76 3.48 10.96
O3 DMU T . -31.71 0.49 8.68
O4 DMU T . -30.76 -0.04 11.79
C11 DMU T . -27.91 1.44 11.99
O6 DMU T . -27.33 2.18 13.04
C1 PGE U . -24.75 -47.48 -0.46
O1 PGE U . -25.55 -46.42 0.06
C2 PGE U . -24.50 -47.27 -1.95
O2 PGE U . -24.97 -48.39 -2.70
C3 PGE U . -25.97 -48.07 -3.65
C4 PGE U . -27.27 -47.79 -2.94
O4 PGE U . -30.14 -44.65 -4.65
C6 PGE U . -28.83 -44.82 -4.12
C5 PGE U . -28.83 -46.01 -3.16
O3 PGE U . -27.50 -46.39 -2.86
C1 PGE V . -2.20 -18.04 27.19
O1 PGE V . -2.17 -17.77 28.59
C2 PGE V . -3.64 -18.16 26.74
O2 PGE V . -3.74 -19.00 25.60
C3 PGE V . -3.59 -18.33 24.37
C4 PGE V . -4.79 -18.66 23.50
O4 PGE V . -6.17 -18.57 18.92
C6 PGE V . -5.12 -18.27 19.83
C5 PGE V . -5.51 -18.66 21.25
O3 PGE V . -4.58 -18.15 22.20
NA NA W . -16.33 -18.93 7.65
NA NA X . -15.49 -26.01 11.24
NA NA Y . -13.15 -15.20 0.17
C1 PEG Z . 1.93 -2.60 -1.15
O1 PEG Z . 3.17 -2.20 -1.67
C2 PEG Z . 1.03 -3.18 -2.23
O2 PEG Z . 0.16 -2.22 -2.75
C3 PEG Z . -1.20 -2.61 -2.76
C4 PEG Z . -1.40 -4.09 -3.10
O4 PEG Z . -2.70 -4.30 -3.59
C1 PEG AA . -5.81 4.24 10.15
O1 PEG AA . -7.18 4.27 9.83
C2 PEG AA . -5.08 3.02 9.54
O2 PEG AA . -3.70 3.06 9.85
C3 PEG AA . -3.27 2.07 10.75
C4 PEG AA . -2.40 2.69 11.86
O4 PEG AA . -1.54 1.74 12.42
C1 PEG BA . -31.46 -29.74 1.11
O1 PEG BA . -31.60 -28.34 1.24
C2 PEG BA . -32.44 -30.24 0.05
O2 PEG BA . -31.73 -30.92 -0.95
C3 PEG BA . -32.49 -31.35 -2.06
C4 PEG BA . -31.66 -32.30 -2.93
O4 PEG BA . -32.49 -33.18 -3.63
C4 QM5 CA . 20.66 -2.55 2.44
C14 QM5 CA . 18.37 -9.24 0.72
C5 QM5 CA . 21.73 -2.14 3.31
C6 QM5 CA . 22.50 -3.15 3.94
C11 QM5 CA . 22.73 -3.81 8.46
C7 QM5 CA . 23.66 -2.87 4.89
C8 QM5 CA . 24.52 -4.21 6.69
C9 QM5 CA . 25.71 -5.08 6.46
C10 QM5 CA . 23.60 -4.85 7.72
C12 QM5 CA . 18.55 -6.86 0.74
C13 QM5 CA . 18.95 -8.10 1.18
N1 QM5 CA . 22.89 -5.88 7.03
N2 QM5 CA . 19.34 -4.55 1.35
C3 QM5 CA . 20.38 -3.96 2.22
N3 QM5 CA . 19.28 -5.78 1.34
C1 QM5 CA . 22.14 -4.47 3.67
C15 QM5 CA . 17.37 -9.13 -0.21
C16 QM5 CA . 16.96 -7.89 -0.67
C17 QM5 CA . 17.55 -6.74 -0.19
C18 QM5 CA . 16.47 -11.16 0.39
C2 QM5 CA . 21.17 -4.95 2.88
O1 QM5 CA . 23.99 -4.10 5.43
O2 QM5 CA . 25.55 -6.11 5.80
O3 QM5 CA . 26.79 -4.68 6.90
O4 QM5 CA . 21.51 -3.94 8.40
O5 QM5 CA . 23.25 -2.85 8.98
O6 QM5 CA . 16.78 -10.30 -0.67
C1 DMU DA . 7.91 -5.43 30.14
C2 DMU DA . 7.85 -3.93 30.26
C3 DMU DA . 6.92 -3.22 29.33
C4 DMU DA . 5.63 -3.99 29.12
O5 DMU DA . 5.79 -5.44 28.86
C6 DMU DA . 6.57 -6.11 29.92
O7 DMU DA . 6.56 -1.93 29.90
O16 DMU DA . 6.81 -7.46 29.59
C18 DMU DA . 5.70 -8.34 29.65
C19 DMU DA . 4.90 -8.37 28.27
C22 DMU DA . 4.39 -9.80 27.98
C25 DMU DA . 4.75 -10.23 26.53
C28 DMU DA . 4.27 -11.70 26.30
C31 DMU DA . 5.16 -12.42 25.26
C34 DMU DA . 6.23 -13.34 25.97
C37 DMU DA . 6.12 -14.87 25.64
C40 DMU DA . 7.46 -15.59 25.95
C43 DMU DA . 7.24 -17.13 26.11
O49 DMU DA . 8.52 -5.99 31.32
O55 DMU DA . 9.19 -3.41 30.06
C57 DMU DA . 4.90 -3.42 27.94
O61 DMU DA . 3.75 -4.20 27.75
C5 DMU DA . 7.98 -0.20 30.81
C7 DMU DA . 7.60 1.19 31.02
C8 DMU DA . 7.59 1.97 29.77
C9 DMU DA . 6.52 1.41 28.78
O1 DMU DA . 6.92 -0.05 28.47
C10 DMU DA . 7.46 -0.89 29.57
O2 DMU DA . 7.32 3.34 30.09
O3 DMU DA . 7.59 -0.97 32.02
O4 DMU DA . 8.55 1.83 31.94
C11 DMU DA . 6.48 2.17 27.59
O6 DMU DA . 5.29 2.90 27.46
C1 PGE EA . 3.24 -12.48 35.09
O1 PGE EA . 4.34 -11.86 35.74
C2 PGE EA . 2.05 -12.53 36.05
O2 PGE EA . 0.98 -13.24 35.48
C3 PGE EA . -0.30 -12.71 35.82
C4 PGE EA . -1.29 -13.82 36.14
O4 PGE EA . -5.20 -14.43 34.42
C6 PGE EA . -4.74 -13.17 34.90
C5 PGE EA . -3.65 -13.41 35.93
O3 PGE EA . -2.42 -13.66 35.28
OH2 1PE FA . 9.95 28.35 8.18
C12 1PE FA . 10.93 27.34 8.16
C22 1PE FA . 10.66 26.34 7.02
OH3 1PE FA . 10.32 25.09 7.53
C13 1PE FA . 10.45 22.97 6.40
C23 1PE FA . 11.21 24.06 7.18
OH4 1PE FA . 11.33 22.25 5.59
C14 1PE FA . 12.53 20.21 5.22
C24 1PE FA . 12.06 21.25 6.23
OH5 1PE FA . 12.91 19.03 5.85
C15 1PE FA . 14.54 17.28 6.27
C25 1PE FA . 14.25 18.66 5.67
OH6 1PE FA . 15.59 16.63 5.57
C16 1PE FA . 16.71 14.48 5.61
C26 1PE FA . 15.40 15.25 5.34
OH7 1PE FA . 16.49 13.11 5.47
NA NA GA . 23.23 2.23 11.07
NA NA HA . 29.33 6.76 10.31
NA NA IA . 18.63 -3.00 7.45
C1 PEG JA . 26.96 -8.39 22.47
O1 PEG JA . 27.02 -7.00 22.57
C2 PEG JA . 26.95 -8.82 21.01
O2 PEG JA . 27.66 -10.02 20.87
C3 PEG JA . 29.01 -9.82 20.59
C4 PEG JA . 29.71 -11.17 20.60
O4 PEG JA . 31.05 -10.99 20.24
C1 PEG KA . 0.57 29.82 21.31
O1 PEG KA . 1.76 29.20 21.72
C2 PEG KA . 0.89 31.13 20.56
O2 PEG KA . -0.29 31.79 20.12
C3 PEG KA . -1.52 31.19 20.43
C4 PEG KA . -2.66 32.19 20.24
O4 PEG KA . -3.67 31.91 21.17
C1 PEG LA . -1.64 7.14 10.21
O1 PEG LA . -2.12 6.34 11.27
C2 PEG LA . -1.39 6.34 8.91
O2 PEG LA . -1.07 7.15 7.78
C3 PEG LA . -0.85 8.52 8.02
C4 PEG LA . -0.13 9.19 6.85
O4 PEG LA . -0.75 10.41 6.52
C1 PEG MA . 16.10 25.50 9.50
O1 PEG MA . 16.47 26.84 9.34
C2 PEG MA . 14.74 25.26 8.83
O2 PEG MA . 14.36 23.90 8.91
C3 PEG MA . 15.37 22.94 8.73
C4 PEG MA . 14.74 21.55 8.75
O4 PEG MA . 15.70 20.55 8.53
C1 PEG NA . 8.20 -28.34 12.33
O1 PEG NA . 8.94 -27.34 13.00
C2 PEG NA . 8.71 -28.55 10.90
O2 PEG NA . 8.20 -29.77 10.42
C3 PEG NA . 8.52 -30.09 9.09
C4 PEG NA . 8.27 -31.59 8.84
O4 PEG NA . 7.13 -31.77 8.03
C1 PEG OA . 52.14 -7.96 9.75
O1 PEG OA . 51.74 -6.73 10.28
C2 PEG OA . 52.60 -7.73 8.30
O2 PEG OA . 53.42 -8.78 7.86
C3 PEG OA . 54.48 -8.37 7.03
C4 PEG OA . 55.39 -9.55 6.70
O4 PEG OA . 55.25 -9.88 5.34
C1 PEG PA . 35.27 -14.18 16.73
O1 PEG PA . 34.55 -12.98 16.73
C2 PEG PA . 36.66 -13.97 16.09
O2 PEG PA . 37.41 -15.14 16.09
C3 PEG PA . 38.29 -15.28 15.00
C4 PEG PA . 39.44 -16.25 15.30
O4 PEG PA . 39.06 -17.59 15.08
#